data_7K5E
#
_entry.id   7K5E
#
_cell.length_a   129.852
_cell.length_b   194.284
_cell.length_c   203.140
_cell.angle_alpha   90.000
_cell.angle_beta   90.000
_cell.angle_gamma   90.000
#
_symmetry.space_group_name_H-M   'C 2 2 21'
#
loop_
_entity.id
_entity.type
_entity.pdbx_description
1 polymer Ferroxidase
2 non-polymer 'POTASSIUM ION'
3 non-polymer 'PROTOPORPHYRIN IX CONTAINING FE'
4 non-polymer 4-{[(5-fluoro-2-hydroxyphenyl)methyl]amino}-1H-isoindole-1,3(2H)-dione
5 water water
#
_entity_poly.entity_id   1
_entity_poly.type   'polypeptide(L)'
_entity_poly.pdbx_seq_one_letter_code
;MKGDKKVIQHLNKILGNELIAINQYFLHSRMWNDWGLKRLGAHEYHESIDEMKHADKLIERILFLEGLPNLQDLGKLLIG
ENTQEMLQCDLNLELKATKDLREAIVHCEQVHDYVSRDLLKDILESEEEHIDYLETQLGLIQKVGLENYLQSHMHEDD
;
_entity_poly.pdbx_strand_id   A,B,C,D,E,F,G,H,I,J,K,L
#
# COMPACT_ATOMS: atom_id res chain seq x y z
N MET A 1 -50.50 4.17 27.11
CA MET A 1 -51.17 2.93 26.68
C MET A 1 -51.20 1.93 27.83
N LYS A 2 -52.39 1.66 28.38
CA LYS A 2 -52.49 0.85 29.60
C LYS A 2 -51.98 -0.56 29.36
N GLY A 3 -50.89 -0.93 30.04
CA GLY A 3 -50.30 -2.24 29.89
C GLY A 3 -50.92 -3.29 30.81
N ASP A 4 -50.53 -4.53 30.58
CA ASP A 4 -50.93 -5.64 31.44
C ASP A 4 -50.24 -5.52 32.80
N LYS A 5 -51.01 -5.67 33.88
CA LYS A 5 -50.46 -5.45 35.22
C LYS A 5 -49.27 -6.35 35.50
N LYS A 6 -49.38 -7.64 35.18
CA LYS A 6 -48.27 -8.54 35.47
C LYS A 6 -47.08 -8.28 34.54
N VAL A 7 -47.30 -7.90 33.27
CA VAL A 7 -46.14 -7.54 32.45
C VAL A 7 -45.34 -6.46 33.17
N ILE A 8 -46.04 -5.43 33.67
CA ILE A 8 -45.36 -4.30 34.29
C ILE A 8 -44.61 -4.77 35.53
N GLN A 9 -45.19 -5.72 36.26
CA GLN A 9 -44.52 -6.26 37.45
C GLN A 9 -43.24 -6.97 37.05
N HIS A 10 -43.31 -7.73 35.94
CA HIS A 10 -42.14 -8.37 35.38
C HIS A 10 -41.10 -7.35 34.97
N LEU A 11 -41.53 -6.28 34.27
CA LEU A 11 -40.56 -5.26 33.84
C LEU A 11 -39.89 -4.60 35.03
N ASN A 12 -40.64 -4.36 36.09
CA ASN A 12 -40.05 -3.78 37.30
C ASN A 12 -39.11 -4.77 38.00
N LYS A 13 -39.39 -6.06 37.92
CA LYS A 13 -38.46 -7.05 38.45
C LYS A 13 -37.16 -7.07 37.66
N ILE A 14 -37.26 -7.01 36.33
CA ILE A 14 -36.06 -6.97 35.50
C ILE A 14 -35.30 -5.68 35.76
N LEU A 15 -36.03 -4.57 35.90
CA LEU A 15 -35.42 -3.31 36.29
C LEU A 15 -34.66 -3.44 37.61
N GLY A 16 -35.27 -4.09 38.61
CA GLY A 16 -34.58 -4.31 39.87
C GLY A 16 -33.25 -5.07 39.71
N ASN A 17 -33.24 -6.09 38.84
CA ASN A 17 -31.98 -6.80 38.59
C ASN A 17 -30.95 -5.90 37.93
N GLU A 18 -31.38 -5.08 36.94
CA GLU A 18 -30.44 -4.18 36.28
C GLU A 18 -29.90 -3.14 37.27
N LEU A 19 -30.72 -2.67 38.21
CA LEU A 19 -30.23 -1.69 39.19
C LEU A 19 -29.16 -2.30 40.11
N ILE A 20 -29.31 -3.57 40.52
CA ILE A 20 -28.24 -4.22 41.26
C ILE A 20 -26.99 -4.30 40.42
N ALA A 21 -27.13 -4.71 39.17
CA ALA A 21 -25.98 -4.91 38.31
C ALA A 21 -25.22 -3.62 38.06
N ILE A 22 -25.94 -2.52 37.85
CA ILE A 22 -25.30 -1.22 37.65
C ILE A 22 -24.30 -0.96 38.78
N ASN A 23 -24.80 -1.05 40.02
CA ASN A 23 -23.97 -0.72 41.18
C ASN A 23 -22.88 -1.75 41.39
N GLN A 24 -23.22 -3.03 41.24
CA GLN A 24 -22.22 -4.07 41.46
C GLN A 24 -21.07 -3.93 40.46
N TYR A 25 -21.41 -3.74 39.18
CA TYR A 25 -20.35 -3.64 38.17
C TYR A 25 -19.58 -2.33 38.32
N PHE A 26 -20.27 -1.25 38.71
CA PHE A 26 -19.56 0.02 38.85
C PHE A 26 -18.55 -0.08 39.98
N LEU A 27 -18.95 -0.68 41.10
CA LEU A 27 -18.01 -0.83 42.22
C LEU A 27 -16.86 -1.77 41.86
N HIS A 28 -17.16 -2.93 41.26
CA HIS A 28 -16.09 -3.80 40.79
C HIS A 28 -15.13 -3.06 39.85
N SER A 29 -15.67 -2.26 38.93
CA SER A 29 -14.81 -1.50 38.02
C SER A 29 -13.84 -0.63 38.80
N ARG A 30 -14.37 0.13 39.76
CA ARG A 30 -13.53 1.09 40.46
C ARG A 30 -12.58 0.37 41.41
N MET A 31 -12.96 -0.78 41.96
CA MET A 31 -12.00 -1.60 42.71
C MET A 31 -10.85 -2.03 41.82
N TRP A 32 -11.15 -2.54 40.62
CA TRP A 32 -10.08 -2.99 39.75
C TRP A 32 -9.18 -1.83 39.36
N ASN A 33 -9.76 -0.65 39.08
CA ASN A 33 -8.92 0.50 38.78
C ASN A 33 -8.02 0.87 39.96
N ASP A 34 -8.58 0.90 41.17
CA ASP A 34 -7.78 1.20 42.35
C ASP A 34 -6.61 0.23 42.49
N TRP A 35 -6.82 -1.03 42.12
CA TRP A 35 -5.76 -2.04 42.20
C TRP A 35 -4.78 -1.99 41.02
N GLY A 36 -5.00 -1.12 40.03
CA GLY A 36 -4.12 -1.04 38.88
C GLY A 36 -4.44 -2.01 37.79
N LEU A 37 -5.59 -2.66 37.85
CA LEU A 37 -6.02 -3.60 36.82
C LEU A 37 -6.99 -2.85 35.89
N LYS A 38 -6.38 -1.95 35.09
CA LYS A 38 -7.16 -0.94 34.39
C LYS A 38 -7.93 -1.52 33.21
N ARG A 39 -7.44 -2.62 32.62
CA ARG A 39 -8.20 -3.21 31.54
C ARG A 39 -9.47 -3.87 32.07
N LEU A 40 -9.39 -4.52 33.23
CA LEU A 40 -10.60 -5.04 33.88
C LEU A 40 -11.52 -3.91 34.31
N GLY A 41 -10.97 -2.86 34.90
CA GLY A 41 -11.79 -1.73 35.32
C GLY A 41 -12.54 -1.11 34.15
N ALA A 42 -11.85 -0.93 33.04
CA ALA A 42 -12.49 -0.33 31.87
C ALA A 42 -13.60 -1.22 31.35
N HIS A 43 -13.31 -2.51 31.19
CA HIS A 43 -14.31 -3.41 30.65
C HIS A 43 -15.53 -3.47 31.58
N GLU A 44 -15.27 -3.52 32.89
CA GLU A 44 -16.38 -3.61 33.84
C GLU A 44 -17.20 -2.34 33.87
N TYR A 45 -16.55 -1.18 33.65
CA TYR A 45 -17.27 0.08 33.52
C TYR A 45 -18.25 0.01 32.35
N HIS A 46 -17.79 -0.50 31.20
CA HIS A 46 -18.69 -0.59 30.05
C HIS A 46 -19.84 -1.56 30.31
N GLU A 47 -19.63 -2.62 31.10
CA GLU A 47 -20.74 -3.49 31.47
C GLU A 47 -21.75 -2.74 32.33
N SER A 48 -21.25 -1.92 33.26
CA SER A 48 -22.15 -1.11 34.08
C SER A 48 -22.95 -0.14 33.21
N ILE A 49 -22.30 0.52 32.26
CA ILE A 49 -23.00 1.46 31.38
C ILE A 49 -24.08 0.73 30.60
N ASP A 50 -23.76 -0.48 30.10
CA ASP A 50 -24.74 -1.22 29.31
CA ASP A 50 -24.73 -1.25 29.32
C ASP A 50 -25.98 -1.54 30.15
N GLU A 51 -25.79 -1.90 31.42
CA GLU A 51 -26.94 -2.12 32.30
C GLU A 51 -27.72 -0.82 32.53
N MET A 52 -27.02 0.32 32.64
CA MET A 52 -27.72 1.60 32.73
C MET A 52 -28.63 1.84 31.52
N LYS A 53 -28.12 1.51 30.32
CA LYS A 53 -28.94 1.70 29.13
C LYS A 53 -30.14 0.76 29.13
N HIS A 54 -29.95 -0.47 29.61
CA HIS A 54 -31.09 -1.39 29.72
C HIS A 54 -32.12 -0.86 30.69
N ALA A 55 -31.65 -0.34 31.84
CA ALA A 55 -32.55 0.19 32.84
C ALA A 55 -33.35 1.38 32.28
N ASP A 56 -32.68 2.26 31.56
CA ASP A 56 -33.39 3.36 30.89
C ASP A 56 -34.53 2.82 30.03
N LYS A 57 -34.23 1.86 29.16
CA LYS A 57 -35.27 1.36 28.26
C LYS A 57 -36.41 0.72 29.03
N LEU A 58 -36.11 0.00 30.11
CA LEU A 58 -37.18 -0.57 30.93
C LEU A 58 -38.04 0.51 31.56
N ILE A 59 -37.39 1.55 32.11
CA ILE A 59 -38.12 2.66 32.71
C ILE A 59 -39.03 3.30 31.68
N GLU A 60 -38.50 3.51 30.48
CA GLU A 60 -39.29 4.17 29.44
C GLU A 60 -40.49 3.32 29.04
N ARG A 61 -40.30 2.01 28.96
CA ARG A 61 -41.39 1.11 28.60
C ARG A 61 -42.45 1.05 29.69
N ILE A 62 -42.01 0.97 30.96
CA ILE A 62 -42.97 0.96 32.06
C ILE A 62 -43.83 2.21 32.06
N LEU A 63 -43.19 3.37 31.84
CA LEU A 63 -43.93 4.61 31.89
C LEU A 63 -44.89 4.71 30.70
N PHE A 64 -44.46 4.27 29.52
CA PHE A 64 -45.38 4.24 28.38
C PHE A 64 -46.59 3.37 28.70
N LEU A 65 -46.38 2.23 29.35
CA LEU A 65 -47.47 1.33 29.73
C LEU A 65 -48.24 1.78 30.99
N GLU A 66 -47.95 2.98 31.50
CA GLU A 66 -48.67 3.66 32.57
C GLU A 66 -48.46 3.00 33.94
N GLY A 67 -47.34 2.28 34.08
CA GLY A 67 -46.91 1.77 35.37
C GLY A 67 -45.96 2.73 36.05
N LEU A 68 -45.58 2.35 37.27
CA LEU A 68 -44.66 3.16 38.07
C LEU A 68 -43.32 2.45 38.14
N PRO A 69 -42.27 2.99 37.53
CA PRO A 69 -40.96 2.32 37.61
C PRO A 69 -40.44 2.37 39.03
N ASN A 70 -39.96 1.24 39.51
CA ASN A 70 -39.51 1.11 40.90
C ASN A 70 -37.99 1.24 40.90
N LEU A 71 -37.50 2.44 41.24
CA LEU A 71 -36.07 2.69 41.44
C LEU A 71 -35.70 2.79 42.91
N GLN A 72 -36.65 2.50 43.80
CA GLN A 72 -36.47 2.64 45.25
C GLN A 72 -35.92 1.37 45.87
N ASP A 73 -36.39 0.21 45.45
CA ASP A 73 -35.99 -1.05 46.06
C ASP A 73 -34.76 -1.58 45.35
N LEU A 74 -33.68 -1.73 46.10
CA LEU A 74 -32.39 -2.16 45.60
C LEU A 74 -32.04 -3.45 46.31
N GLY A 75 -31.94 -4.54 45.56
CA GLY A 75 -31.58 -5.84 46.08
C GLY A 75 -30.10 -5.92 46.42
N LYS A 76 -29.68 -7.13 46.74
CA LYS A 76 -28.40 -7.35 47.39
C LYS A 76 -27.27 -7.35 46.37
N LEU A 77 -26.28 -6.48 46.57
CA LEU A 77 -25.10 -6.49 45.72
C LEU A 77 -24.21 -7.67 46.09
N LEU A 78 -23.63 -8.30 45.09
CA LEU A 78 -22.71 -9.41 45.27
C LEU A 78 -21.31 -8.87 45.00
N ILE A 79 -20.62 -8.44 46.04
CA ILE A 79 -19.31 -7.82 45.89
C ILE A 79 -18.22 -8.83 46.26
N GLY A 80 -17.31 -9.04 45.35
CA GLY A 80 -16.20 -9.94 45.62
C GLY A 80 -15.06 -9.24 46.35
N GLU A 81 -14.14 -10.05 46.86
CA GLU A 81 -12.97 -9.54 47.56
C GLU A 81 -11.70 -9.69 46.75
N ASN A 82 -11.78 -10.35 45.60
CA ASN A 82 -10.64 -10.50 44.69
C ASN A 82 -11.19 -10.80 43.31
N THR A 83 -10.30 -10.77 42.31
CA THR A 83 -10.74 -10.81 40.92
C THR A 83 -11.60 -12.04 40.63
N GLN A 84 -11.15 -13.22 41.07
CA GLN A 84 -11.92 -14.42 40.79
C GLN A 84 -13.29 -14.34 41.42
N GLU A 85 -13.35 -13.93 42.69
CA GLU A 85 -14.63 -13.81 43.36
C GLU A 85 -15.52 -12.80 42.67
N MET A 86 -14.96 -11.68 42.24
CA MET A 86 -15.76 -10.62 41.61
C MET A 86 -16.35 -11.12 40.30
N LEU A 87 -15.54 -11.81 39.49
CA LEU A 87 -16.07 -12.36 38.24
C LEU A 87 -17.18 -13.37 38.55
N GLN A 88 -16.98 -14.25 39.54
CA GLN A 88 -18.02 -15.23 39.84
C GLN A 88 -19.27 -14.57 40.39
N CYS A 89 -19.12 -13.51 41.20
CA CYS A 89 -20.28 -12.77 41.67
C CYS A 89 -21.06 -12.19 40.50
N ASP A 90 -20.36 -11.59 39.54
CA ASP A 90 -21.03 -11.08 38.35
C ASP A 90 -21.79 -12.21 37.64
N LEU A 91 -21.14 -13.37 37.50
CA LEU A 91 -21.74 -14.49 36.80
C LEU A 91 -22.97 -15.01 37.53
N ASN A 92 -22.88 -15.16 38.86
CA ASN A 92 -24.07 -15.53 39.62
C ASN A 92 -25.22 -14.55 39.40
N LEU A 93 -24.94 -13.25 39.42
CA LEU A 93 -25.99 -12.27 39.20
C LEU A 93 -26.57 -12.40 37.80
N GLU A 94 -25.72 -12.63 36.80
CA GLU A 94 -26.22 -12.74 35.43
C GLU A 94 -27.11 -13.97 35.25
N LEU A 95 -26.77 -15.08 35.91
CA LEU A 95 -27.58 -16.28 35.76
C LEU A 95 -28.96 -16.11 36.38
N LYS A 96 -29.05 -15.36 37.48
CA LYS A 96 -30.36 -14.99 38.02
C LYS A 96 -31.09 -14.05 37.06
N ALA A 97 -30.35 -13.15 36.42
CA ALA A 97 -30.99 -12.19 35.53
C ALA A 97 -31.62 -12.88 34.33
N THR A 98 -30.94 -13.86 33.77
CA THR A 98 -31.48 -14.47 32.57
C THR A 98 -32.65 -15.38 32.89
N LYS A 99 -32.61 -16.03 34.06
CA LYS A 99 -33.78 -16.80 34.48
C LYS A 99 -35.00 -15.91 34.53
N ASP A 100 -34.87 -14.72 35.12
CA ASP A 100 -36.02 -13.83 35.26
C ASP A 100 -36.48 -13.29 33.90
N LEU A 101 -35.53 -13.02 33.01
CA LEU A 101 -35.90 -12.52 31.69
C LEU A 101 -36.71 -13.56 30.92
N ARG A 102 -36.32 -14.82 31.00
CA ARG A 102 -37.08 -15.87 30.29
C ARG A 102 -38.49 -15.97 30.84
N GLU A 103 -38.65 -15.91 32.17
CA GLU A 103 -39.99 -15.99 32.73
C GLU A 103 -40.83 -14.78 32.31
N ALA A 104 -40.21 -13.61 32.22
CA ALA A 104 -40.96 -12.43 31.79
C ALA A 104 -41.34 -12.54 30.32
N ILE A 105 -40.46 -13.08 29.48
CA ILE A 105 -40.79 -13.23 28.06
C ILE A 105 -41.96 -14.18 27.89
N VAL A 106 -41.96 -15.29 28.63
CA VAL A 106 -43.10 -16.21 28.59
C VAL A 106 -44.40 -15.45 28.82
N HIS A 107 -44.44 -14.59 29.86
CA HIS A 107 -45.70 -13.93 30.17
C HIS A 107 -46.07 -12.91 29.10
N CYS A 108 -45.08 -12.16 28.58
CA CYS A 108 -45.36 -11.21 27.51
C CYS A 108 -45.96 -11.90 26.30
N GLU A 109 -45.45 -13.07 25.95
CA GLU A 109 -46.00 -13.82 24.83
C GLU A 109 -47.44 -14.22 25.10
N GLN A 110 -47.74 -14.64 26.33
CA GLN A 110 -49.08 -15.12 26.62
C GLN A 110 -50.13 -14.01 26.56
N VAL A 111 -49.78 -12.78 26.92
CA VAL A 111 -50.74 -11.70 26.86
C VAL A 111 -50.57 -10.85 25.61
N HIS A 112 -49.69 -11.26 24.71
CA HIS A 112 -49.53 -10.67 23.38
C HIS A 112 -48.85 -9.31 23.43
N ASP A 113 -48.02 -9.07 24.46
CA ASP A 113 -47.29 -7.81 24.55
C ASP A 113 -45.97 -8.05 23.82
N TYR A 114 -46.06 -8.02 22.49
CA TYR A 114 -44.93 -8.45 21.67
C TYR A 114 -43.80 -7.44 21.67
N VAL A 115 -44.11 -6.15 21.84
CA VAL A 115 -43.07 -5.14 21.90
C VAL A 115 -42.26 -5.31 23.18
N SER A 116 -42.94 -5.56 24.31
CA SER A 116 -42.20 -5.80 25.56
C SER A 116 -41.32 -7.04 25.46
N ARG A 117 -41.81 -8.12 24.82
CA ARG A 117 -41.00 -9.29 24.58
C ARG A 117 -39.75 -8.94 23.79
N ASP A 118 -39.90 -8.16 22.71
CA ASP A 118 -38.74 -7.83 21.89
C ASP A 118 -37.69 -7.07 22.69
N LEU A 119 -38.14 -6.15 23.53
CA LEU A 119 -37.22 -5.42 24.40
C LEU A 119 -36.49 -6.37 25.33
N LEU A 120 -37.22 -7.30 25.96
CA LEU A 120 -36.59 -8.24 26.88
C LEU A 120 -35.69 -9.22 26.16
N LYS A 121 -36.05 -9.61 24.93
CA LYS A 121 -35.19 -10.48 24.13
C LYS A 121 -33.86 -9.78 23.83
N ASP A 122 -33.89 -8.48 23.54
CA ASP A 122 -32.65 -7.76 23.24
C ASP A 122 -31.80 -7.64 24.49
N ILE A 123 -32.42 -7.38 25.64
CA ILE A 123 -31.68 -7.35 26.90
C ILE A 123 -31.11 -8.73 27.18
N LEU A 124 -31.89 -9.80 26.95
CA LEU A 124 -31.40 -11.15 27.14
C LEU A 124 -30.18 -11.44 26.27
N GLU A 125 -30.18 -10.95 25.02
CA GLU A 125 -29.00 -11.14 24.17
C GLU A 125 -27.78 -10.50 24.79
N SER A 126 -27.92 -9.27 25.31
N SER A 126 -27.92 -9.27 25.30
CA SER A 126 -26.77 -8.61 25.94
CA SER A 126 -26.79 -8.60 25.94
C SER A 126 -26.32 -9.36 27.18
C SER A 126 -26.32 -9.37 27.16
N GLU A 127 -27.27 -9.86 27.98
CA GLU A 127 -26.89 -10.58 29.19
C GLU A 127 -26.22 -11.90 28.85
N GLU A 128 -26.66 -12.60 27.79
CA GLU A 128 -25.93 -13.80 27.42
C GLU A 128 -24.55 -13.47 26.89
N GLU A 129 -24.37 -12.33 26.21
CA GLU A 129 -23.01 -11.92 25.85
C GLU A 129 -22.16 -11.70 27.09
N HIS A 130 -22.75 -11.14 28.15
CA HIS A 130 -21.98 -10.93 29.37
C HIS A 130 -21.62 -12.26 30.02
N ILE A 131 -22.56 -13.20 30.02
CA ILE A 131 -22.25 -14.54 30.52
C ILE A 131 -21.08 -15.13 29.76
N ASP A 132 -21.09 -14.99 28.44
CA ASP A 132 -19.96 -15.52 27.63
C ASP A 132 -18.63 -14.90 28.09
N TYR A 133 -18.62 -13.59 28.24
CA TYR A 133 -17.39 -12.94 28.67
C TYR A 133 -16.92 -13.49 30.01
N LEU A 134 -17.85 -13.61 30.96
CA LEU A 134 -17.49 -14.01 32.31
C LEU A 134 -16.98 -15.44 32.36
N GLU A 135 -17.67 -16.37 31.69
CA GLU A 135 -17.22 -17.76 31.66
C GLU A 135 -15.85 -17.88 31.01
N THR A 136 -15.63 -17.08 29.98
CA THR A 136 -14.36 -17.05 29.27
C THR A 136 -13.25 -16.54 30.17
N GLN A 137 -13.50 -15.48 30.93
CA GLN A 137 -12.47 -14.99 31.85
C GLN A 137 -12.12 -16.04 32.90
N LEU A 138 -13.14 -16.63 33.53
CA LEU A 138 -12.90 -17.69 34.50
C LEU A 138 -12.09 -18.83 33.89
N GLY A 139 -12.38 -19.19 32.64
CA GLY A 139 -11.59 -20.19 31.96
C GLY A 139 -10.16 -19.77 31.74
N LEU A 140 -9.95 -18.52 31.32
CA LEU A 140 -8.57 -18.07 31.07
C LEU A 140 -7.73 -18.12 32.34
N ILE A 141 -8.33 -17.74 33.47
CA ILE A 141 -7.60 -17.81 34.73
C ILE A 141 -7.03 -19.21 34.95
N GLN A 142 -7.84 -20.22 34.65
CA GLN A 142 -7.37 -21.61 34.78
C GLN A 142 -6.29 -21.93 33.75
N LYS A 143 -6.42 -21.42 32.51
CA LYS A 143 -5.50 -21.78 31.44
C LYS A 143 -4.15 -21.08 31.60
N VAL A 144 -4.14 -19.77 31.89
CA VAL A 144 -2.89 -19.03 31.89
C VAL A 144 -2.34 -18.80 33.28
N GLY A 145 -3.11 -19.11 34.31
CA GLY A 145 -2.72 -18.83 35.67
C GLY A 145 -3.16 -17.43 36.10
N LEU A 146 -3.44 -17.29 37.39
CA LEU A 146 -3.98 -16.02 37.89
C LEU A 146 -3.00 -14.87 37.70
N GLU A 147 -1.71 -15.10 38.01
CA GLU A 147 -0.74 -14.03 37.85
C GLU A 147 -0.67 -13.53 36.40
N ASN A 148 -0.66 -14.44 35.43
CA ASN A 148 -0.63 -13.96 34.06
C ASN A 148 -1.94 -13.29 33.70
N TYR A 149 -3.06 -13.86 34.16
CA TYR A 149 -4.33 -13.25 33.83
C TYR A 149 -4.42 -11.81 34.32
N LEU A 150 -3.96 -11.57 35.54
CA LEU A 150 -3.98 -10.22 36.10
C LEU A 150 -2.98 -9.32 35.38
N GLN A 151 -1.78 -9.84 35.10
CA GLN A 151 -0.81 -9.08 34.31
C GLN A 151 -1.42 -8.58 33.01
N SER A 152 -2.18 -9.44 32.32
CA SER A 152 -2.79 -9.08 31.05
C SER A 152 -3.89 -8.04 31.19
N HIS A 153 -4.28 -7.70 32.39
CA HIS A 153 -5.37 -6.74 32.61
C HIS A 153 -4.88 -5.52 33.36
N MET A 154 -3.55 -5.32 33.41
CA MET A 154 -2.99 -4.13 34.03
C MET A 154 -3.17 -2.91 33.14
N HIS A 155 -2.83 -3.04 31.86
CA HIS A 155 -2.78 -1.90 30.95
C HIS A 155 -3.98 -1.97 30.00
N GLU A 156 -4.63 -0.83 29.80
CA GLU A 156 -5.71 -0.80 28.81
C GLU A 156 -5.19 -1.09 27.40
N MET B 1 -22.14 -21.57 28.63
CA MET B 1 -23.50 -21.66 29.24
C MET B 1 -24.17 -22.93 28.72
N LYS B 2 -24.54 -23.86 29.60
CA LYS B 2 -25.03 -25.16 29.12
C LYS B 2 -26.39 -25.00 28.44
N GLY B 3 -26.46 -25.38 27.17
CA GLY B 3 -27.70 -25.31 26.43
C GLY B 3 -28.47 -26.62 26.45
N ASP B 4 -29.72 -26.53 26.03
CA ASP B 4 -30.58 -27.68 25.84
C ASP B 4 -29.98 -28.65 24.82
N LYS B 5 -29.95 -29.94 25.19
CA LYS B 5 -29.36 -30.93 24.31
C LYS B 5 -30.03 -30.94 22.94
N LYS B 6 -31.36 -30.84 22.91
CA LYS B 6 -32.07 -30.95 21.63
C LYS B 6 -31.99 -29.64 20.85
N VAL B 7 -31.93 -28.49 21.53
CA VAL B 7 -31.63 -27.25 20.80
C VAL B 7 -30.32 -27.41 20.05
N ILE B 8 -29.27 -27.87 20.73
CA ILE B 8 -27.98 -28.05 20.07
C ILE B 8 -28.07 -29.03 18.92
N GLN B 9 -28.87 -30.10 19.08
CA GLN B 9 -29.08 -31.03 17.98
C GLN B 9 -29.72 -30.34 16.79
N HIS B 10 -30.75 -29.52 17.04
CA HIS B 10 -31.36 -28.72 15.97
C HIS B 10 -30.33 -27.81 15.33
N LEU B 11 -29.59 -27.05 16.15
CA LEU B 11 -28.59 -26.14 15.60
C LEU B 11 -27.61 -26.88 14.72
N ASN B 12 -27.20 -28.08 15.13
CA ASN B 12 -26.27 -28.85 14.32
C ASN B 12 -26.94 -29.34 13.05
N LYS B 13 -28.25 -29.55 13.08
CA LYS B 13 -28.95 -29.94 11.87
C LYS B 13 -29.00 -28.77 10.89
N ILE B 14 -29.33 -27.58 11.38
CA ILE B 14 -29.29 -26.39 10.54
C ILE B 14 -27.90 -26.21 9.99
N LEU B 15 -26.89 -26.31 10.86
CA LEU B 15 -25.51 -26.22 10.41
C LEU B 15 -25.23 -27.19 9.27
N GLY B 16 -25.71 -28.43 9.39
CA GLY B 16 -25.46 -29.38 8.33
C GLY B 16 -26.07 -28.95 7.01
N ASN B 17 -27.26 -28.36 7.06
CA ASN B 17 -27.87 -27.85 5.84
C ASN B 17 -27.03 -26.74 5.23
N GLU B 18 -26.50 -25.82 6.07
CA GLU B 18 -25.69 -24.73 5.55
C GLU B 18 -24.40 -25.23 4.93
N LEU B 19 -23.81 -26.29 5.48
CA LEU B 19 -22.57 -26.84 4.93
C LEU B 19 -22.81 -27.44 3.54
N ILE B 20 -23.94 -28.11 3.34
CA ILE B 20 -24.28 -28.59 2.00
C ILE B 20 -24.43 -27.39 1.05
N ALA B 21 -25.21 -26.40 1.47
CA ALA B 21 -25.48 -25.23 0.64
C ALA B 21 -24.19 -24.50 0.25
N ILE B 22 -23.27 -24.30 1.20
CA ILE B 22 -22.01 -23.66 0.88
C ILE B 22 -21.38 -24.33 -0.33
N ASN B 23 -21.23 -25.65 -0.27
CA ASN B 23 -20.52 -26.38 -1.29
C ASN B 23 -21.33 -26.43 -2.57
N GLN B 24 -22.65 -26.58 -2.43
CA GLN B 24 -23.49 -26.67 -3.62
C GLN B 24 -23.48 -25.35 -4.36
N TYR B 25 -23.65 -24.24 -3.63
CA TYR B 25 -23.68 -22.93 -4.24
C TYR B 25 -22.30 -22.53 -4.77
N PHE B 26 -21.24 -22.90 -4.05
CA PHE B 26 -19.91 -22.57 -4.56
C PHE B 26 -19.63 -23.29 -5.88
N LEU B 27 -19.95 -24.58 -5.94
CA LEU B 27 -19.72 -25.34 -7.18
C LEU B 27 -20.56 -24.78 -8.32
N HIS B 28 -21.85 -24.51 -8.06
CA HIS B 28 -22.70 -23.94 -9.09
C HIS B 28 -22.11 -22.63 -9.60
N SER B 29 -21.66 -21.77 -8.67
CA SER B 29 -21.03 -20.52 -9.07
C SER B 29 -19.86 -20.75 -10.04
N ARG B 30 -18.97 -21.67 -9.70
CA ARG B 30 -17.78 -21.87 -10.53
C ARG B 30 -18.15 -22.56 -11.85
N MET B 31 -19.23 -23.36 -11.86
CA MET B 31 -19.69 -23.94 -13.11
C MET B 31 -20.22 -22.85 -14.05
N TRP B 32 -21.05 -21.96 -13.52
CA TRP B 32 -21.56 -20.86 -14.32
C TRP B 32 -20.42 -19.98 -14.82
N ASN B 33 -19.43 -19.67 -13.97
CA ASN B 33 -18.29 -18.89 -14.44
C ASN B 33 -17.55 -19.59 -15.56
N ASP B 34 -17.34 -20.90 -15.43
CA ASP B 34 -16.67 -21.67 -16.48
C ASP B 34 -17.46 -21.65 -17.78
N TRP B 35 -18.80 -21.60 -17.70
CA TRP B 35 -19.64 -21.53 -18.90
C TRP B 35 -19.77 -20.11 -19.46
N GLY B 36 -19.16 -19.11 -18.82
CA GLY B 36 -19.30 -17.74 -19.26
C GLY B 36 -20.57 -17.07 -18.84
N LEU B 37 -21.32 -17.66 -17.90
CA LEU B 37 -22.48 -16.98 -17.33
C LEU B 37 -22.06 -16.29 -16.02
N LYS B 38 -21.28 -15.23 -16.21
CA LYS B 38 -20.58 -14.57 -15.10
C LYS B 38 -21.53 -13.86 -14.15
N ARG B 39 -22.69 -13.41 -14.62
CA ARG B 39 -23.60 -12.76 -13.68
C ARG B 39 -24.23 -13.77 -12.72
N LEU B 40 -24.64 -14.93 -13.24
CA LEU B 40 -25.08 -16.01 -12.37
C LEU B 40 -23.95 -16.48 -11.45
N GLY B 41 -22.74 -16.60 -12.00
CA GLY B 41 -21.63 -17.05 -11.18
C GLY B 41 -21.39 -16.13 -10.01
N ALA B 42 -21.38 -14.82 -10.26
CA ALA B 42 -21.16 -13.86 -9.19
C ALA B 42 -22.27 -13.90 -8.16
N HIS B 43 -23.52 -13.96 -8.61
CA HIS B 43 -24.62 -13.95 -7.67
C HIS B 43 -24.61 -15.20 -6.79
N GLU B 44 -24.28 -16.35 -7.40
CA GLU B 44 -24.24 -17.62 -6.67
C GLU B 44 -23.06 -17.66 -5.70
N TYR B 45 -21.94 -17.07 -6.08
CA TYR B 45 -20.85 -16.90 -5.14
C TYR B 45 -21.30 -16.14 -3.90
N HIS B 46 -22.07 -15.04 -4.08
CA HIS B 46 -22.52 -14.29 -2.92
C HIS B 46 -23.52 -15.07 -2.08
N GLU B 47 -24.32 -15.94 -2.72
CA GLU B 47 -25.17 -16.86 -1.96
C GLU B 47 -24.34 -17.83 -1.13
N SER B 48 -23.26 -18.36 -1.69
CA SER B 48 -22.37 -19.27 -0.95
C SER B 48 -21.75 -18.56 0.25
N ILE B 49 -21.24 -17.35 0.04
CA ILE B 49 -20.65 -16.55 1.12
C ILE B 49 -21.67 -16.30 2.21
N ASP B 50 -22.91 -16.01 1.84
CA ASP B 50 -23.92 -15.77 2.85
CA ASP B 50 -23.94 -15.77 2.83
C ASP B 50 -24.17 -17.00 3.72
N GLU B 51 -24.17 -18.20 3.12
CA GLU B 51 -24.31 -19.43 3.89
C GLU B 51 -23.10 -19.68 4.79
N MET B 52 -21.91 -19.34 4.30
CA MET B 52 -20.72 -19.43 5.13
C MET B 52 -20.86 -18.58 6.38
N LYS B 53 -21.42 -17.37 6.24
CA LYS B 53 -21.63 -16.51 7.41
C LYS B 53 -22.63 -17.11 8.38
N HIS B 54 -23.72 -17.71 7.88
CA HIS B 54 -24.69 -18.38 8.73
C HIS B 54 -24.04 -19.56 9.46
N ALA B 55 -23.26 -20.36 8.73
CA ALA B 55 -22.54 -21.45 9.36
C ALA B 55 -21.68 -20.95 10.50
N ASP B 56 -20.92 -19.87 10.24
CA ASP B 56 -20.07 -19.31 11.28
C ASP B 56 -20.87 -19.01 12.54
N LYS B 57 -22.00 -18.34 12.39
CA LYS B 57 -22.79 -17.94 13.56
C LYS B 57 -23.37 -19.15 14.28
N LEU B 58 -23.77 -20.18 13.54
CA LEU B 58 -24.24 -21.42 14.17
C LEU B 58 -23.12 -22.09 14.96
N ILE B 59 -21.94 -22.18 14.38
CA ILE B 59 -20.79 -22.78 15.07
C ILE B 59 -20.52 -22.03 16.37
N GLU B 60 -20.53 -20.71 16.29
CA GLU B 60 -20.30 -19.88 17.48
C GLU B 60 -21.36 -20.12 18.54
N ARG B 61 -22.62 -20.17 18.16
CA ARG B 61 -23.68 -20.37 19.13
C ARG B 61 -23.59 -21.75 19.77
N ILE B 62 -23.27 -22.77 18.96
CA ILE B 62 -23.15 -24.12 19.52
C ILE B 62 -22.02 -24.19 20.54
N LEU B 63 -20.88 -23.57 20.23
CA LEU B 63 -19.75 -23.60 21.15
C LEU B 63 -20.09 -22.84 22.43
N PHE B 64 -20.78 -21.72 22.32
CA PHE B 64 -21.21 -20.99 23.52
C PHE B 64 -22.09 -21.86 24.40
N LEU B 65 -22.96 -22.65 23.80
CA LEU B 65 -23.87 -23.53 24.54
C LEU B 65 -23.21 -24.85 24.92
N GLU B 66 -21.92 -24.97 24.70
CA GLU B 66 -21.10 -26.10 25.16
C GLU B 66 -21.44 -27.39 24.43
N GLY B 67 -21.86 -27.29 23.17
CA GLY B 67 -21.99 -28.42 22.27
C GLY B 67 -20.80 -28.53 21.32
N LEU B 68 -20.82 -29.61 20.52
CA LEU B 68 -19.77 -29.89 19.55
C LEU B 68 -20.32 -29.58 18.16
N PRO B 69 -19.86 -28.53 17.49
CA PRO B 69 -20.40 -28.24 16.15
C PRO B 69 -19.99 -29.33 15.18
N ASN B 70 -20.95 -29.88 14.45
CA ASN B 70 -20.67 -30.98 13.53
C ASN B 70 -20.33 -30.43 12.16
N LEU B 71 -19.04 -30.34 11.86
CA LEU B 71 -18.61 -30.00 10.51
C LEU B 71 -18.17 -31.24 9.75
N GLN B 72 -18.41 -32.43 10.29
CA GLN B 72 -17.86 -33.64 9.70
C GLN B 72 -18.84 -34.35 8.77
N ASP B 73 -20.14 -34.28 9.04
CA ASP B 73 -21.12 -35.15 8.38
C ASP B 73 -21.84 -34.40 7.26
N LEU B 74 -21.19 -34.35 6.13
CA LEU B 74 -21.71 -33.63 4.96
C LEU B 74 -22.75 -34.46 4.25
N GLY B 75 -23.99 -33.96 4.21
CA GLY B 75 -25.07 -34.56 3.46
C GLY B 75 -24.95 -34.35 1.95
N LYS B 76 -26.03 -34.72 1.26
CA LYS B 76 -25.97 -34.88 -0.18
C LYS B 76 -26.09 -33.52 -0.87
N LEU B 77 -25.12 -33.21 -1.71
CA LEU B 77 -25.19 -32.01 -2.55
C LEU B 77 -26.12 -32.26 -3.73
N LEU B 78 -26.91 -31.25 -4.10
CA LEU B 78 -27.81 -31.33 -5.25
C LEU B 78 -27.24 -30.45 -6.36
N ILE B 79 -26.46 -31.08 -7.23
CA ILE B 79 -25.76 -30.39 -8.31
C ILE B 79 -26.54 -30.59 -9.60
N GLY B 80 -26.88 -29.50 -10.26
CA GLY B 80 -27.53 -29.60 -11.56
C GLY B 80 -26.53 -29.74 -12.70
N GLU B 81 -27.06 -30.03 -13.89
CA GLU B 81 -26.21 -30.15 -15.08
C GLU B 81 -26.48 -29.05 -16.09
N ASN B 82 -27.48 -28.21 -15.85
CA ASN B 82 -27.72 -27.04 -16.67
C ASN B 82 -28.36 -26.00 -15.76
N THR B 83 -28.43 -24.76 -16.25
CA THR B 83 -28.86 -23.64 -15.41
C THR B 83 -30.21 -23.88 -14.76
N GLN B 84 -31.20 -24.32 -15.54
CA GLN B 84 -32.52 -24.54 -14.96
C GLN B 84 -32.45 -25.54 -13.82
N GLU B 85 -31.68 -26.60 -14.01
CA GLU B 85 -31.59 -27.66 -13.01
C GLU B 85 -30.85 -27.17 -11.76
N MET B 86 -29.79 -26.39 -11.98
CA MET B 86 -29.03 -25.88 -10.84
C MET B 86 -29.87 -24.95 -9.97
N LEU B 87 -30.66 -24.08 -10.59
CA LEU B 87 -31.56 -23.19 -9.87
C LEU B 87 -32.60 -24.00 -9.10
N GLN B 88 -33.13 -25.05 -9.74
CA GLN B 88 -34.11 -25.89 -9.07
C GLN B 88 -33.48 -26.67 -7.92
N CYS B 89 -32.24 -27.13 -8.09
CA CYS B 89 -31.55 -27.84 -7.01
C CYS B 89 -31.32 -26.91 -5.82
N ASP B 90 -30.99 -25.64 -6.08
CA ASP B 90 -30.88 -24.67 -4.99
C ASP B 90 -32.22 -24.49 -4.32
N LEU B 91 -33.29 -24.36 -5.11
CA LEU B 91 -34.61 -24.17 -4.52
C LEU B 91 -34.98 -25.37 -3.66
N ASN B 92 -34.77 -26.59 -4.17
CA ASN B 92 -35.13 -27.78 -3.42
C ASN B 92 -34.40 -27.81 -2.07
N LEU B 93 -33.10 -27.50 -2.08
CA LEU B 93 -32.33 -27.42 -0.84
C LEU B 93 -32.88 -26.36 0.10
N GLU B 94 -33.17 -25.14 -0.42
CA GLU B 94 -33.68 -24.09 0.45
C GLU B 94 -35.02 -24.46 1.06
N LEU B 95 -35.82 -25.28 0.37
CA LEU B 95 -37.13 -25.60 0.89
C LEU B 95 -37.04 -26.62 2.02
N LYS B 96 -36.04 -27.48 1.97
CA LYS B 96 -35.76 -28.33 3.12
C LYS B 96 -35.18 -27.53 4.26
N ALA B 97 -34.25 -26.61 3.96
CA ALA B 97 -33.62 -25.82 5.03
C ALA B 97 -34.64 -25.01 5.81
N THR B 98 -35.63 -24.43 5.14
CA THR B 98 -36.62 -23.63 5.84
C THR B 98 -37.54 -24.49 6.68
N LYS B 99 -37.89 -25.69 6.21
CA LYS B 99 -38.69 -26.58 7.05
C LYS B 99 -37.95 -26.91 8.34
N ASP B 100 -36.65 -27.23 8.23
CA ASP B 100 -35.86 -27.56 9.40
C ASP B 100 -35.69 -26.36 10.32
N LEU B 101 -35.56 -25.16 9.73
CA LEU B 101 -35.49 -23.96 10.55
C LEU B 101 -36.77 -23.76 11.37
N ARG B 102 -37.92 -23.98 10.75
CA ARG B 102 -39.16 -23.77 11.48
C ARG B 102 -39.30 -24.78 12.61
N GLU B 103 -38.88 -26.03 12.37
CA GLU B 103 -38.93 -27.03 13.43
C GLU B 103 -37.97 -26.68 14.56
N ALA B 104 -36.78 -26.16 14.23
CA ALA B 104 -35.82 -25.77 15.25
C ALA B 104 -36.36 -24.60 16.08
N ILE B 105 -37.00 -23.62 15.42
CA ILE B 105 -37.56 -22.49 16.15
C ILE B 105 -38.65 -22.95 17.10
N VAL B 106 -39.49 -23.90 16.65
CA VAL B 106 -40.54 -24.42 17.52
C VAL B 106 -39.92 -24.90 18.83
N HIS B 107 -38.84 -25.67 18.73
CA HIS B 107 -38.24 -26.24 19.92
C HIS B 107 -37.56 -25.18 20.77
N CYS B 108 -36.79 -24.28 20.14
CA CYS B 108 -36.18 -23.18 20.89
C CYS B 108 -37.24 -22.42 21.70
N GLU B 109 -38.42 -22.21 21.12
CA GLU B 109 -39.45 -21.47 21.84
C GLU B 109 -39.95 -22.26 23.04
N GLN B 110 -40.08 -23.57 22.87
CA GLN B 110 -40.61 -24.42 23.95
C GLN B 110 -39.71 -24.37 25.18
N VAL B 111 -38.40 -24.50 24.98
CA VAL B 111 -37.46 -24.57 26.09
C VAL B 111 -36.90 -23.20 26.47
N HIS B 112 -37.44 -22.15 25.86
CA HIS B 112 -37.20 -20.75 26.24
C HIS B 112 -35.83 -20.24 25.80
N ASP B 113 -35.22 -20.87 24.79
CA ASP B 113 -33.96 -20.42 24.25
C ASP B 113 -34.25 -19.35 23.19
N TYR B 114 -34.62 -18.18 23.71
CA TYR B 114 -35.08 -17.09 22.84
C TYR B 114 -33.95 -16.49 22.00
N VAL B 115 -32.71 -16.58 22.46
CA VAL B 115 -31.60 -16.03 21.67
C VAL B 115 -31.30 -16.96 20.49
N SER B 116 -31.30 -18.28 20.72
CA SER B 116 -31.17 -19.20 19.61
C SER B 116 -32.31 -19.02 18.62
N ARG B 117 -33.52 -18.79 19.11
CA ARG B 117 -34.65 -18.56 18.21
C ARG B 117 -34.38 -17.36 17.33
N ASP B 118 -33.99 -16.23 17.95
CA ASP B 118 -33.70 -15.02 17.22
C ASP B 118 -32.66 -15.26 16.13
N LEU B 119 -31.61 -16.02 16.44
CA LEU B 119 -30.62 -16.34 15.43
C LEU B 119 -31.24 -17.12 14.27
N LEU B 120 -32.02 -18.15 14.61
CA LEU B 120 -32.64 -18.97 13.57
C LEU B 120 -33.62 -18.16 12.74
N LYS B 121 -34.34 -17.23 13.36
CA LYS B 121 -35.26 -16.40 12.60
C LYS B 121 -34.51 -15.52 11.60
N ASP B 122 -33.36 -14.97 12.01
CA ASP B 122 -32.57 -14.15 11.09
C ASP B 122 -32.08 -14.99 9.93
N ILE B 123 -31.61 -16.21 10.20
CA ILE B 123 -31.19 -17.11 9.15
C ILE B 123 -32.38 -17.45 8.25
N LEU B 124 -33.54 -17.69 8.85
CA LEU B 124 -34.72 -18.00 8.06
C LEU B 124 -35.06 -16.87 7.11
N GLU B 125 -34.99 -15.60 7.59
CA GLU B 125 -35.24 -14.45 6.71
C GLU B 125 -34.30 -14.46 5.51
N SER B 126 -33.01 -14.71 5.74
N SER B 126 -33.02 -14.80 5.72
CA SER B 126 -32.09 -14.85 4.62
CA SER B 126 -32.07 -14.84 4.60
C SER B 126 -32.59 -15.93 3.67
C SER B 126 -32.32 -16.02 3.67
N GLU B 127 -32.87 -17.13 4.19
CA GLU B 127 -33.20 -18.25 3.31
C GLU B 127 -34.46 -17.95 2.51
N GLU B 128 -35.45 -17.28 3.10
CA GLU B 128 -36.63 -16.95 2.32
C GLU B 128 -36.31 -15.93 1.24
N GLU B 129 -35.39 -15.00 1.53
CA GLU B 129 -34.92 -14.10 0.47
C GLU B 129 -34.28 -14.89 -0.65
N HIS B 130 -33.49 -15.90 -0.32
CA HIS B 130 -32.90 -16.75 -1.35
C HIS B 130 -33.99 -17.46 -2.16
N ILE B 131 -35.05 -17.93 -1.49
CA ILE B 131 -36.16 -18.57 -2.20
C ILE B 131 -36.84 -17.58 -3.15
N ASP B 132 -37.02 -16.33 -2.70
CA ASP B 132 -37.61 -15.32 -3.57
C ASP B 132 -36.77 -15.15 -4.84
N TYR B 133 -35.46 -15.02 -4.67
CA TYR B 133 -34.56 -14.91 -5.83
C TYR B 133 -34.70 -16.11 -6.77
N LEU B 134 -34.65 -17.32 -6.22
CA LEU B 134 -34.67 -18.52 -7.06
C LEU B 134 -35.99 -18.68 -7.80
N GLU B 135 -37.11 -18.48 -7.13
CA GLU B 135 -38.40 -18.56 -7.81
C GLU B 135 -38.52 -17.52 -8.89
N THR B 136 -38.04 -16.30 -8.61
CA THR B 136 -38.05 -15.22 -9.59
C THR B 136 -37.25 -15.59 -10.83
N GLN B 137 -36.07 -16.19 -10.67
CA GLN B 137 -35.28 -16.60 -11.81
C GLN B 137 -36.01 -17.66 -12.64
N LEU B 138 -36.61 -18.64 -11.97
CA LEU B 138 -37.29 -19.70 -12.71
C LEU B 138 -38.50 -19.16 -13.45
N GLY B 139 -39.20 -18.18 -12.86
CA GLY B 139 -40.26 -17.51 -13.56
C GLY B 139 -39.76 -16.70 -14.74
N LEU B 140 -38.59 -16.08 -14.60
CA LEU B 140 -38.05 -15.29 -15.70
C LEU B 140 -37.64 -16.17 -16.87
N ILE B 141 -37.13 -17.37 -16.60
CA ILE B 141 -36.83 -18.29 -17.69
C ILE B 141 -38.08 -18.55 -18.53
N GLN B 142 -39.24 -18.67 -17.88
CA GLN B 142 -40.51 -18.80 -18.60
C GLN B 142 -40.82 -17.54 -19.39
N LYS B 143 -40.85 -16.40 -18.70
CA LYS B 143 -41.36 -15.17 -19.31
C LYS B 143 -40.51 -14.70 -20.49
N VAL B 144 -39.18 -14.77 -20.38
CA VAL B 144 -38.32 -14.25 -21.45
C VAL B 144 -37.74 -15.33 -22.33
N GLY B 145 -37.84 -16.61 -21.94
CA GLY B 145 -37.23 -17.70 -22.65
C GLY B 145 -35.82 -17.99 -22.17
N LEU B 146 -35.41 -19.26 -22.34
CA LEU B 146 -34.12 -19.69 -21.82
C LEU B 146 -32.97 -18.93 -22.47
N GLU B 147 -32.98 -18.84 -23.80
CA GLU B 147 -31.85 -18.22 -24.50
C GLU B 147 -31.64 -16.78 -24.05
N ASN B 148 -32.74 -16.02 -23.94
CA ASN B 148 -32.68 -14.64 -23.45
C ASN B 148 -32.26 -14.61 -22.00
N TYR B 149 -32.77 -15.53 -21.19
CA TYR B 149 -32.41 -15.52 -19.77
C TYR B 149 -30.92 -15.74 -19.60
N LEU B 150 -30.35 -16.72 -20.31
CA LEU B 150 -28.92 -16.98 -20.24
C LEU B 150 -28.11 -15.82 -20.79
N GLN B 151 -28.57 -15.23 -21.89
CA GLN B 151 -27.90 -14.08 -22.48
C GLN B 151 -27.73 -12.96 -21.45
N SER B 152 -28.81 -12.63 -20.74
CA SER B 152 -28.83 -11.61 -19.70
C SER B 152 -27.92 -11.92 -18.52
N HIS B 153 -27.37 -13.12 -18.43
CA HIS B 153 -26.50 -13.49 -17.32
C HIS B 153 -25.08 -13.79 -17.79
N MET B 154 -24.74 -13.41 -19.02
CA MET B 154 -23.37 -13.59 -19.49
C MET B 154 -22.42 -12.59 -18.83
N HIS B 155 -22.78 -11.32 -18.86
CA HIS B 155 -21.94 -10.23 -18.36
C HIS B 155 -22.45 -9.73 -17.01
N GLU B 156 -21.53 -9.36 -16.13
CA GLU B 156 -21.93 -8.84 -14.82
C GLU B 156 -22.63 -7.49 -14.91
N MET C 1 24.80 -14.53 -23.44
CA MET C 1 25.14 -15.85 -22.79
C MET C 1 24.82 -16.96 -23.80
N LYS C 2 25.80 -17.78 -24.15
CA LYS C 2 25.58 -18.73 -25.24
C LYS C 2 24.53 -19.76 -24.81
N GLY C 3 23.38 -19.76 -25.49
CA GLY C 3 22.35 -20.73 -25.19
C GLY C 3 22.49 -22.02 -25.99
N ASP C 4 21.68 -23.00 -25.57
CA ASP C 4 21.55 -24.27 -26.28
C ASP C 4 20.94 -24.05 -27.66
N LYS C 5 21.61 -24.55 -28.69
CA LYS C 5 21.12 -24.30 -30.06
C LYS C 5 19.67 -24.70 -30.22
N LYS C 6 19.28 -25.84 -29.63
CA LYS C 6 17.92 -26.34 -29.85
C LYS C 6 16.89 -25.60 -29.00
N VAL C 7 17.28 -25.11 -27.82
CA VAL C 7 16.42 -24.19 -27.07
C VAL C 7 16.04 -23.01 -27.96
N ILE C 8 17.04 -22.39 -28.58
CA ILE C 8 16.80 -21.24 -29.47
C ILE C 8 15.89 -21.62 -30.62
N GLN C 9 16.07 -22.82 -31.20
CA GLN C 9 15.17 -23.24 -32.26
C GLN C 9 13.75 -23.36 -31.76
N HIS C 10 13.57 -23.89 -30.54
CA HIS C 10 12.24 -23.97 -29.95
C HIS C 10 11.67 -22.58 -29.73
N LEU C 11 12.50 -21.67 -29.22
CA LEU C 11 12.04 -20.30 -28.95
C LEU C 11 11.61 -19.63 -30.26
N ASN C 12 12.38 -19.84 -31.33
CA ASN C 12 11.97 -19.30 -32.63
C ASN C 12 10.70 -19.95 -33.14
N LYS C 13 10.51 -21.25 -32.85
CA LYS C 13 9.26 -21.87 -33.24
C LYS C 13 8.09 -21.27 -32.50
N ILE C 14 8.26 -21.06 -31.19
CA ILE C 14 7.18 -20.44 -30.43
C ILE C 14 6.94 -19.02 -30.93
N LEU C 15 8.01 -18.27 -31.16
CA LEU C 15 7.88 -16.93 -31.73
C LEU C 15 7.10 -16.96 -33.04
N GLY C 16 7.38 -17.95 -33.89
CA GLY C 16 6.68 -18.02 -35.14
C GLY C 16 5.20 -18.24 -34.96
N ASN C 17 4.83 -19.00 -33.93
CA ASN C 17 3.41 -19.15 -33.62
C ASN C 17 2.81 -17.84 -33.12
N GLU C 18 3.55 -17.11 -32.28
CA GLU C 18 3.03 -15.84 -31.78
C GLU C 18 2.85 -14.85 -32.92
N LEU C 19 3.80 -14.82 -33.87
CA LEU C 19 3.69 -13.92 -35.02
C LEU C 19 2.46 -14.23 -35.86
N ILE C 20 2.15 -15.52 -36.05
CA ILE C 20 0.90 -15.86 -36.73
C ILE C 20 -0.29 -15.30 -35.97
N ALA C 21 -0.30 -15.53 -34.65
CA ALA C 21 -1.43 -15.16 -33.82
C ALA C 21 -1.60 -13.65 -33.77
N ILE C 22 -0.51 -12.90 -33.75
CA ILE C 22 -0.63 -11.44 -33.76
C ILE C 22 -1.50 -11.00 -34.94
N ASN C 23 -1.12 -11.45 -36.14
CA ASN C 23 -1.80 -11.03 -37.37
C ASN C 23 -3.22 -11.61 -37.44
N GLN C 24 -3.40 -12.90 -37.10
CA GLN C 24 -4.73 -13.49 -37.18
C GLN C 24 -5.71 -12.78 -36.26
N TYR C 25 -5.29 -12.55 -35.00
CA TYR C 25 -6.21 -11.90 -34.06
C TYR C 25 -6.41 -10.43 -34.42
N PHE C 26 -5.37 -9.75 -34.90
CA PHE C 26 -5.57 -8.35 -35.29
C PHE C 26 -6.56 -8.25 -36.43
N LEU C 27 -6.42 -9.11 -37.45
CA LEU C 27 -7.37 -9.07 -38.56
C LEU C 27 -8.77 -9.43 -38.08
N HIS C 28 -8.90 -10.49 -37.28
CA HIS C 28 -10.22 -10.84 -36.78
C HIS C 28 -10.83 -9.68 -36.00
N SER C 29 -10.04 -9.01 -35.17
CA SER C 29 -10.53 -7.87 -34.40
C SER C 29 -11.09 -6.79 -35.31
N ARG C 30 -10.33 -6.47 -36.34
CA ARG C 30 -10.73 -5.39 -37.27
C ARG C 30 -11.95 -5.82 -38.07
N MET C 31 -12.02 -7.08 -38.45
CA MET C 31 -13.24 -7.56 -39.10
C MET C 31 -14.44 -7.39 -38.20
N TRP C 32 -14.32 -7.78 -36.93
CA TRP C 32 -15.47 -7.67 -36.03
C TRP C 32 -15.87 -6.21 -35.84
N ASN C 33 -14.88 -5.32 -35.72
CA ASN C 33 -15.22 -3.90 -35.60
C ASN C 33 -15.96 -3.42 -36.85
N ASP C 34 -15.48 -3.80 -38.02
CA ASP C 34 -16.15 -3.40 -39.27
C ASP C 34 -17.60 -3.88 -39.33
N TRP C 35 -17.88 -5.07 -38.77
CA TRP C 35 -19.23 -5.61 -38.73
C TRP C 35 -20.09 -5.02 -37.63
N GLY C 36 -19.55 -4.16 -36.76
CA GLY C 36 -20.32 -3.58 -35.68
C GLY C 36 -20.35 -4.44 -34.43
N LEU C 37 -19.51 -5.47 -34.38
CA LEU C 37 -19.41 -6.34 -33.21
C LEU C 37 -18.23 -5.88 -32.37
N LYS C 38 -18.40 -4.69 -31.78
CA LYS C 38 -17.28 -3.98 -31.17
C LYS C 38 -16.77 -4.65 -29.89
N ARG C 39 -17.62 -5.40 -29.19
CA ARG C 39 -17.13 -6.09 -27.99
C ARG C 39 -16.19 -7.23 -28.37
N LEU C 40 -16.53 -7.96 -29.45
CA LEU C 40 -15.59 -8.97 -29.97
C LEU C 40 -14.33 -8.30 -30.50
N GLY C 41 -14.49 -7.20 -31.25
CA GLY C 41 -13.31 -6.56 -31.82
C GLY C 41 -12.35 -6.09 -30.74
N ALA C 42 -12.89 -5.51 -29.66
CA ALA C 42 -12.02 -5.01 -28.61
C ALA C 42 -11.34 -6.15 -27.87
N HIS C 43 -12.07 -7.22 -27.57
CA HIS C 43 -11.45 -8.34 -26.90
C HIS C 43 -10.36 -8.98 -27.77
N GLU C 44 -10.64 -9.13 -29.06
CA GLU C 44 -9.66 -9.78 -29.94
C GLU C 44 -8.43 -8.90 -30.14
N TYR C 45 -8.63 -7.57 -30.15
CA TYR C 45 -7.52 -6.64 -30.14
C TYR C 45 -6.62 -6.88 -28.93
N HIS C 46 -7.21 -7.01 -27.74
CA HIS C 46 -6.39 -7.25 -26.56
C HIS C 46 -5.70 -8.62 -26.61
N GLU C 47 -6.31 -9.62 -27.25
CA GLU C 47 -5.61 -10.88 -27.46
C GLU C 47 -4.42 -10.68 -28.37
N SER C 48 -4.58 -9.88 -29.45
CA SER C 48 -3.47 -9.59 -30.34
C SER C 48 -2.32 -8.90 -29.61
N ILE C 49 -2.63 -7.87 -28.81
CA ILE C 49 -1.61 -7.18 -28.03
C ILE C 49 -0.88 -8.15 -27.10
N ASP C 50 -1.62 -9.05 -26.46
CA ASP C 50 -0.99 -10.00 -25.55
C ASP C 50 0.03 -10.87 -26.29
N GLU C 51 -0.30 -11.30 -27.51
CA GLU C 51 0.65 -12.07 -28.31
C GLU C 51 1.84 -11.20 -28.70
N MET C 52 1.61 -9.91 -28.98
CA MET C 52 2.75 -9.04 -29.24
C MET C 52 3.71 -9.00 -28.07
N LYS C 53 3.18 -8.92 -26.85
CA LYS C 53 4.03 -8.88 -25.68
C LYS C 53 4.81 -10.18 -25.51
N HIS C 54 4.15 -11.33 -25.76
CA HIS C 54 4.85 -12.61 -25.70
C HIS C 54 5.98 -12.63 -26.72
N ALA C 55 5.67 -12.20 -27.96
CA ALA C 55 6.70 -12.15 -29.00
C ALA C 55 7.88 -11.29 -28.58
N ASP C 56 7.63 -10.12 -27.98
CA ASP C 56 8.73 -9.29 -27.49
C ASP C 56 9.63 -10.07 -26.51
N LYS C 57 9.03 -10.69 -25.51
CA LYS C 57 9.83 -11.40 -24.52
C LYS C 57 10.63 -12.51 -25.18
N LEU C 58 10.06 -13.21 -26.15
CA LEU C 58 10.79 -14.27 -26.84
C LEU C 58 11.97 -13.71 -27.62
N ILE C 59 11.73 -12.64 -28.36
CA ILE C 59 12.81 -12.01 -29.09
C ILE C 59 13.94 -11.62 -28.14
N GLU C 60 13.57 -11.01 -27.02
CA GLU C 60 14.59 -10.59 -26.08
C GLU C 60 15.37 -11.77 -25.52
N ARG C 61 14.68 -12.86 -25.21
CA ARG C 61 15.36 -14.03 -24.67
C ARG C 61 16.32 -14.62 -25.70
N ILE C 62 15.86 -14.75 -26.96
CA ILE C 62 16.69 -15.29 -28.02
C ILE C 62 17.97 -14.49 -28.16
N LEU C 63 17.87 -13.15 -28.16
CA LEU C 63 19.06 -12.34 -28.32
C LEU C 63 20.01 -12.48 -27.14
N PHE C 64 19.47 -12.50 -25.93
CA PHE C 64 20.33 -12.73 -24.77
C PHE C 64 21.11 -14.05 -24.94
N LEU C 65 20.44 -15.08 -25.42
CA LEU C 65 21.06 -16.38 -25.69
C LEU C 65 21.86 -16.40 -26.99
N GLU C 66 22.04 -15.24 -27.60
CA GLU C 66 22.93 -15.05 -28.76
C GLU C 66 22.45 -15.84 -29.98
N GLY C 67 21.14 -16.04 -30.07
CA GLY C 67 20.53 -16.52 -31.28
C GLY C 67 20.01 -15.36 -32.12
N LEU C 68 19.52 -15.73 -33.31
CA LEU C 68 18.92 -14.79 -34.24
C LEU C 68 17.42 -14.96 -34.21
N PRO C 69 16.65 -14.01 -33.68
CA PRO C 69 15.19 -14.14 -33.73
C PRO C 69 14.71 -14.15 -35.16
N ASN C 70 13.78 -15.04 -35.47
CA ASN C 70 13.29 -15.17 -36.83
C ASN C 70 11.93 -14.50 -36.96
N LEU C 71 11.89 -13.27 -37.46
CA LEU C 71 10.63 -12.59 -37.72
C LEU C 71 10.29 -12.62 -39.21
N GLN C 72 11.06 -13.39 -39.99
CA GLN C 72 10.91 -13.39 -41.44
C GLN C 72 9.88 -14.42 -41.90
N ASP C 73 9.87 -15.57 -41.26
CA ASP C 73 8.97 -16.63 -41.67
C ASP C 73 7.64 -16.45 -40.95
N LEU C 74 6.58 -16.34 -41.72
CA LEU C 74 5.22 -16.23 -41.23
C LEU C 74 4.45 -17.41 -41.76
N GLY C 75 3.95 -18.25 -40.86
CA GLY C 75 3.12 -19.38 -41.22
C GLY C 75 1.72 -18.94 -41.62
N LYS C 76 0.86 -19.93 -41.75
CA LYS C 76 -0.44 -19.76 -42.38
C LYS C 76 -1.43 -19.18 -41.39
N LEU C 77 -2.03 -18.04 -41.74
CA LEU C 77 -3.10 -17.48 -40.93
C LEU C 77 -4.38 -18.26 -41.15
N LEU C 78 -5.12 -18.47 -40.07
CA LEU C 78 -6.40 -19.17 -40.09
C LEU C 78 -7.48 -18.10 -39.95
N ILE C 79 -8.02 -17.62 -41.08
CA ILE C 79 -8.97 -16.51 -41.10
C ILE C 79 -10.36 -17.07 -41.37
N GLY C 80 -11.30 -16.82 -40.46
CA GLY C 80 -12.66 -17.24 -40.67
C GLY C 80 -13.43 -16.28 -41.55
N GLU C 81 -14.62 -16.70 -41.97
CA GLU C 81 -15.51 -15.85 -42.76
C GLU C 81 -16.74 -15.42 -41.99
N ASN C 82 -16.92 -15.94 -40.78
CA ASN C 82 -17.99 -15.52 -39.90
C ASN C 82 -17.52 -15.78 -38.46
N THR C 83 -18.29 -15.27 -37.51
CA THR C 83 -17.87 -15.27 -36.11
C THR C 83 -17.59 -16.69 -35.63
N GLN C 84 -18.51 -17.61 -35.88
CA GLN C 84 -18.30 -18.99 -35.43
C GLN C 84 -17.00 -19.55 -35.97
N GLU C 85 -16.75 -19.37 -37.27
CA GLU C 85 -15.51 -19.87 -37.86
C GLU C 85 -14.28 -19.17 -37.33
N MET C 86 -14.37 -17.85 -37.13
CA MET C 86 -13.22 -17.09 -36.62
C MET C 86 -12.81 -17.60 -35.24
N LEU C 87 -13.80 -17.80 -34.37
CA LEU C 87 -13.50 -18.34 -33.04
C LEU C 87 -12.84 -19.72 -33.12
N GLN C 88 -13.37 -20.61 -33.96
CA GLN C 88 -12.75 -21.93 -34.11
C GLN C 88 -11.36 -21.83 -34.72
N CYS C 89 -11.14 -20.87 -35.63
CA CYS C 89 -9.80 -20.68 -36.18
C CYS C 89 -8.82 -20.26 -35.10
N ASP C 90 -9.23 -19.35 -34.23
CA ASP C 90 -8.39 -18.97 -33.11
C ASP C 90 -8.10 -20.18 -32.23
N LEU C 91 -9.14 -20.97 -31.94
CA LEU C 91 -8.96 -22.13 -31.06
C LEU C 91 -7.99 -23.13 -31.68
N ASN C 92 -8.12 -23.39 -32.99
CA ASN C 92 -7.21 -24.33 -33.65
C ASN C 92 -5.79 -23.83 -33.58
N LEU C 93 -5.58 -22.52 -33.77
CA LEU C 93 -4.23 -21.98 -33.63
C LEU C 93 -3.72 -22.17 -32.20
N GLU C 94 -4.58 -21.95 -31.20
CA GLU C 94 -4.15 -21.99 -29.81
C GLU C 94 -3.78 -23.42 -29.39
N LEU C 95 -4.51 -24.40 -29.88
CA LEU C 95 -4.19 -25.79 -29.58
C LEU C 95 -2.85 -26.19 -30.19
N LYS C 96 -2.56 -25.72 -31.39
CA LYS C 96 -1.24 -25.93 -31.94
C LYS C 96 -0.20 -25.23 -31.11
N ALA C 97 -0.51 -24.02 -30.62
CA ALA C 97 0.49 -23.27 -29.89
C ALA C 97 0.86 -23.94 -28.58
N THR C 98 -0.14 -24.47 -27.87
CA THR C 98 0.14 -25.07 -26.56
C THR C 98 0.85 -26.41 -26.70
N LYS C 99 0.60 -27.13 -27.79
CA LYS C 99 1.35 -28.34 -28.06
C LYS C 99 2.82 -28.01 -28.23
N ASP C 100 3.11 -26.97 -29.00
CA ASP C 100 4.50 -26.60 -29.23
C ASP C 100 5.15 -26.06 -27.96
N LEU C 101 4.38 -25.34 -27.13
CA LEU C 101 4.92 -24.84 -25.87
C LEU C 101 5.35 -26.00 -24.97
N ARG C 102 4.48 -27.01 -24.81
CA ARG C 102 4.82 -28.18 -23.99
C ARG C 102 6.12 -28.81 -24.46
N GLU C 103 6.30 -28.95 -25.78
CA GLU C 103 7.51 -29.62 -26.26
C GLU C 103 8.73 -28.77 -26.05
N ALA C 104 8.59 -27.43 -26.10
CA ALA C 104 9.74 -26.58 -25.83
C ALA C 104 10.12 -26.62 -24.36
N ILE C 105 9.14 -26.71 -23.49
CA ILE C 105 9.43 -26.74 -22.06
C ILE C 105 10.17 -28.04 -21.73
N VAL C 106 9.69 -29.16 -22.24
CA VAL C 106 10.41 -30.42 -22.06
C VAL C 106 11.89 -30.24 -22.35
N HIS C 107 12.21 -29.66 -23.51
CA HIS C 107 13.60 -29.53 -23.91
C HIS C 107 14.37 -28.58 -22.99
N CYS C 108 13.76 -27.44 -22.64
CA CYS C 108 14.40 -26.54 -21.70
C CYS C 108 14.76 -27.27 -20.41
N GLU C 109 13.80 -28.02 -19.88
CA GLU C 109 14.05 -28.77 -18.65
C GLU C 109 15.24 -29.71 -18.84
N GLN C 110 15.25 -30.46 -19.95
CA GLN C 110 16.32 -31.44 -20.18
C GLN C 110 17.70 -30.79 -20.20
N VAL C 111 17.83 -29.60 -20.77
CA VAL C 111 19.13 -28.96 -20.84
C VAL C 111 19.34 -27.96 -19.71
N HIS C 112 18.39 -27.88 -18.76
CA HIS C 112 18.53 -27.10 -17.53
C HIS C 112 18.48 -25.59 -17.79
N ASP C 113 17.83 -25.18 -18.88
CA ASP C 113 17.54 -23.77 -19.14
C ASP C 113 16.23 -23.44 -18.42
N TYR C 114 16.35 -23.32 -17.10
CA TYR C 114 15.17 -23.15 -16.27
C TYR C 114 14.53 -21.78 -16.44
N VAL C 115 15.32 -20.76 -16.79
CA VAL C 115 14.74 -19.43 -17.02
C VAL C 115 13.92 -19.42 -18.32
N SER C 116 14.43 -20.03 -19.40
CA SER C 116 13.59 -20.13 -20.61
C SER C 116 12.34 -20.95 -20.32
N ARG C 117 12.46 -22.01 -19.53
CA ARG C 117 11.26 -22.77 -19.17
C ARG C 117 10.24 -21.87 -18.47
N ASP C 118 10.69 -21.02 -17.54
CA ASP C 118 9.77 -20.18 -16.78
C ASP C 118 9.03 -19.19 -17.69
N LEU C 119 9.75 -18.60 -18.63
CA LEU C 119 9.12 -17.75 -19.64
C LEU C 119 8.04 -18.50 -20.40
N LEU C 120 8.40 -19.68 -20.94
CA LEU C 120 7.45 -20.43 -21.74
C LEU C 120 6.26 -20.88 -20.94
N LYS C 121 6.46 -21.20 -19.65
CA LYS C 121 5.34 -21.56 -18.80
C LYS C 121 4.38 -20.39 -18.60
N ASP C 122 4.92 -19.18 -18.42
CA ASP C 122 4.05 -18.01 -18.32
C ASP C 122 3.26 -17.81 -19.61
N ILE C 123 3.92 -18.00 -20.74
CA ILE C 123 3.21 -17.88 -22.02
C ILE C 123 2.14 -18.97 -22.12
N LEU C 124 2.47 -20.19 -21.69
CA LEU C 124 1.48 -21.26 -21.74
C LEU C 124 0.27 -20.96 -20.88
N GLU C 125 0.49 -20.34 -19.70
CA GLU C 125 -0.64 -19.92 -18.89
C GLU C 125 -1.52 -18.92 -19.62
N SER C 126 -0.89 -17.97 -20.32
N SER C 126 -0.90 -17.97 -20.33
CA SER C 126 -1.66 -17.02 -21.12
CA SER C 126 -1.69 -17.02 -21.11
C SER C 126 -2.45 -17.72 -22.21
C SER C 126 -2.46 -17.73 -22.22
N GLU C 127 -1.82 -18.68 -22.91
CA GLU C 127 -2.50 -19.36 -24.02
C GLU C 127 -3.62 -20.25 -23.51
N GLU C 128 -3.44 -20.90 -22.35
CA GLU C 128 -4.56 -21.67 -21.82
C GLU C 128 -5.71 -20.78 -21.40
N GLU C 129 -5.43 -19.57 -20.88
CA GLU C 129 -6.53 -18.65 -20.59
C GLU C 129 -7.26 -18.29 -21.88
N HIS C 130 -6.52 -18.16 -22.98
CA HIS C 130 -7.17 -17.83 -24.25
C HIS C 130 -8.03 -19.01 -24.74
N ILE C 131 -7.55 -20.23 -24.56
CA ILE C 131 -8.36 -21.41 -24.87
C ILE C 131 -9.65 -21.41 -24.05
N ASP C 132 -9.54 -21.16 -22.74
CA ASP C 132 -10.75 -21.08 -21.92
C ASP C 132 -11.74 -20.07 -22.49
N TYR C 133 -11.26 -18.87 -22.81
CA TYR C 133 -12.12 -17.85 -23.39
C TYR C 133 -12.80 -18.36 -24.65
N LEU C 134 -12.02 -18.98 -25.53
CA LEU C 134 -12.55 -19.43 -26.83
C LEU C 134 -13.56 -20.54 -26.67
N GLU C 135 -13.20 -21.59 -25.89
CA GLU C 135 -14.13 -22.67 -25.65
C GLU C 135 -15.42 -22.15 -25.03
N THR C 136 -15.31 -21.15 -24.16
CA THR C 136 -16.49 -20.55 -23.55
C THR C 136 -17.34 -19.80 -24.55
N GLN C 137 -16.72 -19.06 -25.47
CA GLN C 137 -17.54 -18.35 -26.45
C GLN C 137 -18.31 -19.34 -27.33
N LEU C 138 -17.65 -20.40 -27.78
CA LEU C 138 -18.31 -21.41 -28.60
C LEU C 138 -19.44 -22.09 -27.84
N GLY C 139 -19.20 -22.37 -26.54
CA GLY C 139 -20.27 -22.88 -25.70
C GLY C 139 -21.44 -21.92 -25.58
N LEU C 140 -21.16 -20.61 -25.41
CA LEU C 140 -22.25 -19.64 -25.27
C LEU C 140 -23.09 -19.59 -26.54
N ILE C 141 -22.45 -19.69 -27.70
CA ILE C 141 -23.22 -19.65 -28.94
C ILE C 141 -24.30 -20.73 -28.92
N GLN C 142 -23.98 -21.91 -28.36
CA GLN C 142 -24.98 -22.98 -28.26
C GLN C 142 -26.06 -22.66 -27.23
N LYS C 143 -25.69 -22.06 -26.09
CA LYS C 143 -26.66 -21.86 -25.02
C LYS C 143 -27.60 -20.69 -25.29
N VAL C 144 -27.10 -19.60 -25.89
CA VAL C 144 -27.93 -18.40 -26.04
C VAL C 144 -28.42 -18.22 -27.46
N GLY C 145 -27.86 -18.96 -28.41
CA GLY C 145 -28.17 -18.83 -29.82
C GLY C 145 -27.25 -17.85 -30.49
N LEU C 146 -27.03 -18.05 -31.80
CA LEU C 146 -26.04 -17.23 -32.50
C LEU C 146 -26.47 -15.78 -32.56
N GLU C 147 -27.76 -15.49 -32.80
CA GLU C 147 -28.21 -14.11 -32.90
C GLU C 147 -28.05 -13.38 -31.57
N ASN C 148 -28.43 -14.03 -30.48
CA ASN C 148 -28.22 -13.44 -29.17
C ASN C 148 -26.74 -13.27 -28.88
N TYR C 149 -25.93 -14.25 -29.24
CA TYR C 149 -24.51 -14.14 -28.94
C TYR C 149 -23.93 -12.92 -29.64
N LEU C 150 -24.27 -12.75 -30.92
CA LEU C 150 -23.77 -11.58 -31.63
C LEU C 150 -24.35 -10.30 -31.07
N GLN C 151 -25.64 -10.30 -30.69
CA GLN C 151 -26.25 -9.10 -30.14
C GLN C 151 -25.53 -8.65 -28.89
N SER C 152 -25.16 -9.59 -28.03
CA SER C 152 -24.43 -9.27 -26.81
C SER C 152 -23.03 -8.75 -27.07
N HIS C 153 -22.51 -8.90 -28.29
CA HIS C 153 -21.17 -8.42 -28.61
C HIS C 153 -21.17 -7.20 -29.54
N MET C 154 -22.32 -6.54 -29.71
CA MET C 154 -22.37 -5.32 -30.52
C MET C 154 -21.71 -4.14 -29.80
N HIS C 155 -22.05 -3.92 -28.55
CA HIS C 155 -21.68 -2.72 -27.83
C HIS C 155 -20.64 -3.04 -26.78
N GLU C 156 -19.66 -2.14 -26.62
CA GLU C 156 -18.68 -2.29 -25.55
C GLU C 156 -19.26 -1.80 -24.21
N MET D 1 37.46 35.10 26.51
CA MET D 1 38.17 34.08 27.36
C MET D 1 39.62 33.98 26.86
N LYS D 2 40.61 34.21 27.71
CA LYS D 2 41.96 34.46 27.20
C LYS D 2 42.57 33.14 26.72
N GLY D 3 42.86 33.07 25.43
CA GLY D 3 43.43 31.86 24.87
C GLY D 3 44.96 31.81 24.94
N ASP D 4 45.47 30.59 24.75
CA ASP D 4 46.89 30.33 24.65
C ASP D 4 47.48 31.07 23.43
N LYS D 5 48.55 31.83 23.67
CA LYS D 5 49.11 32.68 22.63
C LYS D 5 49.47 31.87 21.38
N LYS D 6 50.08 30.71 21.56
CA LYS D 6 50.51 29.92 20.42
C LYS D 6 49.33 29.21 19.72
N VAL D 7 48.28 28.81 20.45
CA VAL D 7 47.07 28.35 19.77
C VAL D 7 46.55 29.44 18.81
N ILE D 8 46.47 30.68 19.30
CA ILE D 8 45.95 31.76 18.47
C ILE D 8 46.85 31.98 17.25
N GLN D 9 48.17 31.91 17.45
CA GLN D 9 49.09 31.99 16.31
C GLN D 9 48.83 30.87 15.30
N HIS D 10 48.61 29.64 15.79
CA HIS D 10 48.22 28.55 14.90
C HIS D 10 46.90 28.86 14.21
N LEU D 11 45.93 29.38 14.95
CA LEU D 11 44.63 29.65 14.34
C LEU D 11 44.76 30.70 13.24
N ASN D 12 45.61 31.71 13.45
CA ASN D 12 45.84 32.71 12.42
C ASN D 12 46.57 32.11 11.22
N LYS D 13 47.48 31.17 11.44
CA LYS D 13 48.13 30.52 10.30
C LYS D 13 47.13 29.72 9.48
N ILE D 14 46.23 28.99 10.15
CA ILE D 14 45.20 28.27 9.42
C ILE D 14 44.29 29.24 8.69
N LEU D 15 43.87 30.31 9.38
CA LEU D 15 43.08 31.36 8.74
C LEU D 15 43.78 31.90 7.49
N GLY D 16 45.10 32.11 7.58
CA GLY D 16 45.85 32.58 6.42
C GLY D 16 45.75 31.63 5.24
N ASN D 17 45.86 30.34 5.51
CA ASN D 17 45.70 29.33 4.48
C ASN D 17 44.32 29.38 3.87
N GLU D 18 43.29 29.57 4.69
CA GLU D 18 41.92 29.60 4.16
C GLU D 18 41.71 30.82 3.27
N LEU D 19 42.34 31.94 3.62
CA LEU D 19 42.19 33.17 2.85
C LEU D 19 42.85 33.02 1.47
N ILE D 20 43.99 32.33 1.41
CA ILE D 20 44.57 31.98 0.12
C ILE D 20 43.59 31.16 -0.69
N ALA D 21 43.05 30.10 -0.07
CA ALA D 21 42.22 29.16 -0.80
C ALA D 21 40.94 29.82 -1.32
N ILE D 22 40.32 30.67 -0.50
CA ILE D 22 39.13 31.41 -0.95
C ILE D 22 39.40 32.08 -2.29
N ASN D 23 40.46 32.91 -2.34
CA ASN D 23 40.74 33.65 -3.57
C ASN D 23 41.16 32.74 -4.72
N GLN D 24 42.05 31.78 -4.44
CA GLN D 24 42.50 30.86 -5.47
C GLN D 24 41.33 30.09 -6.05
N TYR D 25 40.45 29.56 -5.20
CA TYR D 25 39.34 28.78 -5.72
C TYR D 25 38.34 29.69 -6.43
N PHE D 26 38.13 30.90 -5.90
CA PHE D 26 37.17 31.78 -6.56
C PHE D 26 37.66 32.14 -7.96
N LEU D 27 38.94 32.45 -8.09
CA LEU D 27 39.47 32.80 -9.41
C LEU D 27 39.43 31.62 -10.36
N HIS D 28 39.88 30.44 -9.90
CA HIS D 28 39.76 29.26 -10.73
C HIS D 28 38.32 29.03 -11.18
N SER D 29 37.37 29.21 -10.25
CA SER D 29 35.96 29.05 -10.63
C SER D 29 35.60 29.95 -11.79
N ARG D 30 35.91 31.24 -11.67
CA ARG D 30 35.51 32.20 -12.68
C ARG D 30 36.31 32.01 -13.96
N MET D 31 37.55 31.54 -13.86
CA MET D 31 38.27 31.17 -15.08
C MET D 31 37.56 30.05 -15.83
N TRP D 32 37.16 29.00 -15.09
CA TRP D 32 36.48 27.86 -15.70
C TRP D 32 35.12 28.28 -16.30
N ASN D 33 34.40 29.19 -15.64
CA ASN D 33 33.16 29.69 -16.24
C ASN D 33 33.43 30.46 -17.53
N ASP D 34 34.45 31.33 -17.50
CA ASP D 34 34.82 32.07 -18.70
C ASP D 34 35.15 31.14 -19.85
N TRP D 35 35.75 29.98 -19.56
CA TRP D 35 36.13 29.02 -20.59
C TRP D 35 34.99 28.11 -21.01
N GLY D 36 33.83 28.22 -20.36
CA GLY D 36 32.71 27.40 -20.72
C GLY D 36 32.67 26.06 -20.05
N LEU D 37 33.51 25.84 -19.04
CA LEU D 37 33.51 24.60 -18.28
C LEU D 37 32.68 24.80 -17.01
N LYS D 38 31.36 24.93 -17.20
CA LYS D 38 30.55 25.48 -16.13
C LYS D 38 30.38 24.50 -14.98
N ARG D 39 30.54 23.20 -15.22
CA ARG D 39 30.42 22.26 -14.10
C ARG D 39 31.63 22.37 -13.18
N LEU D 40 32.82 22.53 -13.76
CA LEU D 40 33.99 22.85 -12.94
C LEU D 40 33.82 24.19 -12.25
N GLY D 41 33.31 25.20 -12.96
CA GLY D 41 33.19 26.50 -12.34
C GLY D 41 32.26 26.45 -11.15
N ALA D 42 31.18 25.69 -11.26
CA ALA D 42 30.21 25.64 -10.18
C ALA D 42 30.77 24.89 -8.99
N HIS D 43 31.44 23.77 -9.25
CA HIS D 43 32.02 22.99 -8.17
C HIS D 43 33.09 23.80 -7.44
N GLU D 44 33.93 24.52 -8.18
CA GLU D 44 35.01 25.29 -7.57
C GLU D 44 34.48 26.49 -6.80
N TYR D 45 33.37 27.08 -7.25
CA TYR D 45 32.72 28.12 -6.47
C TYR D 45 32.25 27.58 -5.11
N HIS D 46 31.70 26.38 -5.09
CA HIS D 46 31.27 25.80 -3.82
C HIS D 46 32.45 25.46 -2.93
N GLU D 47 33.58 25.04 -3.50
CA GLU D 47 34.78 24.90 -2.70
C GLU D 47 35.21 26.23 -2.09
N SER D 48 35.14 27.31 -2.87
CA SER D 48 35.48 28.63 -2.34
C SER D 48 34.56 29.01 -1.18
N ILE D 49 33.25 28.82 -1.34
CA ILE D 49 32.30 29.14 -0.27
C ILE D 49 32.61 28.36 0.98
N ASP D 50 32.96 27.07 0.83
CA ASP D 50 33.29 26.27 2.00
C ASP D 50 34.49 26.85 2.75
N GLU D 51 35.50 27.35 2.02
CA GLU D 51 36.66 27.96 2.66
C GLU D 51 36.31 29.27 3.33
N MET D 52 35.36 30.02 2.75
CA MET D 52 34.84 31.20 3.40
C MET D 52 34.20 30.86 4.75
N LYS D 53 33.45 29.75 4.78
CA LYS D 53 32.77 29.35 6.01
C LYS D 53 33.76 28.95 7.09
N HIS D 54 34.83 28.25 6.70
CA HIS D 54 35.87 27.90 7.66
C HIS D 54 36.57 29.15 8.19
N ALA D 55 36.91 30.07 7.30
CA ALA D 55 37.53 31.32 7.73
C ALA D 55 36.65 32.05 8.74
N ASP D 56 35.33 32.07 8.49
CA ASP D 56 34.41 32.66 9.46
C ASP D 56 34.55 32.03 10.83
N LYS D 57 34.52 30.69 10.89
CA LYS D 57 34.61 30.00 12.17
C LYS D 57 35.93 30.28 12.86
N LEU D 58 37.02 30.33 12.11
CA LEU D 58 38.32 30.65 12.71
C LEU D 58 38.37 32.06 13.27
N ILE D 59 37.86 33.04 12.50
CA ILE D 59 37.78 34.42 12.95
C ILE D 59 36.98 34.51 14.24
N GLU D 60 35.85 33.82 14.28
CA GLU D 60 35.01 33.82 15.48
C GLU D 60 35.75 33.21 16.67
N ARG D 61 36.47 32.10 16.45
CA ARG D 61 37.23 31.47 17.55
C ARG D 61 38.34 32.38 18.07
N ILE D 62 39.13 32.97 17.16
CA ILE D 62 40.22 33.87 17.56
C ILE D 62 39.69 35.03 18.38
N LEU D 63 38.59 35.64 17.94
CA LEU D 63 38.00 36.74 18.70
C LEU D 63 37.51 36.28 20.07
N PHE D 64 36.89 35.08 20.16
CA PHE D 64 36.48 34.58 21.47
C PHE D 64 37.68 34.42 22.40
N LEU D 65 38.80 33.96 21.85
CA LEU D 65 40.01 33.75 22.62
C LEU D 65 40.81 35.03 22.81
N GLU D 66 40.26 36.18 22.42
CA GLU D 66 40.82 37.51 22.66
C GLU D 66 42.11 37.74 21.86
N GLY D 67 42.17 37.15 20.67
CA GLY D 67 43.23 37.40 19.73
C GLY D 67 42.74 38.30 18.60
N LEU D 68 43.69 38.70 17.74
CA LEU D 68 43.37 39.56 16.61
C LEU D 68 43.40 38.71 15.36
N PRO D 69 42.27 38.47 14.68
CA PRO D 69 42.31 37.68 13.44
C PRO D 69 43.06 38.45 12.37
N ASN D 70 44.00 37.78 11.72
CA ASN D 70 44.84 38.42 10.71
C ASN D 70 44.20 38.22 9.35
N LEU D 71 43.51 39.25 8.87
CA LEU D 71 42.98 39.23 7.52
C LEU D 71 43.78 40.11 6.58
N GLN D 72 44.97 40.54 7.02
CA GLN D 72 45.81 41.48 6.26
C GLN D 72 46.87 40.79 5.41
N ASP D 73 47.43 39.67 5.87
CA ASP D 73 48.67 39.11 5.30
C ASP D 73 48.40 37.93 4.35
N LEU D 74 47.93 38.27 3.16
CA LEU D 74 47.56 37.25 2.18
C LEU D 74 48.79 36.61 1.56
N GLY D 75 48.88 35.29 1.67
CA GLY D 75 49.97 34.53 1.08
C GLY D 75 49.82 34.34 -0.42
N LYS D 76 50.68 33.49 -0.98
CA LYS D 76 50.81 33.38 -2.42
C LYS D 76 49.71 32.48 -3.00
N LEU D 77 48.96 33.02 -3.96
CA LEU D 77 48.00 32.21 -4.69
C LEU D 77 48.70 31.32 -5.70
N LEU D 78 48.22 30.08 -5.82
CA LEU D 78 48.68 29.13 -6.84
C LEU D 78 47.63 29.09 -7.95
N ILE D 79 47.82 29.86 -9.01
CA ILE D 79 46.87 29.96 -10.12
C ILE D 79 47.40 29.13 -11.30
N GLY D 80 46.62 28.16 -11.74
CA GLY D 80 47.04 27.38 -12.89
C GLY D 80 46.70 28.08 -14.22
N GLU D 81 47.25 27.56 -15.31
CA GLU D 81 46.98 28.13 -16.63
C GLU D 81 46.14 27.22 -17.51
N ASN D 82 45.80 26.03 -17.03
CA ASN D 82 44.86 25.13 -17.68
C ASN D 82 44.27 24.25 -16.59
N THR D 83 43.27 23.44 -16.96
CA THR D 83 42.46 22.73 -15.98
C THR D 83 43.32 21.80 -15.14
N GLN D 84 44.21 21.05 -15.79
CA GLN D 84 45.08 20.13 -15.08
C GLN D 84 45.91 20.85 -14.02
N GLU D 85 46.55 21.96 -14.41
CA GLU D 85 47.38 22.70 -13.47
C GLU D 85 46.54 23.31 -12.37
N MET D 86 45.34 23.80 -12.69
CA MET D 86 44.55 24.44 -11.65
C MET D 86 44.15 23.41 -10.60
N LEU D 87 43.77 22.21 -11.03
CA LEU D 87 43.44 21.16 -10.07
C LEU D 87 44.67 20.83 -9.24
N GLN D 88 45.84 20.78 -9.89
CA GLN D 88 47.07 20.44 -9.17
C GLN D 88 47.47 21.57 -8.21
N CYS D 89 47.25 22.83 -8.61
CA CYS D 89 47.50 23.94 -7.70
C CYS D 89 46.61 23.85 -6.46
N ASP D 90 45.32 23.57 -6.66
CA ASP D 90 44.44 23.40 -5.50
C ASP D 90 44.95 22.29 -4.61
N LEU D 91 45.38 21.17 -5.20
CA LEU D 91 45.83 20.03 -4.40
C LEU D 91 47.09 20.38 -3.61
N ASN D 92 48.06 21.04 -4.27
CA ASN D 92 49.26 21.46 -3.54
C ASN D 92 48.90 22.36 -2.36
N LEU D 93 47.99 23.30 -2.57
CA LEU D 93 47.51 24.13 -1.47
C LEU D 93 46.88 23.29 -0.37
N GLU D 94 46.05 22.32 -0.74
CA GLU D 94 45.35 21.55 0.29
C GLU D 94 46.33 20.71 1.11
N LEU D 95 47.39 20.20 0.48
CA LEU D 95 48.35 19.39 1.22
C LEU D 95 49.13 20.24 2.22
N LYS D 96 49.50 21.46 1.83
CA LYS D 96 50.09 22.36 2.81
C LYS D 96 49.10 22.68 3.92
N ALA D 97 47.82 22.88 3.58
CA ALA D 97 46.82 23.24 4.59
C ALA D 97 46.66 22.13 5.63
N THR D 98 46.62 20.88 5.19
CA THR D 98 46.39 19.79 6.14
C THR D 98 47.61 19.57 7.02
N LYS D 99 48.82 19.67 6.45
CA LYS D 99 50.03 19.67 7.26
C LYS D 99 49.91 20.67 8.40
N ASP D 100 49.55 21.92 8.07
CA ASP D 100 49.44 22.96 9.07
C ASP D 100 48.33 22.65 10.07
N LEU D 101 47.22 22.09 9.60
CA LEU D 101 46.14 21.70 10.51
C LEU D 101 46.62 20.69 11.55
N ARG D 102 47.35 19.66 11.11
CA ARG D 102 47.84 18.65 12.03
C ARG D 102 48.74 19.26 13.09
N GLU D 103 49.67 20.13 12.70
CA GLU D 103 50.55 20.76 13.68
C GLU D 103 49.78 21.64 14.65
N ALA D 104 48.74 22.33 14.17
CA ALA D 104 47.91 23.12 15.07
C ALA D 104 47.18 22.22 16.07
N ILE D 105 46.69 21.06 15.62
CA ILE D 105 45.93 20.21 16.52
C ILE D 105 46.85 19.65 17.60
N VAL D 106 48.08 19.29 17.21
CA VAL D 106 49.07 18.83 18.19
C VAL D 106 49.17 19.83 19.34
N HIS D 107 49.36 21.10 19.02
CA HIS D 107 49.55 22.07 20.08
C HIS D 107 48.27 22.29 20.88
N CYS D 108 47.11 22.32 20.21
CA CYS D 108 45.86 22.47 20.95
C CYS D 108 45.72 21.37 21.99
N GLU D 109 46.06 20.15 21.60
CA GLU D 109 45.95 19.01 22.51
C GLU D 109 46.89 19.15 23.70
N GLN D 110 48.10 19.65 23.45
CA GLN D 110 49.09 19.79 24.53
C GLN D 110 48.66 20.80 25.57
N VAL D 111 48.04 21.92 25.16
CA VAL D 111 47.66 22.96 26.10
C VAL D 111 46.19 22.83 26.52
N HIS D 112 45.54 21.73 26.15
CA HIS D 112 44.20 21.36 26.62
C HIS D 112 43.10 22.24 26.02
N ASP D 113 43.35 22.83 24.83
CA ASP D 113 42.32 23.60 24.13
C ASP D 113 41.55 22.65 23.23
N TYR D 114 40.69 21.87 23.88
CA TYR D 114 39.99 20.79 23.18
C TYR D 114 38.93 21.30 22.23
N VAL D 115 38.32 22.44 22.53
CA VAL D 115 37.31 22.99 21.62
C VAL D 115 37.98 23.49 20.34
N SER D 116 39.10 24.21 20.46
CA SER D 116 39.85 24.59 19.26
C SER D 116 40.28 23.36 18.47
N ARG D 117 40.76 22.32 19.15
CA ARG D 117 41.11 21.08 18.43
C ARG D 117 39.93 20.56 17.60
N ASP D 118 38.74 20.52 18.21
CA ASP D 118 37.54 19.99 17.56
C ASP D 118 37.19 20.79 16.32
N LEU D 119 37.26 22.13 16.42
CA LEU D 119 37.04 22.98 15.24
C LEU D 119 38.03 22.64 14.15
N LEU D 120 39.31 22.53 14.52
CA LEU D 120 40.33 22.22 13.52
C LEU D 120 40.16 20.83 12.94
N LYS D 121 39.71 19.86 13.74
CA LYS D 121 39.44 18.53 13.22
C LYS D 121 38.32 18.56 12.18
N ASP D 122 37.25 19.33 12.45
CA ASP D 122 36.16 19.46 11.49
C ASP D 122 36.64 20.09 10.17
N ILE D 123 37.48 21.12 10.26
CA ILE D 123 38.05 21.73 9.08
C ILE D 123 38.94 20.73 8.36
N LEU D 124 39.76 19.99 9.10
CA LEU D 124 40.63 18.99 8.48
C LEU D 124 39.80 17.95 7.70
N GLU D 125 38.66 17.54 8.26
CA GLU D 125 37.81 16.58 7.57
C GLU D 125 37.33 17.13 6.24
N SER D 126 36.90 18.39 6.22
N SER D 126 36.89 18.38 6.21
CA SER D 126 36.50 19.04 4.98
CA SER D 126 36.49 18.99 4.95
C SER D 126 37.65 19.15 3.98
C SER D 126 37.67 19.08 3.98
N GLU D 127 38.84 19.50 4.47
CA GLU D 127 39.99 19.58 3.57
C GLU D 127 40.39 18.21 3.02
N GLU D 128 40.28 17.13 3.82
CA GLU D 128 40.59 15.82 3.26
C GLU D 128 39.53 15.41 2.22
N GLU D 129 38.26 15.83 2.42
CA GLU D 129 37.27 15.62 1.37
C GLU D 129 37.68 16.35 0.10
N HIS D 130 38.22 17.55 0.24
CA HIS D 130 38.62 18.28 -0.95
C HIS D 130 39.81 17.58 -1.64
N ILE D 131 40.77 17.08 -0.87
CA ILE D 131 41.86 16.30 -1.46
C ILE D 131 41.33 15.09 -2.22
N ASP D 132 40.35 14.38 -1.64
CA ASP D 132 39.75 13.23 -2.32
C ASP D 132 39.17 13.65 -3.67
N TYR D 133 38.38 14.72 -3.68
CA TYR D 133 37.81 15.23 -4.92
C TYR D 133 38.90 15.53 -5.95
N LEU D 134 39.94 16.26 -5.53
CA LEU D 134 40.98 16.68 -6.46
C LEU D 134 41.76 15.49 -7.02
N GLU D 135 42.23 14.59 -6.15
CA GLU D 135 42.91 13.40 -6.64
C GLU D 135 42.02 12.62 -7.59
N THR D 136 40.72 12.57 -7.31
CA THR D 136 39.83 11.81 -8.17
C THR D 136 39.74 12.47 -9.55
N GLN D 137 39.67 13.81 -9.58
CA GLN D 137 39.58 14.51 -10.87
C GLN D 137 40.83 14.30 -11.69
N LEU D 138 42.00 14.40 -11.07
CA LEU D 138 43.26 14.19 -11.78
C LEU D 138 43.37 12.75 -12.27
N GLY D 139 42.87 11.78 -11.48
CA GLY D 139 42.82 10.41 -11.94
C GLY D 139 41.84 10.21 -13.10
N LEU D 140 40.72 10.94 -13.09
CA LEU D 140 39.76 10.81 -14.19
C LEU D 140 40.33 11.33 -15.50
N ILE D 141 41.14 12.40 -15.44
CA ILE D 141 41.78 12.93 -16.64
C ILE D 141 42.62 11.84 -17.30
N GLN D 142 43.33 11.05 -16.48
CA GLN D 142 44.13 9.95 -16.99
C GLN D 142 43.24 8.85 -17.57
N LYS D 143 42.13 8.54 -16.89
CA LYS D 143 41.32 7.40 -17.27
C LYS D 143 40.46 7.68 -18.51
N VAL D 144 39.86 8.87 -18.62
CA VAL D 144 38.97 9.15 -19.75
C VAL D 144 39.61 10.03 -20.81
N GLY D 145 40.80 10.55 -20.57
CA GLY D 145 41.43 11.48 -21.48
C GLY D 145 41.04 12.91 -21.19
N LEU D 146 41.94 13.83 -21.50
CA LEU D 146 41.70 15.22 -21.16
C LEU D 146 40.50 15.77 -21.93
N GLU D 147 40.35 15.43 -23.21
CA GLU D 147 39.26 16.01 -24.00
C GLU D 147 37.90 15.57 -23.45
N ASN D 148 37.74 14.28 -23.18
CA ASN D 148 36.52 13.76 -22.57
C ASN D 148 36.29 14.37 -21.18
N TYR D 149 37.35 14.49 -20.37
CA TYR D 149 37.18 15.05 -19.04
C TYR D 149 36.62 16.47 -19.12
N LEU D 150 37.22 17.31 -19.96
CA LEU D 150 36.72 18.67 -20.14
C LEU D 150 35.31 18.66 -20.69
N GLN D 151 35.05 17.80 -21.67
CA GLN D 151 33.71 17.73 -22.24
C GLN D 151 32.67 17.49 -21.15
N SER D 152 32.98 16.60 -20.21
CA SER D 152 32.05 16.22 -19.17
C SER D 152 31.83 17.33 -18.17
N HIS D 153 32.61 18.40 -18.23
CA HIS D 153 32.47 19.51 -17.29
C HIS D 153 32.05 20.79 -17.99
N MET D 154 31.53 20.68 -19.22
CA MET D 154 31.00 21.83 -19.93
C MET D 154 29.65 22.27 -19.35
N HIS D 155 28.71 21.34 -19.24
CA HIS D 155 27.35 21.64 -18.82
C HIS D 155 27.14 21.22 -17.38
N GLU D 156 26.33 22.00 -16.67
CA GLU D 156 25.98 21.71 -15.28
C GLU D 156 24.94 20.60 -15.13
N MET E 1 -11.05 -27.56 -22.01
CA MET E 1 -9.83 -28.22 -22.54
C MET E 1 -9.63 -29.59 -21.87
N LYS E 2 -9.77 -30.70 -22.59
CA LYS E 2 -9.77 -32.00 -21.90
C LYS E 2 -8.42 -32.24 -21.23
N GLY E 3 -8.43 -32.45 -19.90
CA GLY E 3 -7.21 -32.72 -19.18
C GLY E 3 -6.94 -34.22 -19.06
N ASP E 4 -5.72 -34.52 -18.64
CA ASP E 4 -5.35 -35.88 -18.27
C ASP E 4 -6.19 -36.40 -17.11
N LYS E 5 -6.71 -37.63 -17.26
CA LYS E 5 -7.68 -38.15 -16.29
C LYS E 5 -7.06 -38.28 -14.91
N LYS E 6 -5.79 -38.70 -14.84
CA LYS E 6 -5.12 -38.86 -13.56
C LYS E 6 -4.64 -37.53 -13.00
N VAL E 7 -4.32 -36.54 -13.83
CA VAL E 7 -4.15 -35.19 -13.27
C VAL E 7 -5.40 -34.79 -12.51
N ILE E 8 -6.56 -34.93 -13.15
CA ILE E 8 -7.80 -34.49 -12.51
C ILE E 8 -8.04 -35.26 -11.22
N GLN E 9 -7.67 -36.55 -11.19
CA GLN E 9 -7.80 -37.31 -9.95
C GLN E 9 -6.90 -36.74 -8.87
N HIS E 10 -5.65 -36.44 -9.20
CA HIS E 10 -4.77 -35.78 -8.23
C HIS E 10 -5.37 -34.45 -7.75
N LEU E 11 -5.83 -33.60 -8.69
CA LEU E 11 -6.39 -32.31 -8.26
C LEU E 11 -7.56 -32.50 -7.32
N ASN E 12 -8.43 -33.48 -7.60
CA ASN E 12 -9.54 -33.73 -6.69
C ASN E 12 -9.06 -34.23 -5.33
N LYS E 13 -7.93 -34.93 -5.32
CA LYS E 13 -7.38 -35.40 -4.04
C LYS E 13 -6.84 -34.21 -3.25
N ILE E 14 -6.10 -33.33 -3.91
CA ILE E 14 -5.68 -32.09 -3.27
C ILE E 14 -6.89 -31.30 -2.78
N LEU E 15 -7.88 -31.13 -3.65
CA LEU E 15 -9.09 -30.43 -3.23
C LEU E 15 -9.70 -31.08 -2.00
N GLY E 16 -9.77 -32.40 -1.97
CA GLY E 16 -10.31 -33.08 -0.80
C GLY E 16 -9.55 -32.72 0.47
N ASN E 17 -8.23 -32.64 0.39
CA ASN E 17 -7.45 -32.24 1.56
C ASN E 17 -7.73 -30.80 1.95
N GLU E 18 -7.84 -29.89 0.95
CA GLU E 18 -8.16 -28.50 1.25
C GLU E 18 -9.51 -28.38 1.94
N LEU E 19 -10.48 -29.20 1.52
CA LEU E 19 -11.81 -29.13 2.11
C LEU E 19 -11.78 -29.55 3.59
N ILE E 20 -10.97 -30.56 3.92
CA ILE E 20 -10.80 -30.95 5.32
C ILE E 20 -10.22 -29.79 6.11
N ALA E 21 -9.16 -29.20 5.57
CA ALA E 21 -8.44 -28.13 6.26
C ALA E 21 -9.34 -26.91 6.47
N ILE E 22 -10.13 -26.54 5.46
CA ILE E 22 -11.11 -25.47 5.66
C ILE E 22 -11.91 -25.69 6.94
N ASN E 23 -12.53 -26.86 7.10
CA ASN E 23 -13.42 -27.09 8.23
C ASN E 23 -12.64 -27.26 9.53
N GLN E 24 -11.51 -27.98 9.48
CA GLN E 24 -10.70 -28.18 10.68
C GLN E 24 -10.20 -26.84 11.21
N TYR E 25 -9.64 -26.01 10.32
CA TYR E 25 -9.13 -24.72 10.76
C TYR E 25 -10.25 -23.78 11.17
N PHE E 26 -11.40 -23.83 10.48
CA PHE E 26 -12.48 -22.95 10.91
C PHE E 26 -12.97 -23.33 12.29
N LEU E 27 -13.16 -24.63 12.54
CA LEU E 27 -13.62 -25.03 13.86
C LEU E 27 -12.57 -24.71 14.92
N HIS E 28 -11.30 -24.99 14.65
CA HIS E 28 -10.26 -24.63 15.62
C HIS E 28 -10.28 -23.14 15.91
N SER E 29 -10.46 -22.32 14.87
CA SER E 29 -10.53 -20.88 15.06
C SER E 29 -11.62 -20.50 16.06
N ARG E 30 -12.82 -21.04 15.85
CA ARG E 30 -13.97 -20.66 16.65
C ARG E 30 -13.87 -21.24 18.06
N MET E 31 -13.21 -22.39 18.20
CA MET E 31 -12.96 -22.89 19.55
C MET E 31 -12.04 -21.94 20.30
N TRP E 32 -10.96 -21.51 19.66
CA TRP E 32 -10.03 -20.59 20.31
C TRP E 32 -10.71 -19.28 20.67
N ASN E 33 -11.56 -18.78 19.78
CA ASN E 33 -12.32 -17.58 20.11
C ASN E 33 -13.22 -17.82 21.32
N ASP E 34 -13.92 -18.96 21.35
CA ASP E 34 -14.78 -19.28 22.47
C ASP E 34 -13.98 -19.30 23.77
N TRP E 35 -12.73 -19.77 23.71
CA TRP E 35 -11.88 -19.83 24.91
C TRP E 35 -11.22 -18.50 25.26
N GLY E 36 -11.45 -17.44 24.48
CA GLY E 36 -10.83 -16.16 24.76
C GLY E 36 -9.43 -16.03 24.24
N LEU E 37 -9.00 -16.92 23.37
CA LEU E 37 -7.67 -16.88 22.77
C LEU E 37 -7.78 -16.29 21.38
N LYS E 38 -8.12 -14.99 21.36
CA LYS E 38 -8.62 -14.37 20.14
C LYS E 38 -7.53 -14.20 19.09
N ARG E 39 -6.27 -14.10 19.50
CA ARG E 39 -5.21 -13.97 18.51
C ARG E 39 -5.01 -15.28 17.77
N LEU E 40 -5.06 -16.40 18.49
CA LEU E 40 -5.05 -17.70 17.82
C LEU E 40 -6.30 -17.85 16.95
N GLY E 41 -7.45 -17.42 17.47
CA GLY E 41 -8.66 -17.58 16.72
C GLY E 41 -8.61 -16.79 15.43
N ALA E 42 -8.06 -15.58 15.49
CA ALA E 42 -7.93 -14.75 14.28
C ALA E 42 -6.95 -15.36 13.28
N HIS E 43 -5.77 -15.79 13.76
CA HIS E 43 -4.78 -16.35 12.86
C HIS E 43 -5.31 -17.62 12.20
N GLU E 44 -6.02 -18.45 12.99
CA GLU E 44 -6.54 -19.70 12.46
C GLU E 44 -7.67 -19.46 11.46
N TYR E 45 -8.49 -18.43 11.70
CA TYR E 45 -9.49 -18.01 10.73
C TYR E 45 -8.83 -17.68 9.40
N HIS E 46 -7.72 -16.94 9.42
CA HIS E 46 -7.06 -16.57 8.17
C HIS E 46 -6.46 -17.79 7.45
N GLU E 47 -5.96 -18.77 8.22
CA GLU E 47 -5.54 -20.03 7.61
C GLU E 47 -6.70 -20.73 6.94
N SER E 48 -7.88 -20.71 7.56
CA SER E 48 -9.06 -21.32 6.93
C SER E 48 -9.39 -20.62 5.62
N ILE E 49 -9.32 -19.30 5.62
CA ILE E 49 -9.62 -18.53 4.40
C ILE E 49 -8.64 -18.87 3.31
N ASP E 50 -7.36 -18.99 3.65
CA ASP E 50 -6.36 -19.30 2.64
CA ASP E 50 -6.35 -19.31 2.65
C ASP E 50 -6.65 -20.65 1.99
N GLU E 51 -7.07 -21.66 2.78
CA GLU E 51 -7.45 -22.94 2.22
C GLU E 51 -8.69 -22.81 1.34
N MET E 52 -9.63 -21.96 1.74
CA MET E 52 -10.79 -21.69 0.91
C MET E 52 -10.38 -21.15 -0.44
N LYS E 53 -9.38 -20.24 -0.47
CA LYS E 53 -8.93 -19.70 -1.75
C LYS E 53 -8.24 -20.76 -2.60
N HIS E 54 -7.46 -21.65 -1.98
CA HIS E 54 -6.85 -22.74 -2.73
C HIS E 54 -7.91 -23.67 -3.29
N ALA E 55 -8.92 -24.00 -2.48
CA ALA E 55 -9.98 -24.86 -2.98
C ALA E 55 -10.63 -24.24 -4.20
N ASP E 56 -10.94 -22.94 -4.12
CA ASP E 56 -11.50 -22.22 -5.28
C ASP E 56 -10.66 -22.45 -6.52
N LYS E 57 -9.35 -22.21 -6.43
CA LYS E 57 -8.51 -22.30 -7.61
C LYS E 57 -8.44 -23.72 -8.15
N LEU E 58 -8.47 -24.71 -7.27
CA LEU E 58 -8.49 -26.10 -7.73
C LEU E 58 -9.80 -26.43 -8.43
N ILE E 59 -10.92 -25.97 -7.87
CA ILE E 59 -12.22 -26.19 -8.50
C ILE E 59 -12.22 -25.57 -9.90
N GLU E 60 -11.70 -24.35 -10.02
CA GLU E 60 -11.69 -23.68 -11.32
C GLU E 60 -10.82 -24.43 -12.32
N ARG E 61 -9.67 -24.92 -11.88
CA ARG E 61 -8.78 -25.68 -12.74
C ARG E 61 -9.42 -26.98 -13.19
N ILE E 62 -10.07 -27.69 -12.26
CA ILE E 62 -10.70 -28.97 -12.61
C ILE E 62 -11.81 -28.77 -13.64
N LEU E 63 -12.66 -27.75 -13.46
CA LEU E 63 -13.71 -27.46 -14.44
C LEU E 63 -13.12 -27.07 -15.79
N PHE E 64 -12.07 -26.25 -15.80
CA PHE E 64 -11.46 -25.90 -17.08
C PHE E 64 -10.97 -27.14 -17.82
N LEU E 65 -10.44 -28.11 -17.06
CA LEU E 65 -9.95 -29.37 -17.63
C LEU E 65 -11.06 -30.37 -17.89
N GLU E 66 -12.31 -29.95 -17.72
CA GLU E 66 -13.50 -30.72 -18.04
C GLU E 66 -13.68 -31.91 -17.11
N GLY E 67 -13.17 -31.80 -15.87
CA GLY E 67 -13.47 -32.73 -14.81
C GLY E 67 -14.61 -32.27 -13.91
N LEU E 68 -14.97 -33.15 -12.97
CA LEU E 68 -16.02 -32.88 -12.00
C LEU E 68 -15.38 -32.64 -10.64
N PRO E 69 -15.32 -31.40 -10.14
CA PRO E 69 -14.75 -31.18 -8.79
C PRO E 69 -15.57 -31.90 -7.74
N ASN E 70 -14.88 -32.68 -6.91
CA ASN E 70 -15.53 -33.43 -5.83
C ASN E 70 -15.56 -32.60 -4.55
N LEU E 71 -16.71 -32.01 -4.24
CA LEU E 71 -16.95 -31.34 -2.96
C LEU E 71 -17.85 -32.17 -2.06
N GLN E 72 -18.11 -33.43 -2.41
CA GLN E 72 -19.08 -34.24 -1.68
C GLN E 72 -18.43 -35.12 -0.64
N ASP E 73 -17.22 -35.60 -0.92
CA ASP E 73 -16.52 -36.52 -0.04
C ASP E 73 -15.66 -35.68 0.89
N LEU E 74 -15.94 -35.76 2.16
CA LEU E 74 -15.19 -35.06 3.17
C LEU E 74 -14.48 -36.09 4.03
N GLY E 75 -13.15 -36.06 4.01
CA GLY E 75 -12.31 -36.84 4.88
C GLY E 75 -12.36 -36.41 6.34
N LYS E 76 -11.56 -37.14 7.13
CA LYS E 76 -11.64 -37.03 8.57
C LYS E 76 -10.99 -35.74 9.06
N LEU E 77 -11.75 -34.95 9.81
CA LEU E 77 -11.21 -33.79 10.51
C LEU E 77 -10.39 -34.25 11.70
N LEU E 78 -9.23 -33.62 11.90
CA LEU E 78 -8.37 -33.85 13.06
C LEU E 78 -8.55 -32.68 14.03
N ILE E 79 -9.43 -32.87 15.02
CA ILE E 79 -9.80 -31.80 15.95
C ILE E 79 -9.11 -32.07 17.28
N GLY E 80 -8.31 -31.12 17.76
CA GLY E 80 -7.74 -31.24 19.08
C GLY E 80 -8.70 -30.87 20.21
N GLU E 81 -8.30 -31.24 21.45
CA GLU E 81 -9.05 -30.88 22.65
C GLU E 81 -8.37 -29.78 23.46
N ASN E 82 -7.18 -29.36 23.08
CA ASN E 82 -6.51 -28.23 23.70
C ASN E 82 -5.62 -27.60 22.64
N THR E 83 -5.04 -26.44 22.98
CA THR E 83 -4.25 -25.68 22.00
C THR E 83 -3.11 -26.52 21.44
N GLN E 84 -2.42 -27.23 22.31
CA GLN E 84 -1.28 -28.02 21.88
C GLN E 84 -1.72 -29.03 20.83
N GLU E 85 -2.84 -29.72 21.10
CA GLU E 85 -3.33 -30.77 20.21
C GLU E 85 -3.86 -30.18 18.91
N MET E 86 -4.50 -29.02 18.99
CA MET E 86 -5.04 -28.40 17.78
C MET E 86 -3.93 -28.07 16.82
N LEU E 87 -2.86 -27.44 17.32
CA LEU E 87 -1.71 -27.12 16.49
C LEU E 87 -1.10 -28.39 15.89
N GLN E 88 -0.93 -29.43 16.69
CA GLN E 88 -0.37 -30.65 16.12
C GLN E 88 -1.31 -31.30 15.13
N CYS E 89 -2.64 -31.23 15.36
CA CYS E 89 -3.57 -31.79 14.38
C CYS E 89 -3.46 -31.07 13.04
N ASP E 90 -3.36 -29.73 13.09
CA ASP E 90 -3.14 -28.96 11.87
C ASP E 90 -1.85 -29.38 11.17
N LEU E 91 -0.77 -29.55 11.96
CA LEU E 91 0.51 -29.92 11.38
C LEU E 91 0.48 -31.31 10.76
N ASN E 92 -0.16 -32.27 11.45
CA ASN E 92 -0.32 -33.59 10.86
C ASN E 92 -1.06 -33.51 9.54
N LEU E 93 -2.15 -32.73 9.50
CA LEU E 93 -2.91 -32.59 8.25
C LEU E 93 -2.05 -31.95 7.16
N GLU E 94 -1.27 -30.92 7.50
CA GLU E 94 -0.42 -30.26 6.51
C GLU E 94 0.65 -31.18 5.98
N LEU E 95 1.16 -32.10 6.81
CA LEU E 95 2.22 -32.97 6.34
C LEU E 95 1.68 -34.01 5.35
N LYS E 96 0.45 -34.46 5.56
CA LYS E 96 -0.17 -35.29 4.53
C LYS E 96 -0.47 -34.48 3.28
N ALA E 97 -0.90 -33.22 3.45
CA ALA E 97 -1.20 -32.36 2.28
C ALA E 97 0.02 -32.19 1.40
N THR E 98 1.17 -31.91 2.00
CA THR E 98 2.32 -31.64 1.16
C THR E 98 2.79 -32.92 0.49
N LYS E 99 2.66 -34.06 1.17
CA LYS E 99 2.94 -35.33 0.52
C LYS E 99 2.11 -35.48 -0.74
N ASP E 100 0.79 -35.26 -0.62
CA ASP E 100 -0.08 -35.46 -1.75
C ASP E 100 0.21 -34.44 -2.85
N LEU E 101 0.55 -33.21 -2.46
CA LEU E 101 0.93 -32.21 -3.45
C LEU E 101 2.15 -32.64 -4.25
N ARG E 102 3.16 -33.17 -3.56
CA ARG E 102 4.39 -33.53 -4.25
C ARG E 102 4.13 -34.64 -5.24
N GLU E 103 3.26 -35.60 -4.89
CA GLU E 103 2.98 -36.71 -5.79
C GLU E 103 2.17 -36.25 -6.99
N ALA E 104 1.29 -35.25 -6.78
CA ALA E 104 0.52 -34.67 -7.87
C ALA E 104 1.42 -33.90 -8.84
N ILE E 105 2.41 -33.16 -8.32
CA ILE E 105 3.32 -32.41 -9.18
C ILE E 105 4.16 -33.37 -10.03
N VAL E 106 4.61 -34.47 -9.42
CA VAL E 106 5.32 -35.50 -10.18
C VAL E 106 4.51 -35.89 -11.40
N HIS E 107 3.22 -36.20 -11.19
CA HIS E 107 2.44 -36.67 -12.32
C HIS E 107 2.23 -35.54 -13.32
N CYS E 108 1.86 -34.36 -12.84
CA CYS E 108 1.69 -33.21 -13.73
C CYS E 108 2.92 -33.03 -14.60
N GLU E 109 4.12 -33.12 -14.02
CA GLU E 109 5.33 -32.97 -14.81
C GLU E 109 5.43 -34.06 -15.87
N GLN E 110 5.00 -35.28 -15.53
CA GLN E 110 5.19 -36.41 -16.44
C GLN E 110 4.32 -36.26 -17.69
N VAL E 111 3.11 -35.75 -17.53
CA VAL E 111 2.20 -35.62 -18.65
C VAL E 111 2.20 -34.21 -19.24
N HIS E 112 3.14 -33.35 -18.83
CA HIS E 112 3.33 -32.01 -19.39
C HIS E 112 2.16 -31.07 -19.08
N ASP E 113 1.45 -31.27 -17.96
CA ASP E 113 0.45 -30.29 -17.53
C ASP E 113 1.18 -29.29 -16.64
N TYR E 114 1.92 -28.41 -17.31
CA TYR E 114 2.81 -27.49 -16.60
C TYR E 114 2.05 -26.38 -15.88
N VAL E 115 0.86 -26.00 -16.36
CA VAL E 115 0.06 -25.00 -15.65
C VAL E 115 -0.53 -25.60 -14.38
N SER E 116 -1.05 -26.83 -14.46
CA SER E 116 -1.49 -27.50 -13.23
C SER E 116 -0.34 -27.64 -12.26
N ARG E 117 0.86 -27.99 -12.76
CA ARG E 117 2.00 -28.06 -11.86
C ARG E 117 2.26 -26.71 -11.19
N ASP E 118 2.23 -25.63 -11.96
CA ASP E 118 2.50 -24.31 -11.38
C ASP E 118 1.48 -23.96 -10.30
N LEU E 119 0.22 -24.30 -10.51
CA LEU E 119 -0.79 -24.06 -9.49
C LEU E 119 -0.47 -24.81 -8.21
N LEU E 120 -0.17 -26.11 -8.34
CA LEU E 120 0.12 -26.93 -7.17
C LEU E 120 1.37 -26.46 -6.46
N LYS E 121 2.36 -25.98 -7.20
CA LYS E 121 3.57 -25.46 -6.56
C LYS E 121 3.25 -24.24 -5.71
N ASP E 122 2.46 -23.30 -6.25
CA ASP E 122 2.02 -22.15 -5.44
C ASP E 122 1.28 -22.60 -4.19
N ILE E 123 0.37 -23.58 -4.32
CA ILE E 123 -0.32 -24.06 -3.13
C ILE E 123 0.66 -24.72 -2.17
N LEU E 124 1.64 -25.48 -2.71
CA LEU E 124 2.65 -26.09 -1.85
C LEU E 124 3.45 -25.04 -1.08
N GLU E 125 3.75 -23.91 -1.73
CA GLU E 125 4.45 -22.84 -1.01
C GLU E 125 3.61 -22.31 0.15
N SER E 126 2.29 -22.12 -0.06
CA SER E 126 1.44 -21.69 1.05
CA SER E 126 1.45 -21.69 1.05
C SER E 126 1.42 -22.73 2.16
N GLU E 127 1.33 -24.02 1.81
CA GLU E 127 1.25 -25.03 2.85
C GLU E 127 2.56 -25.14 3.62
N GLU E 128 3.71 -24.96 2.95
CA GLU E 128 4.97 -24.97 3.68
C GLU E 128 5.08 -23.75 4.60
N GLU E 129 4.53 -22.61 4.19
CA GLU E 129 4.46 -21.48 5.11
C GLU E 129 3.58 -21.81 6.31
N HIS E 130 2.50 -22.55 6.09
CA HIS E 130 1.68 -22.94 7.22
C HIS E 130 2.45 -23.89 8.15
N ILE E 131 3.24 -24.79 7.58
CA ILE E 131 4.03 -25.71 8.41
C ILE E 131 5.04 -24.94 9.23
N ASP E 132 5.71 -23.97 8.60
CA ASP E 132 6.61 -23.07 9.32
C ASP E 132 5.89 -22.42 10.50
N TYR E 133 4.70 -21.83 10.27
CA TYR E 133 3.95 -21.21 11.36
C TYR E 133 3.69 -22.22 12.48
N LEU E 134 3.19 -23.41 12.10
CA LEU E 134 2.80 -24.40 13.08
C LEU E 134 4.00 -24.92 13.89
N GLU E 135 5.09 -25.24 13.20
CA GLU E 135 6.30 -25.69 13.89
C GLU E 135 6.80 -24.64 14.85
N THR E 136 6.71 -23.38 14.43
CA THR E 136 7.17 -22.27 15.25
C THR E 136 6.30 -22.10 16.49
N GLN E 137 4.99 -22.31 16.35
CA GLN E 137 4.12 -22.16 17.50
C GLN E 137 4.41 -23.24 18.52
N LEU E 138 4.60 -24.47 18.04
CA LEU E 138 4.93 -25.53 18.98
C LEU E 138 6.27 -25.30 19.64
N GLY E 139 7.23 -24.72 18.91
CA GLY E 139 8.51 -24.39 19.53
C GLY E 139 8.35 -23.29 20.56
N LEU E 140 7.49 -22.30 20.27
CA LEU E 140 7.29 -21.21 21.23
C LEU E 140 6.65 -21.71 22.51
N ILE E 141 5.70 -22.65 22.39
CA ILE E 141 5.10 -23.22 23.60
C ILE E 141 6.19 -23.78 24.49
N GLN E 142 7.24 -24.35 23.89
CA GLN E 142 8.36 -24.86 24.68
C GLN E 142 9.19 -23.72 25.25
N LYS E 143 9.52 -22.71 24.44
CA LYS E 143 10.47 -21.68 24.84
C LYS E 143 9.88 -20.67 25.82
N VAL E 144 8.61 -20.28 25.67
CA VAL E 144 8.03 -19.33 26.61
C VAL E 144 7.17 -20.02 27.65
N GLY E 145 6.88 -21.31 27.50
CA GLY E 145 5.99 -21.98 28.43
C GLY E 145 4.54 -21.85 28.01
N LEU E 146 3.75 -22.86 28.38
CA LEU E 146 2.37 -22.91 27.89
C LEU E 146 1.56 -21.74 28.41
N GLU E 147 1.67 -21.43 29.71
CA GLU E 147 0.86 -20.34 30.26
C GLU E 147 1.17 -19.03 29.56
N ASN E 148 2.45 -18.73 29.33
CA ASN E 148 2.83 -17.51 28.64
C ASN E 148 2.36 -17.55 27.19
N TYR E 149 2.52 -18.70 26.54
CA TYR E 149 2.11 -18.81 25.14
C TYR E 149 0.63 -18.51 25.00
N LEU E 150 -0.18 -19.10 25.88
CA LEU E 150 -1.62 -18.85 25.83
C LEU E 150 -1.91 -17.40 26.18
N GLN E 151 -1.21 -16.85 27.18
CA GLN E 151 -1.40 -15.45 27.55
C GLN E 151 -1.16 -14.52 26.38
N SER E 152 -0.07 -14.75 25.63
CA SER E 152 0.28 -13.96 24.46
C SER E 152 -0.73 -14.07 23.32
N HIS E 153 -1.71 -14.98 23.40
CA HIS E 153 -2.71 -15.12 22.35
C HIS E 153 -4.12 -14.82 22.82
N MET E 154 -4.25 -14.17 23.98
CA MET E 154 -5.58 -13.76 24.44
C MET E 154 -6.09 -12.58 23.62
N HIS E 155 -5.25 -11.58 23.41
CA HIS E 155 -5.66 -10.32 22.82
C HIS E 155 -5.12 -10.24 21.42
N GLU E 156 -5.91 -9.69 20.52
CA GLU E 156 -5.47 -9.45 19.14
C GLU E 156 -4.54 -8.24 19.04
N MET F 1 10.81 -28.09 9.47
CA MET F 1 10.50 -29.19 8.51
C MET F 1 11.80 -29.85 8.06
N LYS F 2 11.92 -31.16 8.25
CA LYS F 2 13.18 -31.83 7.92
C LYS F 2 13.37 -31.85 6.41
N GLY F 3 14.47 -31.27 5.95
CA GLY F 3 14.80 -31.24 4.54
C GLY F 3 15.80 -32.33 4.16
N ASP F 4 15.91 -32.51 2.85
CA ASP F 4 16.89 -33.42 2.27
C ASP F 4 18.29 -32.92 2.58
N LYS F 5 19.15 -33.82 3.07
CA LYS F 5 20.48 -33.40 3.48
C LYS F 5 21.28 -32.84 2.31
N LYS F 6 21.18 -33.46 1.13
CA LYS F 6 21.94 -32.94 0.00
C LYS F 6 21.35 -31.65 -0.55
N VAL F 7 20.03 -31.47 -0.49
CA VAL F 7 19.47 -30.15 -0.84
C VAL F 7 20.12 -29.09 0.02
N ILE F 8 20.21 -29.35 1.33
CA ILE F 8 20.73 -28.34 2.24
C ILE F 8 22.18 -28.06 1.94
N GLN F 9 22.94 -29.10 1.56
CA GLN F 9 24.32 -28.87 1.12
C GLN F 9 24.36 -28.01 -0.14
N HIS F 10 23.44 -28.24 -1.08
CA HIS F 10 23.42 -27.41 -2.27
C HIS F 10 23.07 -25.97 -1.91
N LEU F 11 22.08 -25.79 -1.03
CA LEU F 11 21.71 -24.43 -0.62
C LEU F 11 22.88 -23.73 0.06
N ASN F 12 23.63 -24.45 0.88
CA ASN F 12 24.79 -23.84 1.51
C ASN F 12 25.87 -23.51 0.49
N LYS F 13 25.96 -24.30 -0.58
CA LYS F 13 26.89 -23.98 -1.66
C LYS F 13 26.46 -22.71 -2.40
N ILE F 14 25.18 -22.58 -2.70
CA ILE F 14 24.70 -21.37 -3.37
C ILE F 14 24.90 -20.17 -2.46
N LEU F 15 24.58 -20.34 -1.17
CA LEU F 15 24.82 -19.29 -0.17
C LEU F 15 26.28 -18.88 -0.17
N GLY F 16 27.19 -19.84 -0.20
CA GLY F 16 28.60 -19.49 -0.24
C GLY F 16 28.96 -18.64 -1.45
N ASN F 17 28.35 -18.95 -2.60
CA ASN F 17 28.62 -18.15 -3.79
C ASN F 17 28.09 -16.72 -3.62
N GLU F 18 26.89 -16.60 -3.06
CA GLU F 18 26.31 -15.27 -2.79
C GLU F 18 27.17 -14.47 -1.82
N LEU F 19 27.69 -15.12 -0.78
CA LEU F 19 28.54 -14.40 0.17
C LEU F 19 29.81 -13.89 -0.50
N ILE F 20 30.37 -14.67 -1.43
CA ILE F 20 31.49 -14.16 -2.20
C ILE F 20 31.08 -12.93 -2.99
N ALA F 21 29.97 -13.03 -3.70
CA ALA F 21 29.51 -11.96 -4.58
C ALA F 21 29.18 -10.69 -3.80
N ILE F 22 28.60 -10.83 -2.62
CA ILE F 22 28.32 -9.65 -1.80
C ILE F 22 29.58 -8.82 -1.63
N ASN F 23 30.65 -9.46 -1.16
CA ASN F 23 31.88 -8.75 -0.86
C ASN F 23 32.59 -8.28 -2.13
N GLN F 24 32.64 -9.13 -3.15
CA GLN F 24 33.31 -8.74 -4.39
C GLN F 24 32.61 -7.54 -5.02
N TYR F 25 31.28 -7.59 -5.10
CA TYR F 25 30.54 -6.45 -5.67
C TYR F 25 30.64 -5.22 -4.78
N PHE F 26 30.65 -5.41 -3.45
CA PHE F 26 30.71 -4.23 -2.60
C PHE F 26 32.05 -3.52 -2.72
N LEU F 27 33.14 -4.27 -2.77
CA LEU F 27 34.44 -3.66 -2.93
C LEU F 27 34.56 -3.01 -4.31
N HIS F 28 34.11 -3.71 -5.37
CA HIS F 28 34.15 -3.12 -6.69
C HIS F 28 33.37 -1.81 -6.71
N SER F 29 32.20 -1.80 -6.08
CA SER F 29 31.42 -0.56 -5.97
C SER F 29 32.25 0.57 -5.37
N ARG F 30 32.87 0.31 -4.21
CA ARG F 30 33.60 1.34 -3.50
C ARG F 30 34.90 1.73 -4.21
N MET F 31 35.50 0.79 -4.96
CA MET F 31 36.64 1.15 -5.81
C MET F 31 36.19 2.11 -6.91
N TRP F 32 35.09 1.80 -7.58
CA TRP F 32 34.61 2.69 -8.63
C TRP F 32 34.25 4.07 -8.05
N ASN F 33 33.63 4.11 -6.87
CA ASN F 33 33.31 5.41 -6.30
C ASN F 33 34.59 6.19 -5.99
N ASP F 34 35.60 5.53 -5.42
CA ASP F 34 36.86 6.20 -5.11
C ASP F 34 37.50 6.80 -6.36
N TRP F 35 37.35 6.11 -7.49
CA TRP F 35 37.90 6.55 -8.78
C TRP F 35 37.03 7.58 -9.48
N GLY F 36 35.90 7.96 -8.89
CA GLY F 36 35.06 8.95 -9.54
C GLY F 36 34.15 8.39 -10.61
N LEU F 37 34.02 7.07 -10.72
CA LEU F 37 33.11 6.45 -11.65
C LEU F 37 31.83 6.08 -10.91
N LYS F 38 31.09 7.13 -10.54
CA LYS F 38 30.00 6.96 -9.59
C LYS F 38 28.82 6.20 -10.18
N ARG F 39 28.63 6.21 -11.50
CA ARG F 39 27.52 5.43 -12.06
C ARG F 39 27.80 3.94 -11.97
N LEU F 40 29.04 3.53 -12.25
CA LEU F 40 29.42 2.14 -12.01
C LEU F 40 29.33 1.82 -10.52
N GLY F 41 29.81 2.72 -9.69
CA GLY F 41 29.77 2.46 -8.25
C GLY F 41 28.36 2.22 -7.75
N ALA F 42 27.40 3.05 -8.20
CA ALA F 42 26.03 2.91 -7.74
C ALA F 42 25.40 1.63 -8.26
N HIS F 43 25.67 1.27 -9.51
CA HIS F 43 25.04 0.08 -10.05
C HIS F 43 25.60 -1.16 -9.34
N GLU F 44 26.89 -1.14 -9.09
CA GLU F 44 27.54 -2.28 -8.46
C GLU F 44 27.14 -2.39 -7.01
N TYR F 45 26.88 -1.26 -6.36
CA TYR F 45 26.27 -1.29 -5.03
C TYR F 45 24.92 -2.00 -5.05
N HIS F 46 24.07 -1.69 -6.02
CA HIS F 46 22.77 -2.35 -6.07
C HIS F 46 22.91 -3.84 -6.37
N GLU F 47 23.93 -4.23 -7.13
CA GLU F 47 24.15 -5.64 -7.39
C GLU F 47 24.50 -6.35 -6.09
N SER F 48 25.36 -5.74 -5.28
CA SER F 48 25.72 -6.27 -3.97
C SER F 48 24.50 -6.44 -3.08
N ILE F 49 23.64 -5.42 -3.03
CA ILE F 49 22.41 -5.49 -2.22
C ILE F 49 21.52 -6.64 -2.70
N ASP F 50 21.41 -6.84 -4.00
CA ASP F 50 20.61 -7.94 -4.50
CA ASP F 50 20.63 -7.95 -4.54
C ASP F 50 21.16 -9.29 -4.02
N GLU F 51 22.47 -9.43 -4.00
CA GLU F 51 23.08 -10.67 -3.51
C GLU F 51 22.83 -10.83 -2.03
N MET F 52 22.90 -9.73 -1.28
CA MET F 52 22.54 -9.78 0.12
C MET F 52 21.12 -10.28 0.31
N LYS F 53 20.18 -9.80 -0.51
CA LYS F 53 18.81 -10.29 -0.42
C LYS F 53 18.73 -11.79 -0.74
N HIS F 54 19.45 -12.25 -1.76
CA HIS F 54 19.42 -13.69 -2.04
C HIS F 54 19.99 -14.48 -0.88
N ALA F 55 21.10 -14.02 -0.30
CA ALA F 55 21.69 -14.73 0.83
C ALA F 55 20.71 -14.83 1.99
N ASP F 56 19.95 -13.76 2.23
CA ASP F 56 18.95 -13.77 3.28
C ASP F 56 17.91 -14.85 3.02
N LYS F 57 17.38 -14.93 1.79
CA LYS F 57 16.35 -15.91 1.53
C LYS F 57 16.92 -17.34 1.66
N LEU F 58 18.17 -17.53 1.28
CA LEU F 58 18.79 -18.86 1.38
C LEU F 58 19.00 -19.25 2.83
N ILE F 59 19.45 -18.30 3.65
CA ILE F 59 19.58 -18.56 5.09
C ILE F 59 18.24 -18.96 5.67
N GLU F 60 17.19 -18.21 5.31
CA GLU F 60 15.86 -18.49 5.85
C GLU F 60 15.38 -19.87 5.44
N ARG F 61 15.65 -20.28 4.18
CA ARG F 61 15.20 -21.59 3.73
C ARG F 61 15.96 -22.71 4.45
N ILE F 62 17.27 -22.54 4.60
CA ILE F 62 18.08 -23.55 5.26
C ILE F 62 17.60 -23.78 6.68
N LEU F 63 17.35 -22.69 7.41
CA LEU F 63 16.90 -22.82 8.79
C LEU F 63 15.54 -23.48 8.86
N PHE F 64 14.64 -23.12 7.95
CA PHE F 64 13.34 -23.76 7.90
C PHE F 64 13.48 -25.27 7.70
N LEU F 65 14.41 -25.69 6.83
CA LEU F 65 14.65 -27.11 6.57
C LEU F 65 15.49 -27.75 7.67
N GLU F 66 15.80 -27.01 8.73
CA GLU F 66 16.48 -27.51 9.93
C GLU F 66 17.93 -27.82 9.67
N GLY F 67 18.52 -27.08 8.73
CA GLY F 67 19.93 -27.11 8.47
C GLY F 67 20.64 -25.94 9.14
N LEU F 68 21.96 -25.96 9.00
CA LEU F 68 22.82 -24.93 9.58
C LEU F 68 23.40 -24.05 8.50
N PRO F 69 22.96 -22.81 8.34
CA PRO F 69 23.57 -21.95 7.33
C PRO F 69 25.04 -21.71 7.64
N ASN F 70 25.86 -21.87 6.61
CA ASN F 70 27.31 -21.69 6.75
C ASN F 70 27.70 -20.30 6.24
N LEU F 71 27.86 -19.35 7.16
CA LEU F 71 28.37 -18.02 6.87
C LEU F 71 29.85 -17.90 7.17
N GLN F 72 30.53 -19.01 7.46
CA GLN F 72 31.90 -18.97 7.95
C GLN F 72 32.94 -19.13 6.84
N ASP F 73 32.67 -20.00 5.87
CA ASP F 73 33.66 -20.46 4.89
C ASP F 73 33.54 -19.58 3.65
N LEU F 74 34.27 -18.49 3.62
CA LEU F 74 34.24 -17.55 2.50
C LEU F 74 35.24 -17.99 1.42
N GLY F 75 34.74 -18.28 0.24
CA GLY F 75 35.57 -18.62 -0.90
C GLY F 75 36.33 -17.41 -1.45
N LYS F 76 37.00 -17.64 -2.58
CA LYS F 76 37.96 -16.67 -3.12
C LYS F 76 37.23 -15.53 -3.84
N LEU F 77 37.54 -14.30 -3.43
CA LEU F 77 37.04 -13.11 -4.12
C LEU F 77 37.84 -12.86 -5.38
N LEU F 78 37.12 -12.56 -6.48
CA LEU F 78 37.74 -12.22 -7.76
C LEU F 78 37.69 -10.70 -7.90
N ILE F 79 38.77 -10.04 -7.47
CA ILE F 79 38.82 -8.58 -7.43
C ILE F 79 39.66 -8.11 -8.60
N GLY F 80 39.08 -7.26 -9.44
CA GLY F 80 39.81 -6.67 -10.53
C GLY F 80 40.58 -5.45 -10.10
N GLU F 81 41.47 -5.00 -10.98
CA GLU F 81 42.26 -3.82 -10.70
C GLU F 81 41.96 -2.71 -11.68
N ASN F 82 41.11 -2.97 -12.66
CA ASN F 82 40.63 -1.94 -13.57
C ASN F 82 39.21 -2.28 -13.97
N THR F 83 38.54 -1.32 -14.60
CA THR F 83 37.12 -1.48 -14.88
C THR F 83 36.84 -2.73 -15.72
N GLN F 84 37.55 -2.90 -16.84
CA GLN F 84 37.28 -4.06 -17.68
C GLN F 84 37.47 -5.35 -16.91
N GLU F 85 38.54 -5.42 -16.14
CA GLU F 85 38.83 -6.63 -15.36
C GLU F 85 37.79 -6.86 -14.27
N MET F 86 37.35 -5.81 -13.58
CA MET F 86 36.35 -6.00 -12.54
C MET F 86 35.08 -6.56 -13.13
N LEU F 87 34.66 -6.06 -14.30
CA LEU F 87 33.45 -6.57 -14.93
C LEU F 87 33.62 -8.03 -15.32
N GLN F 88 34.79 -8.37 -15.87
CA GLN F 88 35.08 -9.75 -16.25
C GLN F 88 35.13 -10.65 -15.01
N CYS F 89 35.69 -10.16 -13.92
CA CYS F 89 35.66 -10.93 -12.67
C CYS F 89 34.23 -11.18 -12.18
N ASP F 90 33.37 -10.15 -12.21
CA ASP F 90 31.97 -10.37 -11.85
C ASP F 90 31.33 -11.40 -12.77
N LEU F 91 31.61 -11.31 -14.08
CA LEU F 91 31.04 -12.25 -15.03
C LEU F 91 31.52 -13.67 -14.77
N ASN F 92 32.82 -13.84 -14.55
CA ASN F 92 33.36 -15.16 -14.23
C ASN F 92 32.68 -15.74 -13.00
N LEU F 93 32.51 -14.91 -11.97
CA LEU F 93 31.86 -15.37 -10.75
C LEU F 93 30.41 -15.75 -11.02
N GLU F 94 29.71 -14.96 -11.84
CA GLU F 94 28.31 -15.26 -12.11
C GLU F 94 28.17 -16.56 -12.90
N LEU F 95 29.11 -16.85 -13.80
CA LEU F 95 29.00 -18.07 -14.59
C LEU F 95 29.24 -19.30 -13.71
N LYS F 96 30.16 -19.19 -12.76
CA LYS F 96 30.28 -20.24 -11.73
C LYS F 96 28.98 -20.36 -10.94
N ALA F 97 28.39 -19.21 -10.54
CA ALA F 97 27.19 -19.25 -9.71
C ALA F 97 26.03 -19.91 -10.43
N THR F 98 25.85 -19.63 -11.72
CA THR F 98 24.71 -20.22 -12.41
C THR F 98 24.92 -21.73 -12.64
N LYS F 99 26.16 -22.13 -12.91
CA LYS F 99 26.45 -23.56 -13.02
C LYS F 99 25.99 -24.28 -11.77
N ASP F 100 26.27 -23.70 -10.60
CA ASP F 100 25.91 -24.34 -9.34
C ASP F 100 24.41 -24.29 -9.12
N LEU F 101 23.75 -23.21 -9.51
CA LEU F 101 22.30 -23.16 -9.36
C LEU F 101 21.62 -24.26 -10.17
N ARG F 102 22.06 -24.48 -11.40
CA ARG F 102 21.41 -25.52 -12.20
C ARG F 102 21.58 -26.89 -11.56
N GLU F 103 22.79 -27.19 -11.08
CA GLU F 103 23.03 -28.47 -10.44
C GLU F 103 22.17 -28.61 -9.18
N ALA F 104 22.03 -27.53 -8.42
CA ALA F 104 21.18 -27.57 -7.24
C ALA F 104 19.71 -27.78 -7.62
N ILE F 105 19.25 -27.12 -8.70
CA ILE F 105 17.85 -27.28 -9.10
C ILE F 105 17.57 -28.72 -9.51
N VAL F 106 18.49 -29.32 -10.27
CA VAL F 106 18.31 -30.70 -10.69
C VAL F 106 18.07 -31.59 -9.46
N HIS F 107 18.87 -31.38 -8.42
CA HIS F 107 18.72 -32.21 -7.23
C HIS F 107 17.43 -31.93 -6.50
N CYS F 108 17.05 -30.66 -6.34
CA CYS F 108 15.75 -30.38 -5.74
C CYS F 108 14.63 -31.09 -6.49
N GLU F 109 14.67 -31.07 -7.82
CA GLU F 109 13.64 -31.75 -8.60
C GLU F 109 13.64 -33.24 -8.30
N GLN F 110 14.82 -33.84 -8.28
CA GLN F 110 14.91 -35.29 -8.07
C GLN F 110 14.29 -35.72 -6.74
N VAL F 111 14.49 -34.93 -5.67
CA VAL F 111 13.94 -35.28 -4.36
C VAL F 111 12.62 -34.56 -4.08
N HIS F 112 12.05 -33.84 -5.05
CA HIS F 112 10.72 -33.29 -4.96
C HIS F 112 10.63 -32.08 -4.02
N ASP F 113 11.74 -31.38 -3.79
CA ASP F 113 11.73 -30.13 -2.99
C ASP F 113 11.44 -28.99 -3.98
N TYR F 114 10.18 -28.89 -4.35
CA TYR F 114 9.76 -27.97 -5.40
C TYR F 114 9.77 -26.53 -4.93
N VAL F 115 9.66 -26.31 -3.61
CA VAL F 115 9.72 -24.94 -3.11
C VAL F 115 11.15 -24.44 -3.14
N SER F 116 12.11 -25.27 -2.71
CA SER F 116 13.50 -24.89 -2.85
C SER F 116 13.87 -24.65 -4.31
N ARG F 117 13.39 -25.50 -5.19
CA ARG F 117 13.65 -25.31 -6.61
C ARG F 117 13.18 -23.93 -7.06
N ASP F 118 11.95 -23.57 -6.67
CA ASP F 118 11.37 -22.30 -7.10
C ASP F 118 12.18 -21.12 -6.58
N LEU F 119 12.62 -21.17 -5.33
CA LEU F 119 13.54 -20.17 -4.82
C LEU F 119 14.80 -20.09 -5.66
N LEU F 120 15.39 -21.24 -5.99
CA LEU F 120 16.63 -21.23 -6.73
C LEU F 120 16.40 -20.74 -8.15
N LYS F 121 15.22 -21.02 -8.70
CA LYS F 121 14.89 -20.54 -10.02
C LYS F 121 14.81 -19.02 -10.02
N ASP F 122 14.20 -18.46 -8.98
CA ASP F 122 14.12 -17.00 -8.87
C ASP F 122 15.51 -16.38 -8.78
N ILE F 123 16.39 -16.96 -7.97
CA ILE F 123 17.76 -16.46 -7.86
C ILE F 123 18.45 -16.57 -9.20
N LEU F 124 18.23 -17.67 -9.91
CA LEU F 124 18.89 -17.87 -11.21
C LEU F 124 18.45 -16.80 -12.21
N GLU F 125 17.18 -16.44 -12.19
CA GLU F 125 16.69 -15.35 -13.04
C GLU F 125 17.43 -14.06 -12.75
N SER F 126 17.63 -13.74 -11.47
N SER F 126 17.64 -13.75 -11.47
CA SER F 126 18.39 -12.55 -11.12
CA SER F 126 18.39 -12.55 -11.09
C SER F 126 19.83 -12.65 -11.59
C SER F 126 19.84 -12.64 -11.54
N GLU F 127 20.48 -13.81 -11.42
CA GLU F 127 21.88 -13.89 -11.84
C GLU F 127 22.01 -13.83 -13.37
N GLU F 128 21.04 -14.36 -14.11
CA GLU F 128 21.09 -14.24 -15.55
C GLU F 128 20.83 -12.81 -16.00
N GLU F 129 20.05 -12.04 -15.24
CA GLU F 129 19.97 -10.61 -15.52
C GLU F 129 21.31 -9.93 -15.28
N HIS F 130 22.04 -10.36 -14.25
CA HIS F 130 23.33 -9.74 -13.99
C HIS F 130 24.33 -10.09 -15.10
N ILE F 131 24.29 -11.34 -15.58
CA ILE F 131 25.12 -11.73 -16.70
C ILE F 131 24.81 -10.87 -17.92
N ASP F 132 23.54 -10.66 -18.22
CA ASP F 132 23.14 -9.80 -19.34
C ASP F 132 23.73 -8.40 -19.19
N TYR F 133 23.56 -7.80 -18.02
CA TYR F 133 24.18 -6.50 -17.75
C TYR F 133 25.69 -6.56 -17.99
N LEU F 134 26.35 -7.58 -17.47
CA LEU F 134 27.80 -7.61 -17.56
C LEU F 134 28.28 -7.76 -19.02
N GLU F 135 27.71 -8.72 -19.73
CA GLU F 135 28.07 -8.94 -21.13
C GLU F 135 27.81 -7.68 -21.94
N THR F 136 26.74 -6.97 -21.62
CA THR F 136 26.41 -5.73 -22.32
C THR F 136 27.45 -4.64 -22.03
N GLN F 137 27.86 -4.49 -20.77
CA GLN F 137 28.90 -3.51 -20.45
C GLN F 137 30.18 -3.81 -21.21
N LEU F 138 30.59 -5.08 -21.20
CA LEU F 138 31.80 -5.47 -21.90
C LEU F 138 31.68 -5.20 -23.39
N GLY F 139 30.51 -5.51 -23.98
CA GLY F 139 30.28 -5.17 -25.38
C GLY F 139 30.34 -3.68 -25.65
N LEU F 140 29.78 -2.88 -24.74
CA LEU F 140 29.81 -1.43 -24.93
C LEU F 140 31.25 -0.92 -24.92
N ILE F 141 32.09 -1.48 -24.05
CA ILE F 141 33.47 -1.05 -24.03
C ILE F 141 34.10 -1.26 -25.41
N GLN F 142 33.72 -2.34 -26.08
CA GLN F 142 34.27 -2.58 -27.41
C GLN F 142 33.69 -1.62 -28.44
N LYS F 143 32.40 -1.25 -28.29
CA LYS F 143 31.73 -0.44 -29.31
C LYS F 143 32.03 1.04 -29.18
N VAL F 144 32.04 1.60 -27.97
CA VAL F 144 32.26 3.03 -27.78
C VAL F 144 33.70 3.36 -27.40
N GLY F 145 34.52 2.36 -27.09
CA GLY F 145 35.89 2.61 -26.64
C GLY F 145 35.97 2.82 -25.13
N LEU F 146 37.10 2.41 -24.53
CA LEU F 146 37.18 2.43 -23.07
C LEU F 146 36.99 3.84 -22.51
N GLU F 147 37.68 4.84 -23.09
CA GLU F 147 37.63 6.20 -22.54
C GLU F 147 36.21 6.77 -22.56
N ASN F 148 35.47 6.59 -23.66
CA ASN F 148 34.06 6.99 -23.65
C ASN F 148 33.24 6.19 -22.66
N TYR F 149 33.46 4.87 -22.60
CA TYR F 149 32.68 4.06 -21.67
C TYR F 149 32.82 4.59 -20.25
N LEU F 150 34.07 4.84 -19.83
CA LEU F 150 34.32 5.36 -18.50
C LEU F 150 33.71 6.73 -18.33
N GLN F 151 33.90 7.61 -19.31
CA GLN F 151 33.30 8.95 -19.28
C GLN F 151 31.81 8.87 -18.98
N SER F 152 31.12 7.95 -19.64
CA SER F 152 29.68 7.79 -19.49
C SER F 152 29.30 7.23 -18.12
N HIS F 153 30.26 6.81 -17.32
CA HIS F 153 29.96 6.30 -15.98
C HIS F 153 30.52 7.16 -14.86
N MET F 154 31.01 8.35 -15.17
CA MET F 154 31.46 9.26 -14.13
C MET F 154 30.31 9.77 -13.28
N HIS F 155 29.23 10.20 -13.92
CA HIS F 155 28.09 10.83 -13.26
C HIS F 155 26.90 9.88 -13.19
N GLU F 156 26.13 9.99 -12.11
CA GLU F 156 24.95 9.14 -11.93
C GLU F 156 23.77 9.48 -12.84
N MET G 1 -13.35 37.70 -51.21
CA MET G 1 -12.42 37.24 -52.28
C MET G 1 -13.24 36.58 -53.39
N LYS G 2 -13.15 37.04 -54.63
CA LYS G 2 -14.08 36.58 -55.65
C LYS G 2 -13.76 35.14 -56.05
N GLY G 3 -14.70 34.22 -55.77
CA GLY G 3 -14.49 32.83 -56.13
C GLY G 3 -14.90 32.51 -57.55
N ASP G 4 -14.52 31.30 -57.96
CA ASP G 4 -14.92 30.75 -59.25
C ASP G 4 -16.42 30.48 -59.26
N LYS G 5 -17.11 30.90 -60.33
CA LYS G 5 -18.56 30.76 -60.38
C LYS G 5 -18.99 29.31 -60.26
N LYS G 6 -18.30 28.40 -60.96
CA LYS G 6 -18.69 27.00 -60.93
C LYS G 6 -18.36 26.36 -59.58
N VAL G 7 -17.27 26.77 -58.93
CA VAL G 7 -17.04 26.33 -57.56
C VAL G 7 -18.22 26.69 -56.68
N ILE G 8 -18.68 27.94 -56.78
CA ILE G 8 -19.77 28.38 -55.93
C ILE G 8 -21.03 27.58 -56.23
N GLN G 9 -21.28 27.31 -57.52
CA GLN G 9 -22.41 26.43 -57.88
C GLN G 9 -22.28 25.06 -57.22
N HIS G 10 -21.10 24.47 -57.24
CA HIS G 10 -20.93 23.17 -56.59
C HIS G 10 -21.13 23.26 -55.10
N LEU G 11 -20.54 24.28 -54.47
CA LEU G 11 -20.71 24.45 -53.03
C LEU G 11 -22.20 24.59 -52.67
N ASN G 12 -22.96 25.31 -53.50
CA ASN G 12 -24.39 25.40 -53.24
C ASN G 12 -25.09 24.09 -53.46
N LYS G 13 -24.58 23.25 -54.40
CA LYS G 13 -25.16 21.93 -54.59
C LYS G 13 -24.88 21.04 -53.39
N ILE G 14 -23.67 21.10 -52.84
CA ILE G 14 -23.37 20.36 -51.63
C ILE G 14 -24.22 20.88 -50.47
N LEU G 15 -24.29 22.20 -50.33
CA LEU G 15 -25.17 22.79 -49.32
C LEU G 15 -26.60 22.25 -49.44
N GLY G 16 -27.13 22.19 -50.67
CA GLY G 16 -28.47 21.67 -50.85
C GLY G 16 -28.63 20.25 -50.34
N ASN G 17 -27.62 19.41 -50.58
CA ASN G 17 -27.67 18.04 -50.10
C ASN G 17 -27.68 17.99 -48.57
N GLU G 18 -26.87 18.84 -47.95
CA GLU G 18 -26.82 18.92 -46.50
C GLU G 18 -28.13 19.41 -45.90
N LEU G 19 -28.79 20.39 -46.55
CA LEU G 19 -30.07 20.87 -46.03
C LEU G 19 -31.14 19.79 -46.08
N ILE G 20 -31.13 18.95 -47.12
CA ILE G 20 -31.99 17.76 -47.14
C ILE G 20 -31.64 16.84 -45.98
N ALA G 21 -30.35 16.52 -45.83
CA ALA G 21 -29.93 15.59 -44.78
C ALA G 21 -30.28 16.10 -43.40
N ILE G 22 -30.15 17.41 -43.15
CA ILE G 22 -30.48 17.94 -41.83
C ILE G 22 -31.91 17.56 -41.46
N ASN G 23 -32.85 17.83 -42.37
CA ASN G 23 -34.27 17.60 -42.11
C ASN G 23 -34.62 16.12 -42.11
N GLN G 24 -34.07 15.35 -43.04
CA GLN G 24 -34.34 13.91 -43.07
C GLN G 24 -33.87 13.25 -41.78
N TYR G 25 -32.64 13.54 -41.37
CA TYR G 25 -32.10 12.93 -40.18
C TYR G 25 -32.81 13.43 -38.93
N PHE G 26 -33.14 14.73 -38.87
CA PHE G 26 -33.87 15.21 -37.70
C PHE G 26 -35.23 14.51 -37.56
N LEU G 27 -35.97 14.42 -38.66
CA LEU G 27 -37.27 13.77 -38.58
C LEU G 27 -37.12 12.30 -38.21
N HIS G 28 -36.17 11.59 -38.84
CA HIS G 28 -35.94 10.20 -38.50
C HIS G 28 -35.58 10.04 -37.02
N SER G 29 -34.77 10.96 -36.49
CA SER G 29 -34.40 10.91 -35.08
C SER G 29 -35.65 10.98 -34.23
N ARG G 30 -36.51 11.95 -34.50
CA ARG G 30 -37.69 12.17 -33.66
C ARG G 30 -38.72 11.06 -33.83
N MET G 31 -38.78 10.45 -35.03
CA MET G 31 -39.60 9.25 -35.22
C MET G 31 -39.09 8.12 -34.33
N TRP G 32 -37.78 7.84 -34.38
CA TRP G 32 -37.23 6.77 -33.57
C TRP G 32 -37.45 7.04 -32.08
N ASN G 33 -37.36 8.31 -31.67
CA ASN G 33 -37.61 8.65 -30.27
C ASN G 33 -39.05 8.41 -29.90
N ASP G 34 -39.97 8.79 -30.78
CA ASP G 34 -41.40 8.58 -30.55
C ASP G 34 -41.72 7.09 -30.42
N TRP G 35 -41.01 6.22 -31.13
CA TRP G 35 -41.21 4.77 -31.07
C TRP G 35 -40.50 4.12 -29.89
N GLY G 36 -39.78 4.88 -29.07
CA GLY G 36 -39.04 4.30 -27.97
C GLY G 36 -37.69 3.74 -28.34
N LEU G 37 -37.20 4.02 -29.54
CA LEU G 37 -35.90 3.52 -29.96
C LEU G 37 -34.88 4.66 -29.78
N LYS G 38 -34.59 4.93 -28.50
CA LYS G 38 -33.91 6.17 -28.15
C LYS G 38 -32.43 6.13 -28.53
N ARG G 39 -31.83 4.93 -28.63
CA ARG G 39 -30.44 4.87 -29.05
C ARG G 39 -30.31 5.27 -30.53
N LEU G 40 -31.21 4.79 -31.37
CA LEU G 40 -31.25 5.26 -32.77
C LEU G 40 -31.61 6.73 -32.82
N GLY G 41 -32.59 7.17 -32.01
CA GLY G 41 -32.98 8.57 -32.03
C GLY G 41 -31.83 9.49 -31.70
N ALA G 42 -31.08 9.16 -30.66
CA ALA G 42 -29.96 10.00 -30.26
C ALA G 42 -28.87 9.99 -31.31
N HIS G 43 -28.52 8.82 -31.84
CA HIS G 43 -27.46 8.75 -32.84
C HIS G 43 -27.83 9.52 -34.09
N GLU G 44 -29.09 9.38 -34.53
CA GLU G 44 -29.57 10.11 -35.71
C GLU G 44 -29.64 11.61 -35.46
N TYR G 45 -29.96 12.03 -34.22
CA TYR G 45 -29.89 13.44 -33.87
C TYR G 45 -28.49 13.98 -34.08
N HIS G 46 -27.48 13.25 -33.61
CA HIS G 46 -26.11 13.68 -33.77
C HIS G 46 -25.68 13.70 -35.23
N GLU G 47 -26.24 12.82 -36.07
CA GLU G 47 -25.96 12.89 -37.50
C GLU G 47 -26.52 14.17 -38.11
N SER G 48 -27.75 14.54 -37.71
CA SER G 48 -28.36 15.78 -38.16
C SER G 48 -27.55 17.00 -37.73
N ILE G 49 -27.08 17.03 -36.49
CA ILE G 49 -26.23 18.10 -36.00
C ILE G 49 -24.95 18.20 -36.81
N ASP G 50 -24.34 17.06 -37.16
CA ASP G 50 -23.13 17.11 -37.95
CA ASP G 50 -23.13 17.08 -37.97
C ASP G 50 -23.39 17.74 -39.32
N GLU G 51 -24.52 17.40 -39.94
CA GLU G 51 -24.88 18.02 -41.21
C GLU G 51 -25.13 19.52 -41.05
N MET G 52 -25.71 19.95 -39.92
CA MET G 52 -25.85 21.38 -39.67
C MET G 52 -24.50 22.08 -39.63
N LYS G 53 -23.52 21.47 -38.97
CA LYS G 53 -22.19 22.06 -38.91
C LYS G 53 -21.56 22.14 -40.31
N HIS G 54 -21.75 21.10 -41.13
CA HIS G 54 -21.20 21.16 -42.49
C HIS G 54 -21.86 22.28 -43.29
N ALA G 55 -23.18 22.39 -43.16
CA ALA G 55 -23.91 23.44 -43.86
C ALA G 55 -23.41 24.81 -43.45
N ASP G 56 -23.21 25.01 -42.14
CA ASP G 56 -22.62 26.26 -41.65
C ASP G 56 -21.30 26.56 -42.36
N LYS G 57 -20.39 25.59 -42.39
CA LYS G 57 -19.09 25.87 -43.01
C LYS G 57 -19.25 26.17 -44.51
N LEU G 58 -20.15 25.45 -45.20
CA LEU G 58 -20.37 25.75 -46.61
C LEU G 58 -20.92 27.15 -46.80
N ILE G 59 -21.89 27.55 -45.97
CA ILE G 59 -22.45 28.89 -46.08
C ILE G 59 -21.34 29.94 -45.88
N GLU G 60 -20.50 29.72 -44.89
CA GLU G 60 -19.41 30.65 -44.60
C GLU G 60 -18.45 30.76 -45.77
N ARG G 61 -18.10 29.63 -46.40
CA ARG G 61 -17.18 29.65 -47.53
C ARG G 61 -17.79 30.34 -48.73
N ILE G 62 -19.07 30.06 -49.01
CA ILE G 62 -19.72 30.69 -50.15
C ILE G 62 -19.73 32.21 -49.98
N LEU G 63 -20.03 32.69 -48.76
CA LEU G 63 -20.03 34.13 -48.53
C LEU G 63 -18.64 34.73 -48.67
N PHE G 64 -17.62 34.05 -48.13
CA PHE G 64 -16.25 34.51 -48.31
C PHE G 64 -15.94 34.69 -49.79
N LEU G 65 -16.38 33.73 -50.62
CA LEU G 65 -16.14 33.74 -52.06
C LEU G 65 -17.10 34.65 -52.81
N GLU G 66 -17.91 35.41 -52.08
CA GLU G 66 -18.77 36.44 -52.64
C GLU G 66 -19.89 35.85 -53.48
N GLY G 67 -20.35 34.67 -53.10
CA GLY G 67 -21.52 34.06 -53.68
C GLY G 67 -22.72 34.19 -52.76
N LEU G 68 -23.86 33.75 -53.27
CA LEU G 68 -25.10 33.77 -52.50
C LEU G 68 -25.45 32.37 -52.06
N PRO G 69 -25.40 32.04 -50.76
CA PRO G 69 -25.73 30.69 -50.33
C PRO G 69 -27.22 30.45 -50.53
N ASN G 70 -27.57 29.31 -51.11
CA ASN G 70 -28.97 29.00 -51.43
C ASN G 70 -29.56 28.14 -50.32
N LEU G 71 -30.32 28.78 -49.41
CA LEU G 71 -31.06 28.06 -48.37
C LEU G 71 -32.54 27.93 -48.69
N GLN G 72 -32.95 28.32 -49.90
CA GLN G 72 -34.35 28.38 -50.28
C GLN G 72 -34.84 27.10 -50.94
N ASP G 73 -33.99 26.46 -51.74
CA ASP G 73 -34.42 25.31 -52.52
C ASP G 73 -34.12 24.06 -51.69
N LEU G 74 -35.17 23.38 -51.25
CA LEU G 74 -35.07 22.14 -50.50
C LEU G 74 -35.50 20.99 -51.40
N GLY G 75 -34.56 20.09 -51.68
CA GLY G 75 -34.84 18.86 -52.41
C GLY G 75 -35.66 17.87 -51.61
N LYS G 76 -35.84 16.70 -52.22
CA LYS G 76 -36.80 15.70 -51.75
C LYS G 76 -36.26 14.94 -50.53
N LEU G 77 -37.00 15.01 -49.41
CA LEU G 77 -36.71 14.19 -48.24
C LEU G 77 -37.05 12.72 -48.51
N LEU G 78 -36.13 11.83 -48.13
CA LEU G 78 -36.33 10.38 -48.27
C LEU G 78 -36.67 9.87 -46.87
N ILE G 79 -37.96 9.81 -46.56
CA ILE G 79 -38.43 9.43 -45.22
C ILE G 79 -38.91 7.99 -45.28
N GLY G 80 -38.37 7.16 -44.38
CA GLY G 80 -38.81 5.80 -44.27
C GLY G 80 -40.04 5.64 -43.38
N GLU G 81 -40.62 4.43 -43.43
CA GLU G 81 -41.82 4.08 -42.67
C GLU G 81 -41.52 3.10 -41.56
N ASN G 82 -40.36 2.47 -41.60
CA ASN G 82 -39.90 1.59 -40.55
C ASN G 82 -38.39 1.74 -40.47
N THR G 83 -37.79 1.13 -39.43
CA THR G 83 -36.37 1.33 -39.19
C THR G 83 -35.51 0.91 -40.38
N GLN G 84 -35.77 -0.26 -40.97
CA GLN G 84 -34.96 -0.70 -42.08
C GLN G 84 -35.04 0.28 -43.25
N GLU G 85 -36.25 0.80 -43.54
CA GLU G 85 -36.39 1.72 -44.66
C GLU G 85 -35.69 3.03 -44.37
N MET G 86 -35.85 3.52 -43.15
CA MET G 86 -35.22 4.78 -42.75
C MET G 86 -33.72 4.71 -42.93
N LEU G 87 -33.10 3.64 -42.40
CA LEU G 87 -31.66 3.47 -42.58
C LEU G 87 -31.29 3.47 -44.05
N GLN G 88 -32.07 2.77 -44.89
CA GLN G 88 -31.70 2.69 -46.31
C GLN G 88 -31.92 4.03 -47.02
N CYS G 89 -32.94 4.79 -46.63
CA CYS G 89 -33.11 6.15 -47.13
C CYS G 89 -31.92 7.04 -46.79
N ASP G 90 -31.44 6.96 -45.54
CA ASP G 90 -30.23 7.71 -45.19
C ASP G 90 -29.05 7.30 -46.07
N LEU G 91 -28.89 6.00 -46.29
CA LEU G 91 -27.76 5.53 -47.08
C LEU G 91 -27.89 5.98 -48.53
N ASN G 92 -29.10 5.94 -49.08
CA ASN G 92 -29.29 6.41 -50.44
C ASN G 92 -28.91 7.88 -50.56
N LEU G 93 -29.32 8.69 -49.57
CA LEU G 93 -28.94 10.10 -49.58
C LEU G 93 -27.43 10.29 -49.49
N GLU G 94 -26.77 9.58 -48.56
CA GLU G 94 -25.32 9.74 -48.38
C GLU G 94 -24.56 9.36 -49.63
N LEU G 95 -25.04 8.35 -50.36
CA LEU G 95 -24.35 7.94 -51.57
C LEU G 95 -24.48 9.00 -52.65
N LYS G 96 -25.65 9.64 -52.76
CA LYS G 96 -25.79 10.79 -53.66
C LYS G 96 -24.85 11.91 -53.22
N ALA G 97 -24.79 12.16 -51.90
CA ALA G 97 -23.96 13.25 -51.37
C ALA G 97 -22.48 13.05 -51.68
N THR G 98 -21.95 11.85 -51.50
CA THR G 98 -20.52 11.63 -51.72
C THR G 98 -20.19 11.71 -53.20
N LYS G 99 -21.12 11.32 -54.07
CA LYS G 99 -20.93 11.50 -55.51
C LYS G 99 -20.76 12.97 -55.84
N ASP G 100 -21.68 13.79 -55.34
CA ASP G 100 -21.60 15.22 -55.58
C ASP G 100 -20.34 15.81 -54.97
N LEU G 101 -19.94 15.35 -53.77
CA LEU G 101 -18.73 15.88 -53.16
C LEU G 101 -17.51 15.61 -54.02
N ARG G 102 -17.41 14.41 -54.60
CA ARG G 102 -16.24 14.07 -55.41
C ARG G 102 -16.19 14.91 -56.67
N GLU G 103 -17.35 15.11 -57.31
CA GLU G 103 -17.38 15.94 -58.51
C GLU G 103 -17.01 17.38 -58.19
N ALA G 104 -17.45 17.89 -57.03
CA ALA G 104 -17.08 19.24 -56.63
C ALA G 104 -15.58 19.34 -56.35
N ILE G 105 -14.99 18.29 -55.76
CA ILE G 105 -13.56 18.33 -55.48
C ILE G 105 -12.77 18.38 -56.78
N VAL G 106 -13.20 17.59 -57.78
CA VAL G 106 -12.54 17.63 -59.08
C VAL G 106 -12.49 19.05 -59.62
N HIS G 107 -13.59 19.77 -59.51
CA HIS G 107 -13.62 21.09 -60.11
C HIS G 107 -12.78 22.08 -59.31
N CYS G 108 -12.84 22.01 -57.96
CA CYS G 108 -11.98 22.85 -57.14
C CYS G 108 -10.51 22.67 -57.52
N GLU G 109 -10.10 21.43 -57.73
CA GLU G 109 -8.71 21.15 -58.04
C GLU G 109 -8.34 21.75 -59.37
N GLN G 110 -9.26 21.64 -60.33
CA GLN G 110 -9.01 22.14 -61.68
C GLN G 110 -8.74 23.64 -61.68
N VAL G 111 -9.49 24.40 -60.86
CA VAL G 111 -9.34 25.85 -60.86
C VAL G 111 -8.49 26.32 -59.68
N HIS G 112 -7.84 25.40 -58.96
CA HIS G 112 -6.84 25.74 -57.94
C HIS G 112 -7.46 26.35 -56.70
N ASP G 113 -8.74 26.07 -56.42
CA ASP G 113 -9.35 26.46 -55.15
C ASP G 113 -9.08 25.34 -54.14
N TYR G 114 -7.84 25.32 -53.66
CA TYR G 114 -7.39 24.24 -52.79
C TYR G 114 -8.00 24.32 -51.41
N VAL G 115 -8.38 25.52 -50.96
CA VAL G 115 -9.01 25.62 -49.64
C VAL G 115 -10.42 25.05 -49.69
N SER G 116 -11.20 25.39 -50.74
CA SER G 116 -12.52 24.78 -50.88
C SER G 116 -12.42 23.27 -51.01
N ARG G 117 -11.43 22.78 -51.74
CA ARG G 117 -11.20 21.33 -51.81
C ARG G 117 -10.99 20.74 -50.42
N ASP G 118 -10.14 21.37 -49.60
CA ASP G 118 -9.83 20.81 -48.29
C ASP G 118 -11.08 20.76 -47.41
N LEU G 119 -11.93 21.79 -47.48
CA LEU G 119 -13.20 21.78 -46.78
C LEU G 119 -14.07 20.61 -47.24
N LEU G 120 -14.16 20.42 -48.56
CA LEU G 120 -15.01 19.35 -49.08
C LEU G 120 -14.45 17.99 -48.73
N LYS G 121 -13.13 17.85 -48.70
CA LYS G 121 -12.53 16.59 -48.29
C LYS G 121 -12.93 16.25 -46.86
N ASP G 122 -12.85 17.23 -45.96
CA ASP G 122 -13.23 17.01 -44.57
C ASP G 122 -14.69 16.60 -44.46
N ILE G 123 -15.59 17.26 -45.21
CA ILE G 123 -16.99 16.86 -45.23
C ILE G 123 -17.12 15.44 -45.76
N LEU G 124 -16.40 15.14 -46.86
CA LEU G 124 -16.43 13.79 -47.42
C LEU G 124 -16.02 12.74 -46.39
N GLU G 125 -14.98 13.01 -45.60
CA GLU G 125 -14.58 12.07 -44.56
C GLU G 125 -15.73 11.82 -43.58
N SER G 126 -16.43 12.89 -43.20
N SER G 126 -16.45 12.89 -43.21
CA SER G 126 -17.59 12.76 -42.31
CA SER G 126 -17.58 12.72 -42.31
C SER G 126 -18.69 11.92 -42.94
C SER G 126 -18.71 11.92 -42.94
N GLU G 127 -18.98 12.15 -44.23
CA GLU G 127 -20.05 11.41 -44.91
C GLU G 127 -19.68 9.93 -45.06
N GLU G 128 -18.42 9.62 -45.35
CA GLU G 128 -18.00 8.22 -45.42
C GLU G 128 -18.13 7.55 -44.06
N GLU G 129 -17.86 8.27 -42.97
CA GLU G 129 -18.14 7.71 -41.65
C GLU G 129 -19.63 7.42 -41.46
N HIS G 130 -20.50 8.28 -41.98
N HIS G 130 -20.50 8.32 -41.94
CA HIS G 130 -21.93 7.99 -41.83
CA HIS G 130 -21.94 8.06 -41.89
C HIS G 130 -22.31 6.77 -42.67
C HIS G 130 -22.30 6.80 -42.67
N ILE G 131 -21.74 6.64 -43.86
CA ILE G 131 -21.99 5.46 -44.68
C ILE G 131 -21.52 4.20 -43.96
N ASP G 132 -20.31 4.23 -43.38
CA ASP G 132 -19.85 3.08 -42.58
C ASP G 132 -20.87 2.72 -41.51
N TYR G 133 -21.36 3.70 -40.78
CA TYR G 133 -22.35 3.46 -39.74
C TYR G 133 -23.60 2.80 -40.32
N LEU G 134 -24.14 3.37 -41.41
CA LEU G 134 -25.38 2.86 -41.98
C LEU G 134 -25.21 1.45 -42.51
N GLU G 135 -24.17 1.20 -43.29
CA GLU G 135 -23.92 -0.15 -43.80
C GLU G 135 -23.76 -1.14 -42.66
N THR G 136 -23.12 -0.71 -41.57
CA THR G 136 -22.94 -1.57 -40.42
C THR G 136 -24.28 -1.89 -39.76
N GLN G 137 -25.14 -0.89 -39.57
CA GLN G 137 -26.45 -1.14 -38.98
C GLN G 137 -27.26 -2.12 -39.83
N LEU G 138 -27.27 -1.90 -41.15
CA LEU G 138 -28.02 -2.81 -42.02
C LEU G 138 -27.46 -4.23 -41.97
N GLY G 139 -26.14 -4.39 -41.88
CA GLY G 139 -25.57 -5.71 -41.73
C GLY G 139 -25.89 -6.33 -40.38
N LEU G 140 -25.94 -5.51 -39.33
CA LEU G 140 -26.26 -6.05 -38.01
C LEU G 140 -27.68 -6.56 -37.98
N ILE G 141 -28.58 -5.89 -38.68
CA ILE G 141 -29.96 -6.38 -38.73
C ILE G 141 -29.98 -7.80 -39.29
N GLN G 142 -29.12 -8.07 -40.29
CA GLN G 142 -29.05 -9.42 -40.86
C GLN G 142 -28.39 -10.40 -39.90
N LYS G 143 -27.39 -9.96 -39.13
CA LYS G 143 -26.65 -10.88 -38.28
C LYS G 143 -27.41 -11.23 -36.99
N VAL G 144 -28.07 -10.26 -36.35
CA VAL G 144 -28.71 -10.51 -35.06
C VAL G 144 -30.21 -10.62 -35.17
N GLY G 145 -30.78 -10.35 -36.34
CA GLY G 145 -32.23 -10.28 -36.49
C GLY G 145 -32.82 -8.92 -36.15
N LEU G 146 -33.95 -8.58 -36.78
CA LEU G 146 -34.51 -7.24 -36.59
C LEU G 146 -34.98 -7.03 -35.14
N GLU G 147 -35.65 -8.03 -34.56
CA GLU G 147 -36.13 -7.90 -33.18
C GLU G 147 -34.98 -7.58 -32.21
N ASN G 148 -33.90 -8.36 -32.27
CA ASN G 148 -32.73 -8.08 -31.43
C ASN G 148 -32.12 -6.73 -31.76
N TYR G 149 -32.05 -6.39 -33.05
CA TYR G 149 -31.46 -5.11 -33.43
C TYR G 149 -32.25 -3.95 -32.84
N LEU G 150 -33.58 -4.01 -32.92
CA LEU G 150 -34.37 -2.95 -32.33
C LEU G 150 -34.27 -2.96 -30.81
N GLN G 151 -34.25 -4.16 -30.21
CA GLN G 151 -34.07 -4.25 -28.77
C GLN G 151 -32.83 -3.50 -28.31
N SER G 152 -31.71 -3.73 -29.01
CA SER G 152 -30.44 -3.10 -28.67
C SER G 152 -30.44 -1.59 -28.87
N HIS G 153 -31.46 -1.00 -29.50
CA HIS G 153 -31.49 0.45 -29.71
C HIS G 153 -32.61 1.11 -28.94
N MET G 154 -33.19 0.42 -27.96
CA MET G 154 -34.23 1.02 -27.14
C MET G 154 -33.64 2.03 -26.16
N HIS G 155 -32.60 1.62 -25.44
CA HIS G 155 -31.99 2.39 -24.36
C HIS G 155 -30.69 3.03 -24.82
N GLU G 156 -30.41 4.24 -24.33
CA GLU G 156 -29.18 4.97 -24.66
C GLU G 156 -27.95 4.43 -23.94
N MET H 1 29.15 -2.07 31.58
CA MET H 1 30.58 -2.09 31.11
C MET H 1 31.47 -1.46 32.15
N LYS H 2 32.30 -2.23 32.84
CA LYS H 2 33.02 -1.67 33.98
C LYS H 2 33.98 -0.59 33.51
N GLY H 3 33.81 0.62 34.02
CA GLY H 3 34.66 1.74 33.64
C GLY H 3 35.89 1.87 34.54
N ASP H 4 36.77 2.79 34.14
CA ASP H 4 37.90 3.18 34.97
C ASP H 4 37.42 3.92 36.22
N LYS H 5 37.86 3.47 37.40
CA LYS H 5 37.39 4.09 38.64
C LYS H 5 37.68 5.58 38.70
N LYS H 6 38.85 5.99 38.23
CA LYS H 6 39.17 7.42 38.29
C LYS H 6 38.35 8.21 37.26
N VAL H 7 38.11 7.63 36.08
CA VAL H 7 37.19 8.28 35.14
C VAL H 7 35.84 8.56 35.81
N ILE H 8 35.29 7.54 36.47
CA ILE H 8 33.98 7.70 37.11
C ILE H 8 34.04 8.79 38.16
N GLN H 9 35.14 8.84 38.92
CA GLN H 9 35.31 9.90 39.89
C GLN H 9 35.32 11.27 39.22
N HIS H 10 35.97 11.37 38.06
CA HIS H 10 35.96 12.62 37.29
C HIS H 10 34.54 12.96 36.85
N LEU H 11 33.82 11.98 36.31
CA LEU H 11 32.46 12.21 35.85
C LEU H 11 31.57 12.69 36.99
N ASN H 12 31.77 12.12 38.18
CA ASN H 12 30.97 12.52 39.32
C ASN H 12 31.31 13.94 39.78
N LYS H 13 32.58 14.36 39.61
CA LYS H 13 32.97 15.72 39.94
C LYS H 13 32.34 16.72 38.97
N ILE H 14 32.38 16.41 37.67
CA ILE H 14 31.71 17.24 36.67
C ILE H 14 30.22 17.31 36.95
N LEU H 15 29.61 16.15 37.26
CA LEU H 15 28.19 16.13 37.62
C LEU H 15 27.93 17.04 38.81
N GLY H 16 28.77 16.96 39.83
CA GLY H 16 28.63 17.88 40.94
C GLY H 16 28.62 19.34 40.50
N ASN H 17 29.52 19.70 39.60
CA ASN H 17 29.56 21.06 39.07
C ASN H 17 28.25 21.41 38.33
N GLU H 18 27.74 20.47 37.53
CA GLU H 18 26.49 20.72 36.81
C GLU H 18 25.35 20.93 37.80
N LEU H 19 25.34 20.17 38.90
CA LEU H 19 24.24 20.28 39.87
C LEU H 19 24.25 21.64 40.56
N ILE H 20 25.42 22.14 40.93
CA ILE H 20 25.50 23.53 41.42
C ILE H 20 24.90 24.48 40.39
N ALA H 21 25.34 24.34 39.15
CA ALA H 21 24.96 25.27 38.09
C ALA H 21 23.46 25.22 37.83
N ILE H 22 22.85 24.04 37.86
CA ILE H 22 21.40 23.95 37.68
C ILE H 22 20.70 24.87 38.66
N ASN H 23 21.04 24.73 39.95
CA ASN H 23 20.30 25.44 41.00
C ASN H 23 20.64 26.92 41.00
N GLN H 24 21.91 27.26 40.79
CA GLN H 24 22.32 28.66 40.74
C GLN H 24 21.67 29.40 39.58
N TYR H 25 21.74 28.82 38.36
CA TYR H 25 21.08 29.46 37.21
C TYR H 25 19.56 29.50 37.37
N PHE H 26 18.95 28.46 37.94
CA PHE H 26 17.50 28.50 38.09
C PHE H 26 17.08 29.62 39.06
N LEU H 27 17.78 29.74 40.20
CA LEU H 27 17.48 30.81 41.15
C LEU H 27 17.72 32.18 40.53
N HIS H 28 18.86 32.37 39.89
CA HIS H 28 19.10 33.64 39.19
C HIS H 28 18.00 33.96 38.19
N SER H 29 17.56 32.96 37.42
CA SER H 29 16.47 33.16 36.47
C SER H 29 15.22 33.69 37.16
N ARG H 30 14.81 33.02 38.23
CA ARG H 30 13.58 33.39 38.91
C ARG H 30 13.71 34.72 39.65
N MET H 31 14.92 35.06 40.12
CA MET H 31 15.12 36.41 40.66
C MET H 31 14.94 37.47 39.58
N TRP H 32 15.55 37.26 38.41
CA TRP H 32 15.43 38.24 37.36
C TRP H 32 13.98 38.39 36.93
N ASN H 33 13.24 37.28 36.85
CA ASN H 33 11.82 37.40 36.52
C ASN H 33 11.06 38.18 37.59
N ASP H 34 11.34 37.90 38.86
CA ASP H 34 10.66 38.61 39.94
C ASP H 34 10.92 40.12 39.85
N TRP H 35 12.12 40.53 39.42
CA TRP H 35 12.47 41.95 39.24
C TRP H 35 11.93 42.55 37.94
N GLY H 36 11.26 41.77 37.10
CA GLY H 36 10.78 42.29 35.85
C GLY H 36 11.78 42.27 34.72
N LEU H 37 12.92 41.61 34.89
CA LEU H 37 13.93 41.52 33.85
C LEU H 37 13.78 40.18 33.12
N LYS H 38 12.69 40.10 32.37
CA LYS H 38 12.19 38.83 31.85
C LYS H 38 13.10 38.24 30.76
N ARG H 39 13.78 39.07 29.99
CA ARG H 39 14.71 38.55 28.99
C ARG H 39 15.90 37.86 29.65
N LEU H 40 16.45 38.48 30.69
CA LEU H 40 17.48 37.81 31.47
C LEU H 40 16.94 36.54 32.11
N GLY H 41 15.73 36.60 32.68
CA GLY H 41 15.17 35.44 33.35
C GLY H 41 14.97 34.27 32.38
N ALA H 42 14.49 34.56 31.17
CA ALA H 42 14.28 33.50 30.19
C ALA H 42 15.60 32.92 29.73
N HIS H 43 16.58 33.76 29.46
CA HIS H 43 17.87 33.27 29.02
C HIS H 43 18.53 32.40 30.09
N GLU H 44 18.48 32.85 31.34
CA GLU H 44 19.07 32.12 32.44
C GLU H 44 18.34 30.80 32.69
N TYR H 45 17.02 30.80 32.50
CA TYR H 45 16.26 29.55 32.54
C TYR H 45 16.80 28.55 31.52
N HIS H 46 17.03 29.01 30.30
CA HIS H 46 17.54 28.12 29.28
C HIS H 46 18.94 27.62 29.63
N GLU H 47 19.78 28.45 30.27
CA GLU H 47 21.08 27.97 30.73
C GLU H 47 20.90 26.85 31.76
N SER H 48 19.94 27.00 32.67
CA SER H 48 19.67 26.00 33.69
C SER H 48 19.26 24.67 33.05
N ILE H 49 18.36 24.74 32.07
CA ILE H 49 17.90 23.56 31.36
C ILE H 49 19.08 22.87 30.67
N ASP H 50 19.97 23.67 30.07
CA ASP H 50 21.14 23.10 29.42
CA ASP H 50 21.14 23.09 29.41
C ASP H 50 22.00 22.29 30.39
N GLU H 51 22.23 22.83 31.60
CA GLU H 51 22.98 22.11 32.62
C GLU H 51 22.24 20.84 33.04
N MET H 52 20.92 20.91 33.13
CA MET H 52 20.13 19.73 33.45
C MET H 52 20.35 18.63 32.42
N LYS H 53 20.38 19.00 31.14
CA LYS H 53 20.61 18.01 30.09
C LYS H 53 22.02 17.42 30.20
N HIS H 54 23.03 18.26 30.49
CA HIS H 54 24.37 17.72 30.72
C HIS H 54 24.39 16.77 31.91
N ALA H 55 23.76 17.15 33.03
CA ALA H 55 23.72 16.26 34.19
C ALA H 55 23.09 14.92 33.82
N ASP H 56 22.04 14.95 33.01
CA ASP H 56 21.39 13.73 32.56
C ASP H 56 22.37 12.82 31.82
N LYS H 57 23.12 13.39 30.86
CA LYS H 57 24.06 12.57 30.12
C LYS H 57 25.18 12.01 31.02
N LEU H 58 25.69 12.81 31.95
CA LEU H 58 26.70 12.30 32.88
C LEU H 58 26.18 11.15 33.73
N ILE H 59 24.96 11.30 34.25
CA ILE H 59 24.36 10.24 35.06
C ILE H 59 24.23 8.95 34.26
N GLU H 60 23.74 9.08 33.03
CA GLU H 60 23.60 7.93 32.15
C GLU H 60 24.95 7.28 31.88
N ARG H 61 25.99 8.09 31.65
CA ARG H 61 27.31 7.52 31.37
C ARG H 61 27.86 6.81 32.60
N ILE H 62 27.70 7.42 33.78
CA ILE H 62 28.21 6.80 35.00
C ILE H 62 27.55 5.44 35.23
N LEU H 63 26.22 5.40 35.10
CA LEU H 63 25.51 4.13 35.26
C LEU H 63 25.94 3.10 34.23
N PHE H 64 26.06 3.49 32.96
CA PHE H 64 26.60 2.54 31.97
C PHE H 64 27.93 1.95 32.43
N LEU H 65 28.81 2.79 32.99
CA LEU H 65 30.13 2.35 33.42
C LEU H 65 30.12 1.68 34.80
N GLU H 66 28.93 1.40 35.32
CA GLU H 66 28.72 0.67 36.57
C GLU H 66 29.25 1.44 37.78
N GLY H 67 29.21 2.77 37.71
CA GLY H 67 29.46 3.61 38.85
C GLY H 67 28.16 4.09 39.48
N LEU H 68 28.30 4.82 40.60
CA LEU H 68 27.17 5.37 41.34
C LEU H 68 27.15 6.88 41.15
N PRO H 69 26.19 7.42 40.40
CA PRO H 69 26.14 8.87 40.20
C PRO H 69 25.84 9.58 41.51
N ASN H 70 26.57 10.62 41.82
CA ASN H 70 26.42 11.31 43.11
C ASN H 70 25.51 12.51 42.95
N LEU H 71 24.23 12.38 43.34
CA LEU H 71 23.31 13.51 43.34
C LEU H 71 23.06 14.03 44.74
N GLN H 72 23.84 13.57 45.71
CA GLN H 72 23.60 13.88 47.12
C GLN H 72 24.41 15.06 47.59
N ASP H 73 25.65 15.17 47.13
CA ASP H 73 26.57 16.19 47.61
C ASP H 73 26.42 17.41 46.69
N LEU H 74 25.95 18.49 47.26
CA LEU H 74 25.71 19.73 46.53
C LEU H 74 26.69 20.77 47.04
N GLY H 75 27.55 21.27 46.16
CA GLY H 75 28.52 22.27 46.51
C GLY H 75 27.89 23.66 46.67
N LYS H 76 28.76 24.64 46.86
CA LYS H 76 28.33 25.99 47.21
C LYS H 76 27.74 26.70 46.00
N LEU H 77 26.51 27.22 46.16
CA LEU H 77 25.90 28.07 45.16
C LEU H 77 26.47 29.47 45.30
N LEU H 78 26.79 30.08 44.16
CA LEU H 78 27.27 31.46 44.12
C LEU H 78 26.10 32.32 43.66
N ILE H 79 25.37 32.93 44.61
CA ILE H 79 24.20 33.72 44.29
C ILE H 79 24.53 35.19 44.41
N GLY H 80 24.27 35.97 43.36
CA GLY H 80 24.48 37.41 43.45
C GLY H 80 23.29 38.14 44.08
N GLU H 81 23.53 39.40 44.43
CA GLU H 81 22.46 40.26 44.97
C GLU H 81 21.98 41.29 43.96
N ASN H 82 22.64 41.42 42.81
CA ASN H 82 22.20 42.28 41.74
C ASN H 82 22.70 41.68 40.43
N THR H 83 22.25 42.25 39.31
CA THR H 83 22.53 41.66 38.00
C THR H 83 24.04 41.51 37.75
N GLN H 84 24.81 42.56 38.02
CA GLN H 84 26.25 42.50 37.77
C GLN H 84 26.89 41.37 38.58
N GLU H 85 26.53 41.23 39.86
CA GLU H 85 27.10 40.17 40.66
C GLU H 85 26.65 38.80 40.16
N MET H 86 25.38 38.69 39.78
CA MET H 86 24.87 37.38 39.39
C MET H 86 25.60 36.89 38.15
N LEU H 87 25.78 37.78 37.18
CA LEU H 87 26.53 37.43 35.98
C LEU H 87 27.95 36.99 36.33
N GLN H 88 28.64 37.76 37.18
CA GLN H 88 29.99 37.40 37.58
C GLN H 88 30.03 36.08 38.35
N CYS H 89 29.04 35.85 39.21
CA CYS H 89 28.96 34.57 39.91
C CYS H 89 28.82 33.41 38.93
N ASP H 90 27.96 33.57 37.92
CA ASP H 90 27.85 32.55 36.88
C ASP H 90 29.21 32.34 36.20
N LEU H 91 29.89 33.44 35.86
CA LEU H 91 31.17 33.32 35.16
C LEU H 91 32.22 32.64 36.04
N ASN H 92 32.27 32.99 37.32
CA ASN H 92 33.22 32.32 38.20
C ASN H 92 32.96 30.83 38.25
N LEU H 93 31.69 30.44 38.33
CA LEU H 93 31.32 29.02 38.34
C LEU H 93 31.77 28.32 37.06
N GLU H 94 31.52 28.95 35.91
CA GLU H 94 31.85 28.35 34.63
C GLU H 94 33.34 28.16 34.47
N LEU H 95 34.14 29.10 34.97
CA LEU H 95 35.58 28.97 34.85
C LEU H 95 36.12 27.82 35.69
N LYS H 96 35.53 27.58 36.86
CA LYS H 96 35.85 26.37 37.60
C LYS H 96 35.40 25.14 36.83
N ALA H 97 34.23 25.21 36.20
CA ALA H 97 33.70 24.06 35.47
C ALA H 97 34.60 23.66 34.32
N THR H 98 35.10 24.63 33.56
CA THR H 98 35.93 24.26 32.41
C THR H 98 37.29 23.74 32.84
N LYS H 99 37.86 24.26 33.94
CA LYS H 99 39.10 23.69 34.46
C LYS H 99 38.94 22.21 34.80
N ASP H 100 37.85 21.87 35.50
CA ASP H 100 37.61 20.47 35.84
C ASP H 100 37.35 19.62 34.60
N LEU H 101 36.64 20.16 33.60
CA LEU H 101 36.39 19.37 32.39
C LEU H 101 37.71 19.02 31.70
N ARG H 102 38.64 19.99 31.62
CA ARG H 102 39.91 19.73 30.96
C ARG H 102 40.69 18.66 31.68
N GLU H 103 40.75 18.72 33.02
CA GLU H 103 41.48 17.70 33.77
C GLU H 103 40.84 16.33 33.61
N ALA H 104 39.51 16.27 33.51
CA ALA H 104 38.84 15.00 33.27
C ALA H 104 39.15 14.45 31.89
N ILE H 105 39.17 15.33 30.87
CA ILE H 105 39.49 14.88 29.52
C ILE H 105 40.90 14.31 29.45
N VAL H 106 41.87 14.99 30.05
CA VAL H 106 43.23 14.46 30.13
C VAL H 106 43.21 13.03 30.64
N HIS H 107 42.47 12.78 31.72
CA HIS H 107 42.50 11.43 32.26
C HIS H 107 41.78 10.43 31.36
N CYS H 108 40.63 10.82 30.77
CA CYS H 108 39.96 9.92 29.84
C CYS H 108 40.89 9.51 28.69
N GLU H 109 41.65 10.46 28.17
CA GLU H 109 42.55 10.18 27.07
C GLU H 109 43.62 9.18 27.50
N GLN H 110 44.16 9.36 28.71
CA GLN H 110 45.26 8.50 29.18
C GLN H 110 44.82 7.05 29.32
N VAL H 111 43.58 6.81 29.75
CA VAL H 111 43.09 5.46 29.92
C VAL H 111 42.26 4.98 28.73
N HIS H 112 42.21 5.76 27.64
CA HIS H 112 41.60 5.37 26.37
C HIS H 112 40.07 5.28 26.47
N ASP H 113 39.46 6.04 27.38
CA ASP H 113 38.00 6.12 27.43
C ASP H 113 37.60 7.26 26.49
N TYR H 114 37.62 6.95 25.21
CA TYR H 114 37.44 7.98 24.19
C TYR H 114 35.99 8.45 24.11
N VAL H 115 35.04 7.58 24.47
CA VAL H 115 33.63 7.99 24.48
C VAL H 115 33.35 8.96 25.63
N SER H 116 33.87 8.70 26.83
CA SER H 116 33.72 9.69 27.91
C SER H 116 34.40 10.98 27.55
N ARG H 117 35.57 10.91 26.91
CA ARG H 117 36.20 12.14 26.45
C ARG H 117 35.28 12.94 25.53
N ASP H 118 34.64 12.26 24.57
CA ASP H 118 33.80 12.95 23.60
C ASP H 118 32.59 13.62 24.28
N LEU H 119 31.99 12.93 25.23
CA LEU H 119 30.91 13.53 26.02
C LEU H 119 31.38 14.79 26.73
N LEU H 120 32.54 14.71 27.38
CA LEU H 120 33.07 15.84 28.13
C LEU H 120 33.47 16.98 27.21
N LYS H 121 34.00 16.67 26.03
CA LYS H 121 34.29 17.71 25.04
C LYS H 121 33.02 18.42 24.60
N ASP H 122 31.95 17.67 24.36
CA ASP H 122 30.68 18.30 23.99
C ASP H 122 30.19 19.21 25.12
N ILE H 123 30.30 18.76 26.37
CA ILE H 123 29.87 19.59 27.48
C ILE H 123 30.74 20.84 27.58
N LEU H 124 32.05 20.67 27.36
CA LEU H 124 32.97 21.80 27.41
C LEU H 124 32.64 22.84 26.34
N GLU H 125 32.29 22.39 25.14
CA GLU H 125 31.86 23.32 24.09
C GLU H 125 30.67 24.15 24.57
N SER H 126 29.73 23.51 25.27
N SER H 126 29.71 23.52 25.24
CA SER H 126 28.56 24.24 25.77
CA SER H 126 28.58 24.26 25.78
C SER H 126 28.96 25.22 26.88
C SER H 126 29.02 25.25 26.83
N GLU H 127 29.91 24.83 27.75
CA GLU H 127 30.33 25.75 28.81
C GLU H 127 31.12 26.93 28.23
N GLU H 128 31.96 26.70 27.22
CA GLU H 128 32.65 27.82 26.60
C GLU H 128 31.68 28.78 25.92
N GLU H 129 30.57 28.27 25.35
CA GLU H 129 29.56 29.19 24.81
C GLU H 129 28.89 29.98 25.94
N HIS H 130 28.68 29.35 27.09
CA HIS H 130 28.15 30.11 28.21
C HIS H 130 29.14 31.18 28.66
N ILE H 131 30.43 30.86 28.70
CA ILE H 131 31.42 31.87 29.07
C ILE H 131 31.38 33.04 28.08
N ASP H 132 31.34 32.73 26.78
CA ASP H 132 31.17 33.77 25.76
C ASP H 132 29.98 34.66 26.09
N TYR H 133 28.83 34.06 26.35
CA TYR H 133 27.63 34.83 26.67
C TYR H 133 27.86 35.75 27.87
N LEU H 134 28.42 35.19 28.96
CA LEU H 134 28.57 35.96 30.19
C LEU H 134 29.58 37.09 30.02
N GLU H 135 30.74 36.80 29.43
CA GLU H 135 31.70 37.86 29.16
C GLU H 135 31.08 38.95 28.29
N THR H 136 30.29 38.56 27.30
CA THR H 136 29.64 39.54 26.42
C THR H 136 28.65 40.41 27.17
N GLN H 137 27.88 39.83 28.10
CA GLN H 137 26.94 40.66 28.86
C GLN H 137 27.68 41.66 29.75
N LEU H 138 28.75 41.21 30.40
CA LEU H 138 29.52 42.12 31.23
C LEU H 138 30.17 43.21 30.39
N GLY H 139 30.61 42.88 29.18
CA GLY H 139 31.08 43.91 28.26
C GLY H 139 30.00 44.91 27.90
N LEU H 140 28.78 44.41 27.65
CA LEU H 140 27.70 45.31 27.23
C LEU H 140 27.32 46.26 28.35
N ILE H 141 27.35 45.80 29.60
CA ILE H 141 27.07 46.71 30.71
C ILE H 141 28.00 47.93 30.66
N GLN H 142 29.28 47.70 30.39
CA GLN H 142 30.23 48.80 30.25
C GLN H 142 29.94 49.66 29.04
N LYS H 143 29.60 49.04 27.90
CA LYS H 143 29.42 49.81 26.67
C LYS H 143 28.16 50.63 26.69
N VAL H 144 27.03 50.05 27.15
CA VAL H 144 25.77 50.78 27.08
C VAL H 144 25.35 51.38 28.41
N GLY H 145 26.06 51.08 29.51
CA GLY H 145 25.64 51.49 30.84
C GLY H 145 24.60 50.56 31.45
N LEU H 146 24.58 50.47 32.79
CA LEU H 146 23.74 49.48 33.46
C LEU H 146 22.27 49.76 33.26
N GLU H 147 21.84 51.02 33.31
CA GLU H 147 20.42 51.31 33.16
C GLU H 147 19.93 50.88 31.79
N ASN H 148 20.69 51.17 30.74
CA ASN H 148 20.27 50.72 29.42
C ASN H 148 20.36 49.20 29.31
N TYR H 149 21.42 48.59 29.86
CA TYR H 149 21.55 47.15 29.77
C TYR H 149 20.33 46.47 30.40
N LEU H 150 19.90 46.95 31.58
CA LEU H 150 18.76 46.35 32.25
C LEU H 150 17.48 46.67 31.49
N GLN H 151 17.34 47.90 30.99
CA GLN H 151 16.19 48.22 30.18
C GLN H 151 16.02 47.24 29.03
N SER H 152 17.12 46.91 28.37
CA SER H 152 17.08 46.02 27.22
C SER H 152 16.72 44.59 27.60
N HIS H 153 16.66 44.29 28.89
CA HIS H 153 16.34 42.93 29.33
C HIS H 153 15.02 42.88 30.08
N MET H 154 14.21 43.93 30.01
CA MET H 154 12.90 43.91 30.66
C MET H 154 11.92 43.01 29.92
N HIS H 155 11.85 43.15 28.59
CA HIS H 155 10.89 42.44 27.77
C HIS H 155 11.60 41.32 27.00
N GLU H 156 10.88 40.21 26.82
CA GLU H 156 11.37 39.13 25.96
C GLU H 156 11.39 39.44 24.46
N MET I 1 -18.65 -0.02 -48.04
CA MET I 1 -18.73 0.77 -49.30
C MET I 1 -17.77 0.19 -50.35
N LYS I 2 -18.25 -0.07 -51.55
CA LYS I 2 -17.42 -0.80 -52.50
C LYS I 2 -16.29 0.08 -53.01
N GLY I 3 -15.07 -0.28 -52.67
CA GLY I 3 -13.91 0.46 -53.12
C GLY I 3 -13.41 0.03 -54.49
N ASP I 4 -12.54 0.87 -55.06
CA ASP I 4 -11.85 0.55 -56.31
C ASP I 4 -10.87 -0.60 -56.10
N LYS I 5 -10.92 -1.58 -57.00
CA LYS I 5 -10.08 -2.78 -56.85
C LYS I 5 -8.60 -2.44 -56.83
N LYS I 6 -8.18 -1.52 -57.70
CA LYS I 6 -6.77 -1.17 -57.72
C LYS I 6 -6.37 -0.35 -56.49
N VAL I 7 -7.25 0.53 -56.00
CA VAL I 7 -6.98 1.21 -54.73
C VAL I 7 -6.68 0.19 -53.66
N ILE I 8 -7.55 -0.81 -53.52
CA ILE I 8 -7.36 -1.87 -52.52
C ILE I 8 -6.03 -2.58 -52.75
N GLN I 9 -5.67 -2.90 -54.00
CA GLN I 9 -4.35 -3.45 -54.27
C GLN I 9 -3.25 -2.51 -53.80
N HIS I 10 -3.41 -1.20 -54.04
CA HIS I 10 -2.40 -0.27 -53.56
C HIS I 10 -2.35 -0.26 -52.03
N LEU I 11 -3.52 -0.23 -51.39
CA LEU I 11 -3.52 -0.21 -49.92
C LEU I 11 -2.87 -1.46 -49.36
N ASN I 12 -3.10 -2.62 -49.99
CA ASN I 12 -2.45 -3.84 -49.52
C ASN I 12 -0.96 -3.80 -49.74
N LYS I 13 -0.50 -3.14 -50.80
CA LYS I 13 0.93 -2.99 -51.01
C LYS I 13 1.58 -2.13 -49.92
N ILE I 14 0.95 -1.00 -49.60
CA ILE I 14 1.45 -0.15 -48.53
C ILE I 14 1.45 -0.91 -47.20
N LEU I 15 0.34 -1.58 -46.90
CA LEU I 15 0.29 -2.45 -45.72
C LEU I 15 1.45 -3.44 -45.71
N GLY I 16 1.70 -4.09 -46.85
CA GLY I 16 2.82 -5.03 -46.90
C GLY I 16 4.14 -4.37 -46.55
N ASN I 17 4.34 -3.14 -47.00
CA ASN I 17 5.54 -2.42 -46.61
C ASN I 17 5.56 -2.16 -45.11
N GLU I 18 4.42 -1.76 -44.55
CA GLU I 18 4.36 -1.47 -43.12
C GLU I 18 4.61 -2.73 -42.31
N LEU I 19 4.08 -3.87 -42.75
CA LEU I 19 4.30 -5.12 -42.01
C LEU I 19 5.78 -5.50 -42.00
N ILE I 20 6.49 -5.24 -43.10
CA ILE I 20 7.94 -5.43 -43.08
C ILE I 20 8.60 -4.52 -42.07
N ALA I 21 8.25 -3.24 -42.12
CA ALA I 21 8.90 -2.25 -41.27
C ALA I 21 8.65 -2.55 -39.79
N ILE I 22 7.43 -2.92 -39.43
CA ILE I 22 7.13 -3.26 -38.04
C ILE I 22 8.15 -4.25 -37.51
N ASN I 23 8.30 -5.36 -38.25
CA ASN I 23 9.18 -6.45 -37.80
C ASN I 23 10.65 -6.04 -37.84
N GLN I 24 11.07 -5.37 -38.93
CA GLN I 24 12.45 -4.90 -39.02
C GLN I 24 12.79 -3.92 -37.91
N TYR I 25 11.91 -2.93 -37.67
CA TYR I 25 12.18 -1.95 -36.62
C TYR I 25 12.10 -2.57 -35.25
N PHE I 26 11.18 -3.51 -35.04
CA PHE I 26 11.12 -4.13 -33.73
C PHE I 26 12.40 -4.95 -33.45
N LEU I 27 12.88 -5.71 -34.44
CA LEU I 27 14.11 -6.47 -34.21
C LEU I 27 15.31 -5.56 -34.00
N HIS I 28 15.44 -4.52 -34.81
CA HIS I 28 16.56 -3.59 -34.64
C HIS I 28 16.51 -2.97 -33.26
N SER I 29 15.30 -2.65 -32.78
CA SER I 29 15.15 -2.07 -31.46
C SER I 29 15.72 -2.99 -30.41
N ARG I 30 15.32 -4.26 -30.47
CA ARG I 30 15.72 -5.23 -29.45
C ARG I 30 17.19 -5.59 -29.58
N MET I 31 17.74 -5.56 -30.80
CA MET I 31 19.19 -5.70 -30.95
C MET I 31 19.92 -4.56 -30.26
N TRP I 32 19.46 -3.33 -30.48
CA TRP I 32 20.13 -2.20 -29.87
C TRP I 32 20.03 -2.28 -28.35
N ASN I 33 18.87 -2.69 -27.83
CA ASN I 33 18.71 -2.85 -26.39
C ASN I 33 19.66 -3.90 -25.86
N ASP I 34 19.75 -5.04 -26.55
CA ASP I 34 20.64 -6.10 -26.12
C ASP I 34 22.09 -5.61 -26.08
N TRP I 35 22.48 -4.74 -27.01
CA TRP I 35 23.84 -4.22 -27.01
C TRP I 35 24.05 -3.07 -26.03
N GLY I 36 23.02 -2.67 -25.29
CA GLY I 36 23.17 -1.57 -24.37
C GLY I 36 22.99 -0.20 -24.99
N LEU I 37 22.54 -0.11 -26.24
CA LEU I 37 22.35 1.17 -26.90
C LEU I 37 20.88 1.56 -26.76
N LYS I 38 20.50 1.87 -25.52
CA LYS I 38 19.08 1.91 -25.15
C LYS I 38 18.36 3.12 -25.73
N ARG I 39 19.06 4.21 -26.01
CA ARG I 39 18.40 5.34 -26.66
C ARG I 39 18.00 5.00 -28.09
N LEU I 40 18.89 4.32 -28.83
CA LEU I 40 18.52 3.81 -30.14
C LEU I 40 17.43 2.76 -30.03
N GLY I 41 17.55 1.85 -29.07
CA GLY I 41 16.53 0.84 -28.90
C GLY I 41 15.16 1.45 -28.67
N ALA I 42 15.10 2.47 -27.82
CA ALA I 42 13.80 3.05 -27.50
C ALA I 42 13.24 3.81 -28.70
N HIS I 43 14.09 4.60 -29.38
CA HIS I 43 13.62 5.35 -30.53
C HIS I 43 13.11 4.41 -31.60
N GLU I 44 13.84 3.31 -31.84
CA GLU I 44 13.44 2.35 -32.87
C GLU I 44 12.16 1.63 -32.47
N TYR I 45 11.96 1.36 -31.19
CA TYR I 45 10.69 0.81 -30.70
C TYR I 45 9.53 1.72 -31.08
N HIS I 46 9.68 3.02 -30.83
CA HIS I 46 8.61 3.95 -31.18
C HIS I 46 8.39 4.00 -32.70
N GLU I 47 9.45 3.84 -33.50
CA GLU I 47 9.25 3.76 -34.95
C GLU I 47 8.40 2.55 -35.31
N SER I 48 8.69 1.39 -34.69
CA SER I 48 7.90 0.20 -34.91
C SER I 48 6.44 0.42 -34.52
N ILE I 49 6.20 1.03 -33.36
CA ILE I 49 4.84 1.28 -32.92
C ILE I 49 4.11 2.17 -33.92
N ASP I 50 4.80 3.17 -34.45
CA ASP I 50 4.15 4.05 -35.40
CA ASP I 50 4.20 4.06 -35.44
C ASP I 50 3.76 3.30 -36.67
N GLU I 51 4.59 2.35 -37.13
CA GLU I 51 4.22 1.52 -38.28
C GLU I 51 3.04 0.63 -37.93
N MET I 52 3.00 0.10 -36.72
CA MET I 52 1.84 -0.67 -36.30
C MET I 52 0.55 0.14 -36.41
N LYS I 53 0.59 1.42 -35.98
CA LYS I 53 -0.59 2.26 -36.06
C LYS I 53 -0.97 2.55 -37.51
N HIS I 54 0.02 2.75 -38.38
CA HIS I 54 -0.29 2.90 -39.80
C HIS I 54 -0.93 1.64 -40.37
N ALA I 55 -0.36 0.47 -40.04
CA ALA I 55 -0.92 -0.80 -40.52
C ALA I 55 -2.35 -0.94 -40.06
N ASP I 56 -2.64 -0.56 -38.81
CA ASP I 56 -4.00 -0.63 -38.30
C ASP I 56 -4.95 0.18 -39.18
N LYS I 57 -4.60 1.44 -39.45
CA LYS I 57 -5.50 2.26 -40.24
C LYS I 57 -5.66 1.71 -41.64
N LEU I 58 -4.60 1.17 -42.22
CA LEU I 58 -4.74 0.61 -43.57
C LEU I 58 -5.71 -0.57 -43.56
N ILE I 59 -5.56 -1.46 -42.58
CA ILE I 59 -6.46 -2.59 -42.47
C ILE I 59 -7.91 -2.13 -42.33
N GLU I 60 -8.14 -1.12 -41.49
CA GLU I 60 -9.49 -0.62 -41.28
C GLU I 60 -10.08 -0.04 -42.57
N ARG I 61 -9.25 0.67 -43.33
CA ARG I 61 -9.73 1.28 -44.58
C ARG I 61 -10.01 0.22 -45.64
N ILE I 62 -9.14 -0.79 -45.74
CA ILE I 62 -9.37 -1.86 -46.71
C ILE I 62 -10.69 -2.56 -46.40
N LEU I 63 -10.96 -2.84 -45.13
CA LEU I 63 -12.22 -3.52 -44.78
C LEU I 63 -13.41 -2.64 -45.03
N PHE I 64 -13.32 -1.34 -44.74
CA PHE I 64 -14.44 -0.46 -45.05
C PHE I 64 -14.75 -0.52 -46.54
N LEU I 65 -13.71 -0.57 -47.36
CA LEU I 65 -13.85 -0.61 -48.82
C LEU I 65 -14.18 -2.00 -49.35
N GLU I 66 -14.40 -2.94 -48.44
CA GLU I 66 -14.85 -4.30 -48.76
C GLU I 66 -13.77 -5.10 -49.48
N GLY I 67 -12.50 -4.80 -49.17
CA GLY I 67 -11.39 -5.60 -49.61
C GLY I 67 -10.92 -6.55 -48.51
N LEU I 68 -9.97 -7.40 -48.89
CA LEU I 68 -9.41 -8.35 -47.94
C LEU I 68 -8.02 -7.89 -47.56
N PRO I 69 -7.78 -7.42 -46.33
CA PRO I 69 -6.43 -7.00 -45.97
C PRO I 69 -5.49 -8.19 -45.98
N ASN I 70 -4.33 -8.03 -46.58
CA ASN I 70 -3.38 -9.12 -46.71
C ASN I 70 -2.32 -8.99 -45.62
N LEU I 71 -2.44 -9.81 -44.58
CA LEU I 71 -1.41 -9.91 -43.55
C LEU I 71 -0.60 -11.19 -43.65
N GLN I 72 -0.80 -11.98 -44.72
CA GLN I 72 -0.14 -13.26 -44.90
C GLN I 72 1.21 -13.13 -45.59
N ASP I 73 1.33 -12.24 -46.57
CA ASP I 73 2.54 -12.15 -47.37
C ASP I 73 3.47 -11.13 -46.72
N LEU I 74 4.58 -11.61 -46.21
CA LEU I 74 5.61 -10.78 -45.60
C LEU I 74 6.81 -10.75 -46.53
N GLY I 75 7.18 -9.55 -46.98
CA GLY I 75 8.37 -9.37 -47.76
C GLY I 75 9.65 -9.46 -46.96
N LYS I 76 10.74 -9.13 -47.66
CA LYS I 76 12.08 -9.31 -47.12
C LYS I 76 12.41 -8.25 -46.07
N LEU I 77 12.82 -8.71 -44.89
CA LEU I 77 13.34 -7.82 -43.86
C LEU I 77 14.79 -7.48 -44.17
N LEU I 78 15.16 -6.22 -43.99
CA LEU I 78 16.54 -5.75 -44.15
C LEU I 78 17.15 -5.58 -42.76
N ILE I 79 17.85 -6.60 -42.28
CA ILE I 79 18.42 -6.60 -40.93
C ILE I 79 19.91 -6.33 -41.04
N GLY I 80 20.38 -5.29 -40.39
CA GLY I 80 21.80 -5.02 -40.36
C GLY I 80 22.52 -5.84 -39.31
N GLU I 81 23.84 -5.79 -39.34
CA GLU I 81 24.69 -6.49 -38.40
C GLU I 81 25.40 -5.55 -37.44
N ASN I 82 25.31 -4.24 -37.68
CA ASN I 82 25.87 -3.24 -36.80
C ASN I 82 25.06 -1.96 -36.99
N THR I 83 25.33 -0.97 -36.13
CA THR I 83 24.45 0.19 -36.05
C THR I 83 24.35 0.92 -37.39
N GLN I 84 25.50 1.16 -38.02
CA GLN I 84 25.51 1.83 -39.33
C GLN I 84 24.70 1.06 -40.36
N GLU I 85 24.89 -0.25 -40.45
CA GLU I 85 24.12 -1.02 -41.43
C GLU I 85 22.64 -0.99 -41.13
N MET I 86 22.28 -1.10 -39.84
CA MET I 86 20.88 -1.12 -39.43
C MET I 86 20.16 0.17 -39.84
N LEU I 87 20.80 1.31 -39.60
CA LEU I 87 20.23 2.59 -39.99
C LEU I 87 20.08 2.68 -41.50
N GLN I 88 21.08 2.19 -42.24
CA GLN I 88 20.97 2.25 -43.70
C GLN I 88 19.88 1.30 -44.20
N CYS I 89 19.75 0.12 -43.57
CA CYS I 89 18.66 -0.77 -43.92
C CYS I 89 17.31 -0.12 -43.70
N ASP I 90 17.14 0.59 -42.57
CA ASP I 90 15.87 1.28 -42.35
C ASP I 90 15.63 2.32 -43.43
N LEU I 91 16.68 3.06 -43.80
CA LEU I 91 16.54 4.09 -44.80
C LEU I 91 16.17 3.50 -46.15
N ASN I 92 16.84 2.40 -46.54
CA ASN I 92 16.51 1.73 -47.80
C ASN I 92 15.06 1.30 -47.82
N LEU I 93 14.56 0.74 -46.73
CA LEU I 93 13.15 0.37 -46.65
C LEU I 93 12.27 1.60 -46.77
N GLU I 94 12.60 2.69 -46.05
CA GLU I 94 11.74 3.87 -46.08
C GLU I 94 11.65 4.46 -47.48
N LEU I 95 12.75 4.40 -48.24
CA LEU I 95 12.73 4.96 -49.58
C LEU I 95 11.89 4.13 -50.54
N LYS I 96 11.85 2.81 -50.38
CA LYS I 96 10.87 2.02 -51.11
C LYS I 96 9.45 2.34 -50.66
N ALA I 97 9.27 2.56 -49.37
CA ALA I 97 7.94 2.83 -48.85
C ALA I 97 7.36 4.10 -49.46
N THR I 98 8.18 5.14 -49.57
CA THR I 98 7.64 6.41 -50.01
C THR I 98 7.39 6.39 -51.51
N LYS I 99 8.22 5.65 -52.26
CA LYS I 99 7.92 5.46 -53.67
C LYS I 99 6.55 4.83 -53.85
N ASP I 100 6.28 3.76 -53.11
CA ASP I 100 4.98 3.10 -53.25
C ASP I 100 3.84 4.00 -52.77
N LEU I 101 4.06 4.80 -51.72
CA LEU I 101 3.02 5.70 -51.25
C LEU I 101 2.64 6.75 -52.31
N ARG I 102 3.64 7.33 -52.99
CA ARG I 102 3.36 8.31 -54.02
C ARG I 102 2.57 7.69 -55.17
N GLU I 103 2.95 6.47 -55.60
CA GLU I 103 2.20 5.78 -56.65
C GLU I 103 0.78 5.47 -56.21
N ALA I 104 0.60 5.12 -54.94
CA ALA I 104 -0.75 4.86 -54.44
C ALA I 104 -1.58 6.13 -54.41
N ILE I 105 -1.00 7.25 -53.97
CA ILE I 105 -1.73 8.51 -53.94
C ILE I 105 -2.18 8.91 -55.34
N VAL I 106 -1.29 8.77 -56.34
CA VAL I 106 -1.69 9.06 -57.72
C VAL I 106 -2.98 8.33 -58.05
N HIS I 107 -3.03 7.03 -57.76
CA HIS I 107 -4.21 6.28 -58.18
C HIS I 107 -5.45 6.63 -57.37
N CYS I 108 -5.32 6.87 -56.05
CA CYS I 108 -6.47 7.33 -55.30
C CYS I 108 -7.03 8.60 -55.91
N GLU I 109 -6.15 9.53 -56.27
CA GLU I 109 -6.60 10.80 -56.84
C GLU I 109 -7.40 10.58 -58.11
N GLN I 110 -6.90 9.70 -58.95
CA GLN I 110 -7.53 9.44 -60.24
C GLN I 110 -8.91 8.80 -60.12
N VAL I 111 -9.12 7.90 -59.16
CA VAL I 111 -10.48 7.36 -59.00
C VAL I 111 -11.29 8.14 -57.97
N HIS I 112 -10.77 9.29 -57.54
CA HIS I 112 -11.51 10.22 -56.67
C HIS I 112 -11.72 9.65 -55.27
N ASP I 113 -10.82 8.76 -54.83
CA ASP I 113 -10.87 8.22 -53.47
C ASP I 113 -10.03 9.15 -52.61
N TYR I 114 -10.62 10.32 -52.33
CA TYR I 114 -9.89 11.38 -51.67
C TYR I 114 -9.64 11.05 -50.20
N VAL I 115 -10.49 10.24 -49.57
CA VAL I 115 -10.25 9.88 -48.17
C VAL I 115 -9.07 8.94 -48.06
N SER I 116 -9.00 7.92 -48.95
CA SER I 116 -7.80 7.09 -48.98
C SER I 116 -6.57 7.91 -49.27
N ARG I 117 -6.66 8.87 -50.20
CA ARG I 117 -5.49 9.72 -50.44
C ARG I 117 -5.05 10.43 -49.17
N ASP I 118 -6.00 10.95 -48.40
CA ASP I 118 -5.65 11.72 -47.20
C ASP I 118 -4.95 10.84 -46.17
N LEU I 119 -5.41 9.60 -46.03
CA LEU I 119 -4.76 8.65 -45.14
C LEU I 119 -3.32 8.40 -45.56
N LEU I 120 -3.13 8.10 -46.85
CA LEU I 120 -1.80 7.85 -47.39
C LEU I 120 -0.88 9.06 -47.27
N LYS I 121 -1.41 10.26 -47.47
CA LYS I 121 -0.62 11.47 -47.30
C LYS I 121 -0.14 11.61 -45.85
N ASP I 122 -1.02 11.32 -44.89
CA ASP I 122 -0.62 11.33 -43.48
C ASP I 122 0.46 10.29 -43.21
N ILE I 123 0.31 9.09 -43.76
CA ILE I 123 1.35 8.06 -43.59
C ILE I 123 2.65 8.53 -44.23
N LEU I 124 2.55 9.13 -45.41
CA LEU I 124 3.75 9.65 -46.08
C LEU I 124 4.47 10.70 -45.25
N GLU I 125 3.72 11.60 -44.59
CA GLU I 125 4.37 12.58 -43.74
C GLU I 125 5.15 11.89 -42.64
N SER I 126 4.57 10.85 -42.06
N SER I 126 4.57 10.84 -42.06
CA SER I 126 5.27 10.09 -41.03
CA SER I 126 5.28 10.10 -41.01
C SER I 126 6.54 9.46 -41.58
C SER I 126 6.53 9.43 -41.56
N GLU I 127 6.44 8.82 -42.75
CA GLU I 127 7.63 8.19 -43.33
C GLU I 127 8.70 9.22 -43.69
N GLU I 128 8.33 10.41 -44.21
CA GLU I 128 9.38 11.40 -44.43
C GLU I 128 10.01 11.90 -43.14
N GLU I 129 9.25 12.01 -42.06
CA GLU I 129 9.86 12.29 -40.77
C GLU I 129 10.86 11.19 -40.38
N HIS I 130 10.54 9.93 -40.64
CA HIS I 130 11.48 8.86 -40.30
C HIS I 130 12.74 8.96 -41.16
N ILE I 131 12.58 9.29 -42.45
CA ILE I 131 13.72 9.49 -43.33
C ILE I 131 14.62 10.62 -42.82
N ASP I 132 14.03 11.75 -42.41
CA ASP I 132 14.81 12.82 -41.80
C ASP I 132 15.61 12.30 -40.62
N TYR I 133 14.95 11.59 -39.72
CA TYR I 133 15.64 11.03 -38.55
C TYR I 133 16.84 10.19 -39.00
N LEU I 134 16.62 9.28 -39.95
CA LEU I 134 17.67 8.35 -40.36
C LEU I 134 18.83 9.06 -41.03
N GLU I 135 18.53 9.96 -41.99
CA GLU I 135 19.59 10.72 -42.64
C GLU I 135 20.36 11.55 -41.63
N THR I 136 19.67 12.07 -40.63
CA THR I 136 20.35 12.86 -39.62
C THR I 136 21.29 11.97 -38.79
N GLN I 137 20.83 10.77 -38.41
CA GLN I 137 21.68 9.88 -37.62
C GLN I 137 22.94 9.50 -38.42
N LEU I 138 22.76 9.19 -39.71
CA LEU I 138 23.90 8.81 -40.52
C LEU I 138 24.86 9.98 -40.65
N GLY I 139 24.33 11.20 -40.77
CA GLY I 139 25.17 12.37 -40.79
C GLY I 139 25.92 12.61 -39.48
N LEU I 140 25.26 12.34 -38.36
CA LEU I 140 25.90 12.58 -37.07
C LEU I 140 27.08 11.64 -36.86
N ILE I 141 26.94 10.41 -37.35
CA ILE I 141 28.04 9.44 -37.26
C ILE I 141 29.29 10.00 -37.94
N GLN I 142 29.10 10.69 -39.07
CA GLN I 142 30.23 11.31 -39.76
C GLN I 142 30.76 12.51 -39.00
N LYS I 143 29.88 13.28 -38.34
CA LYS I 143 30.34 14.52 -37.72
C LYS I 143 31.00 14.28 -36.37
N VAL I 144 30.47 13.35 -35.57
CA VAL I 144 30.98 13.18 -34.21
C VAL I 144 31.84 11.94 -34.07
N GLY I 145 31.91 11.09 -35.09
CA GLY I 145 32.58 9.80 -35.02
C GLY I 145 31.66 8.71 -34.50
N LEU I 146 31.91 7.47 -34.97
CA LEU I 146 31.04 6.36 -34.59
C LEU I 146 31.05 6.10 -33.10
N GLU I 147 32.23 6.17 -32.46
CA GLU I 147 32.31 5.84 -31.04
C GLU I 147 31.53 6.84 -30.19
N ASN I 148 31.63 8.13 -30.53
CA ASN I 148 30.84 9.14 -29.84
C ASN I 148 29.35 8.94 -30.14
N TYR I 149 29.01 8.71 -31.42
CA TYR I 149 27.61 8.53 -31.76
C TYR I 149 27.00 7.42 -30.90
N LEU I 150 27.69 6.29 -30.81
CA LEU I 150 27.14 5.19 -30.03
C LEU I 150 27.07 5.55 -28.56
N GLN I 151 28.12 6.19 -28.04
CA GLN I 151 28.11 6.62 -26.63
C GLN I 151 26.88 7.46 -26.32
N SER I 152 26.53 8.37 -27.22
CA SER I 152 25.39 9.26 -27.03
C SER I 152 24.06 8.52 -27.05
N HIS I 153 24.04 7.26 -27.49
CA HIS I 153 22.81 6.46 -27.53
C HIS I 153 22.83 5.30 -26.55
N MET I 154 23.75 5.32 -25.58
CA MET I 154 23.74 4.31 -24.52
C MET I 154 22.58 4.53 -23.57
N HIS I 155 22.42 5.76 -23.07
CA HIS I 155 21.46 6.09 -22.02
C HIS I 155 20.26 6.81 -22.61
N GLU I 156 19.08 6.53 -22.06
CA GLU I 156 17.86 7.16 -22.56
C GLU I 156 17.72 8.64 -22.15
N MET J 1 5.81 41.68 47.85
CA MET J 1 4.76 41.78 48.90
C MET J 1 5.31 41.11 50.14
N LYS J 2 5.30 41.78 51.30
CA LYS J 2 6.04 41.25 52.44
C LYS J 2 5.25 40.08 53.01
N GLY J 3 5.79 38.87 52.87
CA GLY J 3 5.09 37.68 53.32
C GLY J 3 5.35 37.40 54.77
N ASP J 4 4.51 36.54 55.35
CA ASP J 4 4.69 36.06 56.70
C ASP J 4 5.98 35.27 56.80
N LYS J 5 6.84 35.60 57.79
CA LYS J 5 8.15 34.95 57.88
C LYS J 5 8.03 33.45 57.99
N LYS J 6 7.06 32.98 58.77
CA LYS J 6 6.90 31.55 59.00
C LYS J 6 6.26 30.86 57.80
N VAL J 7 5.38 31.54 57.04
CA VAL J 7 4.95 30.98 55.76
C VAL J 7 6.17 30.68 54.90
N ILE J 8 7.10 31.65 54.82
CA ILE J 8 8.26 31.48 53.96
C ILE J 8 9.12 30.32 54.44
N GLN J 9 9.30 30.17 55.75
CA GLN J 9 9.98 28.98 56.27
C GLN J 9 9.30 27.68 55.82
N HIS J 10 7.96 27.63 55.90
CA HIS J 10 7.25 26.43 55.44
C HIS J 10 7.44 26.23 53.95
N LEU J 11 7.33 27.30 53.15
CA LEU J 11 7.52 27.13 51.72
C LEU J 11 8.93 26.62 51.42
N ASN J 12 9.93 27.09 52.15
CA ASN J 12 11.28 26.59 51.96
C ASN J 12 11.42 25.14 52.39
N LYS J 13 10.69 24.71 53.42
CA LYS J 13 10.73 23.30 53.80
C LYS J 13 10.10 22.42 52.73
N ILE J 14 8.94 22.82 52.18
CA ILE J 14 8.33 22.07 51.09
C ILE J 14 9.27 22.04 49.88
N LEU J 15 9.90 23.18 49.59
CA LEU J 15 10.85 23.22 48.47
C LEU J 15 12.00 22.26 48.71
N GLY J 16 12.50 22.21 49.95
CA GLY J 16 13.53 21.26 50.30
C GLY J 16 13.12 19.82 50.01
N ASN J 17 11.87 19.48 50.34
CA ASN J 17 11.36 18.15 50.04
C ASN J 17 11.29 17.91 48.54
N GLU J 18 10.84 18.92 47.78
CA GLU J 18 10.78 18.77 46.33
C GLU J 18 12.16 18.59 45.73
N LEU J 19 13.18 19.27 46.28
CA LEU J 19 14.52 19.15 45.73
C LEU J 19 15.09 17.75 45.95
N ILE J 20 14.78 17.15 47.10
CA ILE J 20 15.15 15.76 47.33
C ILE J 20 14.47 14.86 46.30
N ALA J 21 13.16 15.03 46.15
CA ALA J 21 12.40 14.20 45.23
C ALA J 21 12.89 14.31 43.79
N ILE J 22 13.20 15.53 43.32
CA ILE J 22 13.72 15.69 41.97
C ILE J 22 14.87 14.73 41.72
N ASN J 23 15.84 14.75 42.63
CA ASN J 23 17.09 14.02 42.42
C ASN J 23 16.88 12.53 42.60
N GLN J 24 16.12 12.16 43.63
CA GLN J 24 15.83 10.75 43.89
C GLN J 24 15.08 10.14 42.72
N TYR J 25 14.02 10.81 42.25
CA TYR J 25 13.26 10.27 41.14
C TYR J 25 14.07 10.30 39.86
N PHE J 26 14.91 11.33 39.67
CA PHE J 26 15.68 11.34 38.44
C PHE J 26 16.66 10.17 38.40
N LEU J 27 17.34 9.92 39.52
CA LEU J 27 18.30 8.83 39.59
C LEU J 27 17.59 7.49 39.46
N HIS J 28 16.47 7.31 40.16
CA HIS J 28 15.70 6.08 39.99
C HIS J 28 15.29 5.87 38.53
N SER J 29 14.85 6.96 37.84
CA SER J 29 14.49 6.82 36.44
C SER J 29 15.66 6.31 35.61
N ARG J 30 16.85 6.87 35.84
CA ARG J 30 17.99 6.51 34.99
C ARG J 30 18.53 5.14 35.37
N MET J 31 18.38 4.72 36.63
CA MET J 31 18.67 3.33 37.02
C MET J 31 17.76 2.36 36.27
N TRP J 32 16.43 2.65 36.28
CA TRP J 32 15.48 1.79 35.58
C TRP J 32 15.79 1.76 34.09
N ASN J 33 16.14 2.90 33.49
CA ASN J 33 16.46 2.86 32.06
C ASN J 33 17.69 2.00 31.79
N ASP J 34 18.74 2.16 32.61
CA ASP J 34 19.97 1.38 32.46
C ASP J 34 19.68 -0.11 32.58
N TRP J 35 18.72 -0.50 33.41
CA TRP J 35 18.33 -1.90 33.58
C TRP J 35 17.38 -2.39 32.50
N GLY J 36 16.97 -1.52 31.58
CA GLY J 36 16.06 -1.87 30.51
C GLY J 36 14.61 -1.87 30.91
N LEU J 37 14.27 -1.35 32.09
CA LEU J 37 12.86 -1.26 32.49
C LEU J 37 12.34 0.13 32.09
N LYS J 38 12.19 0.31 30.76
CA LYS J 38 12.00 1.66 30.21
C LYS J 38 10.64 2.28 30.56
N ARG J 39 9.62 1.48 30.82
CA ARG J 39 8.32 2.05 31.20
C ARG J 39 8.39 2.65 32.60
N LEU J 40 9.05 1.95 33.54
CA LEU J 40 9.30 2.52 34.85
C LEU J 40 10.22 3.74 34.75
N GLY J 41 11.24 3.66 33.91
CA GLY J 41 12.14 4.79 33.75
C GLY J 41 11.44 6.03 33.23
N ALA J 42 10.56 5.86 32.25
CA ALA J 42 9.84 7.01 31.70
C ALA J 42 8.86 7.56 32.71
N HIS J 43 8.15 6.67 33.41
CA HIS J 43 7.17 7.15 34.38
C HIS J 43 7.84 7.92 35.51
N GLU J 44 9.00 7.42 35.96
CA GLU J 44 9.74 8.05 37.05
C GLU J 44 10.38 9.36 36.59
N TYR J 45 10.83 9.43 35.34
CA TYR J 45 11.24 10.70 34.74
C TYR J 45 10.13 11.72 34.82
N HIS J 46 8.91 11.35 34.43
CA HIS J 46 7.82 12.33 34.51
C HIS J 46 7.50 12.72 35.96
N GLU J 47 7.65 11.80 36.93
CA GLU J 47 7.48 12.21 38.33
C GLU J 47 8.52 13.25 38.72
N SER J 48 9.77 13.07 38.27
CA SER J 48 10.82 14.03 38.58
C SER J 48 10.49 15.40 37.99
N ILE J 49 10.10 15.44 36.72
CA ILE J 49 9.70 16.67 36.07
C ILE J 49 8.58 17.34 36.83
N ASP J 50 7.61 16.57 37.29
CA ASP J 50 6.52 17.20 38.03
CA ASP J 50 6.51 17.18 38.04
C ASP J 50 7.03 17.86 39.31
N GLU J 51 8.00 17.23 39.98
CA GLU J 51 8.56 17.86 41.18
C GLU J 51 9.35 19.11 40.83
N MET J 52 10.02 19.11 39.66
CA MET J 52 10.71 20.32 39.19
C MET J 52 9.72 21.47 39.00
N LYS J 53 8.56 21.16 38.43
CA LYS J 53 7.54 22.19 38.23
C LYS J 53 7.04 22.72 39.58
N HIS J 54 6.84 21.83 40.57
CA HIS J 54 6.42 22.30 41.89
C HIS J 54 7.49 23.18 42.51
N ALA J 55 8.76 22.77 42.41
CA ALA J 55 9.86 23.56 42.95
C ALA J 55 9.88 24.96 42.36
N ASP J 56 9.66 25.05 41.04
CA ASP J 56 9.59 26.33 40.36
C ASP J 56 8.54 27.23 40.98
N LYS J 57 7.32 26.72 41.13
CA LYS J 57 6.23 27.54 41.68
C LYS J 57 6.55 27.97 43.11
N LEU J 58 7.15 27.09 43.89
CA LEU J 58 7.50 27.47 45.27
C LEU J 58 8.56 28.56 45.28
N ILE J 59 9.57 28.42 44.43
CA ILE J 59 10.61 29.44 44.34
C ILE J 59 9.99 30.77 43.95
N GLU J 60 9.09 30.76 42.97
CA GLU J 60 8.47 31.98 42.49
C GLU J 60 7.62 32.63 43.59
N ARG J 61 6.88 31.80 44.34
CA ARG J 61 6.06 32.31 45.44
C ARG J 61 6.91 32.92 46.54
N ILE J 62 8.00 32.24 46.91
CA ILE J 62 8.91 32.74 47.94
C ILE J 62 9.48 34.11 47.55
N LEU J 63 9.98 34.22 46.32
CA LEU J 63 10.52 35.50 45.86
C LEU J 63 9.48 36.60 45.88
N PHE J 64 8.26 36.31 45.44
CA PHE J 64 7.19 37.30 45.46
C PHE J 64 6.96 37.82 46.87
N LEU J 65 7.01 36.91 47.87
CA LEU J 65 6.80 37.22 49.28
C LEU J 65 8.05 37.81 49.92
N GLU J 66 9.09 38.04 49.12
CA GLU J 66 10.29 38.75 49.51
C GLU J 66 11.14 37.91 50.46
N GLY J 67 11.05 36.58 50.31
CA GLY J 67 11.93 35.67 50.99
C GLY J 67 13.06 35.18 50.09
N LEU J 68 13.97 34.42 50.70
CA LEU J 68 15.09 33.83 50.00
C LEU J 68 14.81 32.35 49.78
N PRO J 69 14.59 31.89 48.55
CA PRO J 69 14.41 30.45 48.32
C PRO J 69 15.69 29.72 48.62
N ASN J 70 15.61 28.63 49.36
CA ASN J 70 16.79 27.88 49.76
C ASN J 70 16.98 26.69 48.82
N LEU J 71 17.91 26.80 47.87
CA LEU J 71 18.25 25.70 46.98
C LEU J 71 19.60 25.07 47.35
N GLN J 72 20.18 25.47 48.48
CA GLN J 72 21.52 25.07 48.89
C GLN J 72 21.52 23.81 49.73
N ASP J 73 20.55 23.71 50.63
CA ASP J 73 20.45 22.60 51.56
C ASP J 73 19.68 21.50 50.84
N LEU J 74 20.29 20.34 50.74
CA LEU J 74 19.72 19.15 50.11
C LEU J 74 19.71 18.04 51.12
N GLY J 75 18.52 17.55 51.45
CA GLY J 75 18.36 16.49 52.41
C GLY J 75 18.75 15.14 51.85
N LYS J 76 18.49 14.10 52.65
CA LYS J 76 18.96 12.75 52.33
C LYS J 76 18.12 12.14 51.21
N LEU J 77 18.77 11.75 50.11
CA LEU J 77 18.12 10.95 49.08
C LEU J 77 17.92 9.52 49.57
N LEU J 78 16.74 8.95 49.29
CA LEU J 78 16.43 7.55 49.59
C LEU J 78 16.50 6.73 48.32
N ILE J 79 17.63 6.07 48.08
CA ILE J 79 17.90 5.41 46.81
C ILE J 79 17.81 3.92 47.02
N GLY J 80 16.92 3.26 46.31
CA GLY J 80 16.83 1.81 46.45
C GLY J 80 17.89 1.09 45.62
N GLU J 81 18.06 -0.19 45.92
CA GLU J 81 18.98 -1.06 45.16
C GLU J 81 18.28 -1.99 44.19
N ASN J 82 16.95 -2.05 44.21
CA ASN J 82 16.16 -2.84 43.27
C ASN J 82 14.77 -2.22 43.21
N THR J 83 13.96 -2.73 42.28
CA THR J 83 12.70 -2.05 41.96
C THR J 83 11.81 -1.93 43.19
N GLN J 84 11.63 -3.03 43.92
CA GLN J 84 10.78 -2.99 45.11
C GLN J 84 11.24 -1.93 46.12
N GLU J 85 12.54 -1.89 46.38
CA GLU J 85 13.09 -0.92 47.33
C GLU J 85 12.94 0.50 46.82
N MET J 86 13.18 0.69 45.52
CA MET J 86 13.08 2.03 44.93
C MET J 86 11.67 2.58 45.06
N LEU J 87 10.66 1.76 44.77
CA LEU J 87 9.28 2.18 44.92
C LEU J 87 8.99 2.54 46.38
N GLN J 88 9.41 1.69 47.30
CA GLN J 88 9.15 1.96 48.71
C GLN J 88 9.90 3.19 49.20
N CYS J 89 11.11 3.42 48.68
CA CYS J 89 11.84 4.65 48.98
C CYS J 89 11.07 5.88 48.51
N ASP J 90 10.50 5.80 47.31
CA ASP J 90 9.71 6.92 46.81
C ASP J 90 8.48 7.14 47.69
N LEU J 91 7.83 6.04 48.09
CA LEU J 91 6.63 6.15 48.93
C LEU J 91 6.99 6.74 50.29
N ASN J 92 8.09 6.30 50.88
CA ASN J 92 8.53 6.86 52.15
C ASN J 92 8.74 8.38 52.05
N LEU J 93 9.41 8.82 50.99
CA LEU J 93 9.60 10.26 50.77
C LEU J 93 8.27 10.99 50.61
N GLU J 94 7.35 10.42 49.83
CA GLU J 94 6.06 11.06 49.57
C GLU J 94 5.24 11.21 50.86
N LEU J 95 5.30 10.23 51.74
CA LEU J 95 4.54 10.33 53.00
C LEU J 95 5.12 11.39 53.93
N LYS J 96 6.45 11.57 53.93
CA LYS J 96 7.02 12.70 54.64
C LYS J 96 6.59 14.01 54.00
N ALA J 97 6.53 14.01 52.67
CA ALA J 97 6.20 15.25 51.97
C ALA J 97 4.78 15.68 52.25
N THR J 98 3.84 14.74 52.34
CA THR J 98 2.47 15.15 52.52
C THR J 98 2.21 15.58 53.95
N LYS J 99 2.94 14.99 54.91
CA LYS J 99 2.84 15.44 56.30
C LYS J 99 3.25 16.90 56.40
N ASP J 100 4.37 17.25 55.77
CA ASP J 100 4.88 18.61 55.80
C ASP J 100 3.94 19.56 55.08
N LEU J 101 3.35 19.11 53.96
CA LEU J 101 2.40 19.94 53.23
C LEU J 101 1.18 20.29 54.10
N ARG J 102 0.67 19.30 54.83
CA ARG J 102 -0.47 19.54 55.69
C ARG J 102 -0.13 20.56 56.77
N GLU J 103 1.05 20.43 57.39
CA GLU J 103 1.47 21.38 58.42
C GLU J 103 1.61 22.78 57.85
N ALA J 104 2.11 22.88 56.60
CA ALA J 104 2.28 24.18 55.97
C ALA J 104 0.94 24.81 55.66
N ILE J 105 -0.02 24.02 55.18
CA ILE J 105 -1.37 24.52 54.93
C ILE J 105 -2.02 25.03 56.21
N VAL J 106 -1.90 24.29 57.31
CA VAL J 106 -2.46 24.76 58.59
C VAL J 106 -1.95 26.16 58.89
N HIS J 107 -0.64 26.35 58.80
CA HIS J 107 -0.08 27.65 59.10
C HIS J 107 -0.54 28.74 58.14
N CYS J 108 -0.52 28.46 56.83
CA CYS J 108 -0.99 29.46 55.87
C CYS J 108 -2.43 29.90 56.17
N GLU J 109 -3.30 28.94 56.49
CA GLU J 109 -4.67 29.29 56.84
C GLU J 109 -4.73 30.19 58.06
N GLN J 110 -3.92 29.85 59.08
CA GLN J 110 -3.93 30.61 60.33
C GLN J 110 -3.48 32.07 60.16
N VAL J 111 -2.56 32.35 59.23
CA VAL J 111 -2.13 33.72 58.99
C VAL J 111 -2.77 34.33 57.74
N HIS J 112 -3.81 33.68 57.19
CA HIS J 112 -4.64 34.22 56.11
C HIS J 112 -3.91 34.34 54.79
N ASP J 113 -2.88 33.52 54.58
CA ASP J 113 -2.18 33.50 53.28
C ASP J 113 -2.88 32.44 52.43
N TYR J 114 -4.04 32.84 51.91
CA TYR J 114 -4.90 31.89 51.23
C TYR J 114 -4.37 31.52 49.86
N VAL J 115 -3.56 32.38 49.26
CA VAL J 115 -2.97 32.04 47.96
C VAL J 115 -1.85 31.01 48.13
N SER J 116 -1.01 31.17 49.18
CA SER J 116 -0.02 30.13 49.47
C SER J 116 -0.69 28.82 49.81
N ARG J 117 -1.79 28.87 50.58
CA ARG J 117 -2.53 27.65 50.87
C ARG J 117 -2.97 26.97 49.58
N ASP J 118 -3.48 27.74 48.63
CA ASP J 118 -4.01 27.14 47.41
C ASP J 118 -2.91 26.46 46.61
N LEU J 119 -1.74 27.09 46.52
CA LEU J 119 -0.60 26.48 45.87
C LEU J 119 -0.24 25.16 46.52
N LEU J 120 -0.14 25.16 47.86
CA LEU J 120 0.22 23.94 48.57
C LEU J 120 -0.86 22.87 48.44
N LYS J 121 -2.13 23.25 48.37
CA LYS J 121 -3.18 22.25 48.16
C LYS J 121 -3.01 21.58 46.80
N ASP J 122 -2.73 22.38 45.77
CA ASP J 122 -2.51 21.81 44.45
C ASP J 122 -1.33 20.84 44.44
N ILE J 123 -0.22 21.21 45.10
CA ILE J 123 0.91 20.31 45.20
C ILE J 123 0.54 19.04 45.97
N LEU J 124 -0.20 19.19 47.07
CA LEU J 124 -0.65 18.03 47.83
C LEU J 124 -1.48 17.08 46.98
N GLU J 125 -2.30 17.65 46.09
CA GLU J 125 -3.11 16.82 45.21
C GLU J 125 -2.22 16.00 44.29
N SER J 126 -1.16 16.63 43.78
N SER J 126 -1.17 16.63 43.77
CA SER J 126 -0.21 15.90 42.94
CA SER J 126 -0.20 15.89 42.95
C SER J 126 0.55 14.85 43.74
C SER J 126 0.51 14.82 43.76
N GLU J 127 0.93 15.16 44.98
CA GLU J 127 1.66 14.16 45.76
C GLU J 127 0.77 12.98 46.14
N GLU J 128 -0.50 13.24 46.48
CA GLU J 128 -1.41 12.13 46.74
C GLU J 128 -1.65 11.28 45.50
N GLU J 129 -1.66 11.88 44.30
CA GLU J 129 -1.68 11.06 43.09
C GLU J 129 -0.42 10.20 43.00
N HIS J 130 0.73 10.74 43.37
CA HIS J 130 1.95 9.94 43.32
C HIS J 130 1.88 8.80 44.32
N ILE J 131 1.35 9.05 45.52
CA ILE J 131 1.19 7.97 46.49
C ILE J 131 0.27 6.87 45.94
N ASP J 132 -0.84 7.26 45.31
CA ASP J 132 -1.73 6.29 44.70
C ASP J 132 -0.98 5.41 43.70
N TYR J 133 -0.22 6.05 42.81
CA TYR J 133 0.59 5.30 41.86
C TYR J 133 1.50 4.30 42.56
N LEU J 134 2.24 4.78 43.58
CA LEU J 134 3.23 3.94 44.26
C LEU J 134 2.57 2.78 44.99
N GLU J 135 1.51 3.06 45.77
CA GLU J 135 0.82 1.97 46.45
C GLU J 135 0.29 0.96 45.44
N THR J 136 -0.17 1.46 44.30
CA THR J 136 -0.74 0.55 43.30
C THR J 136 0.35 -0.33 42.72
N GLN J 137 1.54 0.22 42.51
CA GLN J 137 2.61 -0.58 41.94
C GLN J 137 3.04 -1.66 42.92
N LEU J 138 3.18 -1.30 44.19
CA LEU J 138 3.59 -2.28 45.17
C LEU J 138 2.54 -3.37 45.29
N GLY J 139 1.26 -2.99 45.17
CA GLY J 139 0.19 -3.98 45.21
C GLY J 139 0.21 -4.88 44.00
N LEU J 140 0.50 -4.32 42.82
CA LEU J 140 0.56 -5.12 41.62
C LEU J 140 1.69 -6.14 41.69
N ILE J 141 2.84 -5.76 42.26
CA ILE J 141 3.93 -6.73 42.42
C ILE J 141 3.41 -7.95 43.18
N GLN J 142 2.57 -7.74 44.19
CA GLN J 142 2.07 -8.90 44.94
C GLN J 142 1.06 -9.69 44.11
N LYS J 143 0.28 -9.03 43.28
CA LYS J 143 -0.80 -9.72 42.58
C LYS J 143 -0.29 -10.49 41.35
N VAL J 144 0.64 -9.91 40.60
CA VAL J 144 1.12 -10.54 39.37
C VAL J 144 2.49 -11.18 39.55
N GLY J 145 3.14 -11.00 40.69
CA GLY J 145 4.50 -11.47 40.87
C GLY J 145 5.55 -10.51 40.35
N LEU J 146 6.72 -10.51 40.99
CA LEU J 146 7.77 -9.57 40.60
C LEU J 146 8.19 -9.77 39.14
N GLU J 147 8.41 -11.01 38.72
CA GLU J 147 8.91 -11.23 37.36
C GLU J 147 7.94 -10.69 36.30
N ASN J 148 6.64 -10.92 36.46
CA ASN J 148 5.66 -10.38 35.52
C ASN J 148 5.59 -8.85 35.63
N TYR J 149 5.67 -8.34 36.85
CA TYR J 149 5.60 -6.90 37.03
C TYR J 149 6.73 -6.22 36.29
N LEU J 150 7.95 -6.74 36.45
CA LEU J 150 9.09 -6.16 35.75
C LEU J 150 8.96 -6.35 34.24
N GLN J 151 8.46 -7.52 33.82
CA GLN J 151 8.24 -7.76 32.40
C GLN J 151 7.31 -6.69 31.80
N SER J 152 6.21 -6.40 32.51
CA SER J 152 5.26 -5.41 32.06
C SER J 152 5.84 -3.99 32.00
N HIS J 153 7.04 -3.76 32.53
CA HIS J 153 7.64 -2.42 32.52
C HIS J 153 8.92 -2.37 31.70
N MET J 154 9.14 -3.36 30.83
CA MET J 154 10.31 -3.30 29.95
C MET J 154 10.12 -2.30 28.82
N HIS J 155 8.96 -2.32 28.19
CA HIS J 155 8.72 -1.58 26.97
C HIS J 155 7.77 -0.42 27.29
N GLU J 156 8.07 0.75 26.75
CA GLU J 156 7.18 1.89 26.92
C GLU J 156 5.87 1.72 26.13
N MET K 1 45.19 9.93 -1.15
CA MET K 1 46.14 10.51 -0.16
C MET K 1 46.78 9.35 0.59
N LYS K 2 48.06 9.09 0.40
CA LYS K 2 48.62 7.85 0.96
C LYS K 2 48.64 7.93 2.49
N GLY K 3 48.03 6.95 3.10
CA GLY K 3 47.97 6.89 4.54
C GLY K 3 49.16 6.19 5.16
N ASP K 4 49.21 6.26 6.48
CA ASP K 4 50.15 5.50 7.28
C ASP K 4 49.89 4.00 7.15
N LYS K 5 50.95 3.23 6.94
CA LYS K 5 50.77 1.79 6.69
C LYS K 5 50.13 1.09 7.89
N LYS K 6 50.57 1.45 9.09
CA LYS K 6 50.03 0.80 10.29
C LYS K 6 48.62 1.28 10.59
N VAL K 7 48.30 2.55 10.30
CA VAL K 7 46.89 2.96 10.39
C VAL K 7 46.04 2.06 9.51
N ILE K 8 46.44 1.88 8.24
CA ILE K 8 45.65 1.03 7.35
C ILE K 8 45.52 -0.38 7.90
N GLN K 9 46.59 -0.93 8.47
CA GLN K 9 46.48 -2.26 9.07
C GLN K 9 45.46 -2.28 10.19
N HIS K 10 45.51 -1.27 11.05
CA HIS K 10 44.48 -1.15 12.10
C HIS K 10 43.09 -1.08 11.49
N LEU K 11 42.89 -0.22 10.48
CA LEU K 11 41.57 -0.12 9.87
C LEU K 11 41.12 -1.45 9.30
N ASN K 12 42.04 -2.23 8.69
CA ASN K 12 41.67 -3.54 8.20
C ASN K 12 41.34 -4.51 9.33
N LYS K 13 42.04 -4.41 10.46
CA LYS K 13 41.68 -5.26 11.59
C LYS K 13 40.30 -4.90 12.12
N ILE K 14 39.98 -3.62 12.23
CA ILE K 14 38.64 -3.21 12.64
C ILE K 14 37.62 -3.68 11.61
N LEU K 15 37.91 -3.46 10.32
CA LEU K 15 37.03 -3.98 9.27
C LEU K 15 36.82 -5.48 9.44
N GLY K 16 37.89 -6.22 9.72
CA GLY K 16 37.76 -7.66 9.93
C GLY K 16 36.79 -7.99 11.05
N ASN K 17 36.84 -7.23 12.14
CA ASN K 17 35.90 -7.42 13.24
C ASN K 17 34.46 -7.15 12.81
N GLU K 18 34.25 -6.08 12.03
CA GLU K 18 32.90 -5.77 11.57
C GLU K 18 32.36 -6.86 10.65
N LEU K 19 33.22 -7.41 9.79
CA LEU K 19 32.76 -8.46 8.89
C LEU K 19 32.30 -9.69 9.65
N ILE K 20 33.02 -10.05 10.71
CA ILE K 20 32.57 -11.14 11.58
C ILE K 20 31.22 -10.81 12.19
N ALA K 21 31.10 -9.60 12.73
CA ALA K 21 29.86 -9.17 13.39
C ALA K 21 28.68 -9.14 12.42
N ILE K 22 28.90 -8.66 11.18
CA ILE K 22 27.82 -8.67 10.20
C ILE K 22 27.19 -10.06 10.09
N ASN K 23 28.02 -11.09 9.85
CA ASN K 23 27.48 -12.42 9.62
C ASN K 23 26.92 -13.02 10.90
N GLN K 24 27.61 -12.81 12.00
CA GLN K 24 27.15 -13.40 13.27
C GLN K 24 25.79 -12.84 13.65
N TYR K 25 25.64 -11.52 13.57
CA TYR K 25 24.37 -10.90 13.91
C TYR K 25 23.30 -11.26 12.88
N PHE K 26 23.66 -11.33 11.60
CA PHE K 26 22.64 -11.70 10.63
C PHE K 26 22.13 -13.12 10.88
N LEU K 27 23.02 -14.07 11.13
CA LEU K 27 22.58 -15.44 11.41
C LEU K 27 21.75 -15.51 12.70
N HIS K 28 22.22 -14.86 13.76
CA HIS K 28 21.43 -14.80 14.99
C HIS K 28 20.04 -14.22 14.73
N SER K 29 19.97 -13.13 13.97
CA SER K 29 18.67 -12.57 13.62
C SER K 29 17.76 -13.60 12.98
N ARG K 30 18.25 -14.29 11.95
CA ARG K 30 17.37 -15.21 11.25
C ARG K 30 17.07 -16.47 12.07
N MET K 31 17.98 -16.85 12.97
CA MET K 31 17.66 -17.92 13.93
C MET K 31 16.51 -17.51 14.84
N TRP K 32 16.61 -16.33 15.43
CA TRP K 32 15.51 -15.83 16.26
C TRP K 32 14.21 -15.74 15.47
N ASN K 33 14.26 -15.27 14.20
CA ASN K 33 13.04 -15.23 13.42
C ASN K 33 12.46 -16.62 13.19
N ASP K 34 13.32 -17.57 12.82
CA ASP K 34 12.88 -18.95 12.65
C ASP K 34 12.20 -19.49 13.90
N TRP K 35 12.70 -19.13 15.08
CA TRP K 35 12.08 -19.59 16.33
C TRP K 35 10.82 -18.83 16.74
N GLY K 36 10.41 -17.79 16.02
CA GLY K 36 9.20 -17.06 16.40
C GLY K 36 9.43 -15.88 17.30
N LEU K 37 10.68 -15.50 17.52
CA LEU K 37 11.06 -14.40 18.39
C LEU K 37 11.41 -13.19 17.53
N LYS K 38 10.36 -12.65 16.92
CA LYS K 38 10.54 -11.70 15.83
C LYS K 38 11.07 -10.35 16.31
N ARG K 39 10.80 -9.99 17.55
CA ARG K 39 11.33 -8.74 18.06
C ARG K 39 12.84 -8.82 18.24
N LEU K 40 13.32 -9.96 18.77
CA LEU K 40 14.75 -10.18 18.83
C LEU K 40 15.35 -10.24 17.44
N GLY K 41 14.67 -10.93 16.53
CA GLY K 41 15.16 -11.05 15.17
C GLY K 41 15.28 -9.70 14.49
N ALA K 42 14.29 -8.84 14.69
CA ALA K 42 14.35 -7.51 14.10
C ALA K 42 15.44 -6.66 14.73
N HIS K 43 15.58 -6.72 16.05
CA HIS K 43 16.62 -5.92 16.68
C HIS K 43 17.99 -6.36 16.21
N GLU K 44 18.23 -7.68 16.16
CA GLU K 44 19.54 -8.18 15.74
C GLU K 44 19.79 -7.89 14.28
N TYR K 45 18.75 -7.88 13.45
CA TYR K 45 18.91 -7.47 12.06
C TYR K 45 19.43 -6.05 11.99
N HIS K 46 18.86 -5.14 12.80
CA HIS K 46 19.32 -3.77 12.76
C HIS K 46 20.74 -3.62 13.30
N GLU K 47 21.15 -4.46 14.25
CA GLU K 47 22.56 -4.49 14.64
C GLU K 47 23.46 -4.91 13.47
N SER K 48 23.03 -5.92 12.74
CA SER K 48 23.80 -6.37 11.59
C SER K 48 23.95 -5.26 10.55
N ILE K 49 22.86 -4.54 10.26
CA ILE K 49 22.88 -3.43 9.32
C ILE K 49 23.86 -2.34 9.79
N ASP K 50 23.81 -1.99 11.08
CA ASP K 50 24.75 -1.02 11.61
C ASP K 50 26.21 -1.41 11.34
N GLU K 51 26.56 -2.69 11.55
CA GLU K 51 27.92 -3.12 11.27
C GLU K 51 28.23 -3.02 9.79
N MET K 52 27.26 -3.36 8.95
CA MET K 52 27.42 -3.16 7.50
C MET K 52 27.79 -1.73 7.18
N LYS K 53 27.09 -0.77 7.78
CA LYS K 53 27.39 0.64 7.54
C LYS K 53 28.78 1.02 8.05
N HIS K 54 29.17 0.53 9.23
CA HIS K 54 30.54 0.75 9.71
C HIS K 54 31.57 0.18 8.73
N ALA K 55 31.32 -1.04 8.25
CA ALA K 55 32.24 -1.67 7.32
C ALA K 55 32.37 -0.85 6.05
N ASP K 56 31.25 -0.33 5.53
CA ASP K 56 31.28 0.58 4.40
C ASP K 56 32.19 1.78 4.65
N LYS K 57 32.04 2.45 5.81
CA LYS K 57 32.86 3.63 6.03
C LYS K 57 34.34 3.28 6.16
N LEU K 58 34.65 2.11 6.74
CA LEU K 58 36.03 1.69 6.84
C LEU K 58 36.63 1.36 5.48
N ILE K 59 35.86 0.67 4.63
CA ILE K 59 36.27 0.41 3.25
C ILE K 59 36.57 1.71 2.51
N GLU K 60 35.69 2.69 2.67
CA GLU K 60 35.88 3.96 1.97
C GLU K 60 37.11 4.69 2.47
N ARG K 61 37.33 4.71 3.78
CA ARG K 61 38.51 5.36 4.34
C ARG K 61 39.79 4.67 3.86
N ILE K 62 39.79 3.33 3.89
CA ILE K 62 40.98 2.59 3.48
C ILE K 62 41.32 2.89 2.02
N LEU K 63 40.31 2.86 1.14
CA LEU K 63 40.55 3.19 -0.27
C LEU K 63 41.04 4.62 -0.43
N PHE K 64 40.47 5.56 0.31
CA PHE K 64 40.93 6.95 0.26
C PHE K 64 42.40 7.05 0.60
N LEU K 65 42.83 6.35 1.66
CA LEU K 65 44.21 6.29 2.08
C LEU K 65 45.08 5.41 1.19
N GLU K 66 44.52 4.83 0.13
CA GLU K 66 45.24 4.09 -0.90
C GLU K 66 45.74 2.75 -0.39
N GLY K 67 45.00 2.18 0.56
CA GLY K 67 45.21 0.80 0.97
C GLY K 67 44.20 -0.14 0.32
N LEU K 68 44.39 -1.41 0.61
CA LEU K 68 43.53 -2.46 0.09
C LEU K 68 42.60 -2.94 1.20
N PRO K 69 41.30 -2.67 1.13
CA PRO K 69 40.37 -3.23 2.12
C PRO K 69 40.31 -4.75 2.01
N ASN K 70 40.44 -5.42 3.15
CA ASN K 70 40.48 -6.88 3.18
C ASN K 70 39.11 -7.42 3.51
N LEU K 71 38.37 -7.85 2.49
CA LEU K 71 37.10 -8.53 2.67
C LEU K 71 37.22 -10.03 2.46
N GLN K 72 38.44 -10.53 2.31
CA GLN K 72 38.67 -11.96 2.00
C GLN K 72 38.81 -12.81 3.25
N ASP K 73 39.55 -12.33 4.24
CA ASP K 73 39.77 -13.09 5.46
C ASP K 73 38.61 -12.83 6.40
N LEU K 74 37.94 -13.90 6.80
CA LEU K 74 36.84 -13.83 7.74
C LEU K 74 37.25 -14.60 8.99
N GLY K 75 37.25 -13.93 10.12
CA GLY K 75 37.53 -14.57 11.38
C GLY K 75 36.40 -15.45 11.87
N LYS K 76 36.60 -15.98 13.08
CA LYS K 76 35.70 -16.98 13.62
C LYS K 76 34.38 -16.36 14.09
N LEU K 77 33.27 -16.85 13.53
CA LEU K 77 31.94 -16.50 13.98
C LEU K 77 31.61 -17.22 15.28
N LEU K 78 31.00 -16.49 16.20
CA LEU K 78 30.56 -17.02 17.49
C LEU K 78 29.05 -17.18 17.46
N ILE K 79 28.60 -18.38 17.13
CA ILE K 79 27.19 -18.66 16.93
C ILE K 79 26.69 -19.39 18.15
N GLY K 80 25.71 -18.84 18.82
CA GLY K 80 25.14 -19.50 19.97
C GLY K 80 24.06 -20.49 19.57
N GLU K 81 23.71 -21.34 20.53
CA GLU K 81 22.67 -22.33 20.30
C GLU K 81 21.37 -21.99 21.01
N ASN K 82 21.35 -20.97 21.85
CA ASN K 82 20.12 -20.53 22.47
C ASN K 82 20.26 -19.03 22.73
N THR K 83 19.15 -18.41 23.14
CA THR K 83 19.13 -16.95 23.22
C THR K 83 20.22 -16.40 24.13
N GLN K 84 20.33 -16.92 25.36
CA GLN K 84 21.33 -16.37 26.26
C GLN K 84 22.74 -16.50 25.69
N GLU K 85 23.06 -17.66 25.11
CA GLU K 85 24.38 -17.86 24.52
C GLU K 85 24.62 -16.95 23.32
N MET K 86 23.59 -16.74 22.50
CA MET K 86 23.75 -15.85 21.33
C MET K 86 24.06 -14.43 21.75
N LEU K 87 23.35 -13.93 22.77
CA LEU K 87 23.65 -12.62 23.31
C LEU K 87 25.07 -12.55 23.86
N GLN K 88 25.48 -13.58 24.64
CA GLN K 88 26.83 -13.57 25.18
C GLN K 88 27.88 -13.63 24.08
N CYS K 89 27.63 -14.42 23.02
CA CYS K 89 28.54 -14.44 21.87
C CYS K 89 28.64 -13.08 21.24
N ASP K 90 27.52 -12.38 21.10
CA ASP K 90 27.58 -11.02 20.59
C ASP K 90 28.39 -10.12 21.52
N LEU K 91 28.17 -10.23 22.83
CA LEU K 91 28.93 -9.40 23.76
C LEU K 91 30.42 -9.72 23.73
N ASN K 92 30.79 -11.01 23.70
CA ASN K 92 32.21 -11.35 23.62
C ASN K 92 32.86 -10.72 22.40
N LEU K 93 32.16 -10.77 21.27
CA LEU K 93 32.65 -10.16 20.04
C LEU K 93 32.82 -8.65 20.18
N GLU K 94 31.81 -7.99 20.76
CA GLU K 94 31.87 -6.52 20.91
C GLU K 94 33.00 -6.11 21.84
N LEU K 95 33.29 -6.91 22.85
CA LEU K 95 34.36 -6.53 23.76
C LEU K 95 35.72 -6.66 23.09
N LYS K 96 35.90 -7.68 22.24
CA LYS K 96 37.11 -7.71 21.41
C LYS K 96 37.17 -6.50 20.48
N ALA K 97 36.03 -6.15 19.89
CA ALA K 97 35.99 -5.04 18.94
C ALA K 97 36.41 -3.71 19.59
N THR K 98 35.92 -3.43 20.79
CA THR K 98 36.24 -2.15 21.42
C THR K 98 37.70 -2.11 21.86
N LYS K 99 38.23 -3.24 22.32
CA LYS K 99 39.67 -3.30 22.61
C LYS K 99 40.48 -2.93 21.37
N ASP K 100 40.17 -3.55 20.24
CA ASP K 100 40.90 -3.24 19.00
C ASP K 100 40.68 -1.79 18.57
N LEU K 101 39.45 -1.26 18.73
CA LEU K 101 39.22 0.14 18.36
C LEU K 101 40.08 1.09 19.18
N ARG K 102 40.23 0.81 20.48
CA ARG K 102 41.06 1.65 21.33
C ARG K 102 42.53 1.63 20.90
N GLU K 103 43.07 0.45 20.60
CA GLU K 103 44.47 0.38 20.16
C GLU K 103 44.66 1.12 18.85
N ALA K 104 43.69 1.01 17.94
CA ALA K 104 43.77 1.73 16.67
C ALA K 104 43.73 3.24 16.88
N ILE K 105 42.90 3.71 17.82
CA ILE K 105 42.83 5.14 18.05
C ILE K 105 44.14 5.67 18.61
N VAL K 106 44.78 4.90 19.53
CA VAL K 106 46.08 5.34 20.03
C VAL K 106 47.06 5.59 18.89
N HIS K 107 47.08 4.68 17.92
CA HIS K 107 48.04 4.80 16.84
C HIS K 107 47.68 5.94 15.91
N CYS K 108 46.39 6.08 15.56
CA CYS K 108 45.99 7.20 14.72
C CYS K 108 46.41 8.52 15.37
N GLU K 109 46.25 8.63 16.69
CA GLU K 109 46.63 9.84 17.41
C GLU K 109 48.13 10.08 17.32
N GLN K 110 48.91 9.01 17.48
CA GLN K 110 50.37 9.11 17.42
C GLN K 110 50.83 9.63 16.07
N VAL K 111 50.27 9.12 14.96
CA VAL K 111 50.71 9.53 13.63
C VAL K 111 49.88 10.69 13.06
N HIS K 112 49.05 11.31 13.89
CA HIS K 112 48.32 12.55 13.58
C HIS K 112 47.27 12.36 12.50
N ASP K 113 46.75 11.14 12.37
CA ASP K 113 45.62 10.86 11.47
C ASP K 113 44.33 11.07 12.25
N TYR K 114 44.00 12.35 12.45
CA TYR K 114 42.86 12.71 13.29
C TYR K 114 41.52 12.39 12.63
N VAL K 115 41.43 12.39 11.31
CA VAL K 115 40.18 12.00 10.68
C VAL K 115 39.90 10.52 10.86
N SER K 116 40.92 9.68 10.69
CA SER K 116 40.71 8.26 10.96
C SER K 116 40.36 8.04 12.43
N ARG K 117 41.04 8.78 13.33
CA ARG K 117 40.67 8.73 14.75
C ARG K 117 39.20 9.07 14.95
N ASP K 118 38.70 10.13 14.29
CA ASP K 118 37.31 10.52 14.47
C ASP K 118 36.34 9.44 13.97
N LEU K 119 36.65 8.80 12.82
CA LEU K 119 35.80 7.72 12.35
C LEU K 119 35.74 6.59 13.36
N LEU K 120 36.91 6.20 13.89
CA LEU K 120 36.97 5.10 14.83
C LEU K 120 36.24 5.45 16.13
N LYS K 121 36.35 6.71 16.56
CA LYS K 121 35.63 7.13 17.77
C LYS K 121 34.12 7.02 17.56
N ASP K 122 33.64 7.39 16.37
CA ASP K 122 32.22 7.23 16.08
C ASP K 122 31.81 5.76 16.09
N ILE K 123 32.63 4.88 15.50
CA ILE K 123 32.30 3.46 15.51
C ILE K 123 32.31 2.95 16.96
N LEU K 124 33.30 3.39 17.73
CA LEU K 124 33.39 2.99 19.12
C LEU K 124 32.15 3.40 19.91
N GLU K 125 31.62 4.61 19.64
CA GLU K 125 30.38 5.00 20.30
C GLU K 125 29.26 4.01 19.96
N SER K 126 29.14 3.63 18.68
N SER K 126 29.14 3.63 18.68
CA SER K 126 28.13 2.66 18.29
CA SER K 126 28.13 2.66 18.29
C SER K 126 28.36 1.31 18.96
C SER K 126 28.36 1.31 18.96
N GLU K 127 29.61 0.85 19.02
CA GLU K 127 29.87 -0.44 19.64
C GLU K 127 29.58 -0.41 21.15
N GLU K 128 29.88 0.70 21.85
CA GLU K 128 29.51 0.80 23.26
C GLU K 128 27.99 0.83 23.45
N GLU K 129 27.25 1.49 22.55
CA GLU K 129 25.78 1.35 22.59
C GLU K 129 25.36 -0.11 22.43
N HIS K 130 26.00 -0.84 21.53
CA HIS K 130 25.62 -2.23 21.39
CA HIS K 130 25.67 -2.26 21.36
C HIS K 130 25.93 -3.01 22.66
N ILE K 131 27.06 -2.72 23.31
CA ILE K 131 27.39 -3.40 24.56
C ILE K 131 26.33 -3.08 25.61
N ASP K 132 25.93 -1.82 25.68
CA ASP K 132 24.83 -1.45 26.59
C ASP K 132 23.61 -2.31 26.33
N TYR K 133 23.18 -2.40 25.07
CA TYR K 133 22.00 -3.19 24.73
C TYR K 133 22.17 -4.65 25.18
N LEU K 134 23.32 -5.24 24.87
CA LEU K 134 23.55 -6.65 25.19
C LEU K 134 23.60 -6.89 26.70
N GLU K 135 24.37 -6.08 27.42
CA GLU K 135 24.41 -6.24 28.87
C GLU K 135 23.01 -6.12 29.46
N THR K 136 22.22 -5.18 28.93
CA THR K 136 20.88 -4.93 29.45
C THR K 136 19.97 -6.14 29.17
N GLN K 137 20.09 -6.75 28.00
CA GLN K 137 19.23 -7.88 27.69
C GLN K 137 19.58 -9.04 28.61
N LEU K 138 20.88 -9.24 28.85
CA LEU K 138 21.30 -10.31 29.74
C LEU K 138 20.80 -10.06 31.15
N GLY K 139 20.82 -8.80 31.58
CA GLY K 139 20.28 -8.46 32.89
C GLY K 139 18.78 -8.65 33.00
N LEU K 140 18.03 -8.30 31.94
CA LEU K 140 16.59 -8.50 31.95
C LEU K 140 16.24 -9.98 32.02
N ILE K 141 16.99 -10.82 31.30
CA ILE K 141 16.74 -12.25 31.39
C ILE K 141 16.81 -12.69 32.85
N GLN K 142 17.78 -12.15 33.59
CA GLN K 142 17.91 -12.49 35.00
C GLN K 142 16.74 -11.96 35.81
N LYS K 143 16.29 -10.72 35.52
CA LYS K 143 15.25 -10.10 36.34
C LYS K 143 13.85 -10.63 36.06
N VAL K 144 13.51 -10.87 34.79
CA VAL K 144 12.14 -11.27 34.47
C VAL K 144 12.03 -12.77 34.17
N GLY K 145 13.15 -13.46 34.09
CA GLY K 145 13.20 -14.87 33.69
C GLY K 145 13.21 -15.04 32.19
N LEU K 146 13.86 -16.11 31.72
CA LEU K 146 13.99 -16.32 30.28
C LEU K 146 12.64 -16.47 29.60
N GLU K 147 11.70 -17.18 30.23
CA GLU K 147 10.41 -17.40 29.56
C GLU K 147 9.66 -16.09 29.35
N ASN K 148 9.64 -15.23 30.37
CA ASN K 148 9.03 -13.91 30.17
C ASN K 148 9.81 -13.08 29.17
N TYR K 149 11.14 -13.08 29.26
CA TYR K 149 11.94 -12.30 28.33
C TYR K 149 11.63 -12.71 26.89
N LEU K 150 11.65 -14.01 26.62
CA LEU K 150 11.35 -14.49 25.27
C LEU K 150 9.91 -14.17 24.88
N GLN K 151 8.96 -14.31 25.82
CA GLN K 151 7.59 -13.93 25.54
C GLN K 151 7.50 -12.48 25.05
N SER K 152 8.23 -11.57 25.68
CA SER K 152 8.19 -10.16 25.31
C SER K 152 8.89 -9.89 24.00
N HIS K 153 9.52 -10.89 23.40
CA HIS K 153 10.21 -10.68 22.14
C HIS K 153 9.63 -11.53 21.01
N MET K 154 8.41 -12.04 21.20
CA MET K 154 7.74 -12.80 20.14
C MET K 154 7.23 -11.90 19.02
N HIS K 155 6.61 -10.78 19.38
CA HIS K 155 5.92 -9.91 18.44
C HIS K 155 6.70 -8.61 18.33
N GLU K 156 6.71 -8.04 17.12
CA GLU K 156 7.26 -6.69 16.94
C GLU K 156 6.27 -5.64 17.42
N MET L 1 -60.31 30.96 0.85
CA MET L 1 -61.00 31.76 -0.22
C MET L 1 -62.07 30.87 -0.83
N LYS L 2 -63.35 31.23 -0.67
CA LYS L 2 -64.41 30.29 -1.05
C LYS L 2 -64.44 30.14 -2.57
N GLY L 3 -64.30 28.90 -3.01
CA GLY L 3 -64.27 28.58 -4.43
C GLY L 3 -65.64 28.25 -4.98
N ASP L 4 -65.68 28.12 -6.30
CA ASP L 4 -66.88 27.68 -7.00
C ASP L 4 -67.18 26.22 -6.65
N LYS L 5 -68.43 25.96 -6.25
CA LYS L 5 -68.80 24.61 -5.82
C LYS L 5 -68.55 23.59 -6.91
N LYS L 6 -68.91 23.90 -8.16
CA LYS L 6 -68.73 22.90 -9.20
C LYS L 6 -67.25 22.71 -9.54
N VAL L 7 -66.43 23.75 -9.36
CA VAL L 7 -64.99 23.57 -9.54
C VAL L 7 -64.47 22.56 -8.53
N ILE L 8 -64.85 22.75 -7.26
CA ILE L 8 -64.42 21.83 -6.22
C ILE L 8 -64.86 20.41 -6.54
N GLN L 9 -66.08 20.26 -7.06
CA GLN L 9 -66.53 18.92 -7.49
C GLN L 9 -65.60 18.35 -8.55
N HIS L 10 -65.20 19.17 -9.53
CA HIS L 10 -64.28 18.70 -10.56
C HIS L 10 -62.94 18.30 -9.94
N LEU L 11 -62.35 19.20 -9.15
CA LEU L 11 -61.09 18.90 -8.47
C LEU L 11 -61.19 17.59 -7.70
N ASN L 12 -62.29 17.38 -6.98
CA ASN L 12 -62.46 16.11 -6.27
C ASN L 12 -62.59 14.94 -7.23
N LYS L 13 -63.21 15.14 -8.40
CA LYS L 13 -63.25 14.06 -9.37
C LYS L 13 -61.86 13.76 -9.91
N ILE L 14 -61.09 14.80 -10.22
CA ILE L 14 -59.70 14.60 -10.62
C ILE L 14 -58.93 13.88 -9.52
N LEU L 15 -59.09 14.34 -8.27
CA LEU L 15 -58.39 13.70 -7.15
C LEU L 15 -58.73 12.22 -7.07
N GLY L 16 -60.00 11.88 -7.27
CA GLY L 16 -60.37 10.48 -7.27
C GLY L 16 -59.63 9.66 -8.32
N ASN L 17 -59.43 10.22 -9.50
CA ASN L 17 -58.69 9.48 -10.52
C ASN L 17 -57.25 9.28 -10.11
N GLU L 18 -56.62 10.32 -9.54
CA GLU L 18 -55.25 10.21 -9.07
C GLU L 18 -55.13 9.15 -7.96
N LEU L 19 -56.08 9.15 -7.02
CA LEU L 19 -56.06 8.15 -5.96
C LEU L 19 -56.17 6.73 -6.52
N ILE L 20 -57.03 6.52 -7.52
CA ILE L 20 -57.05 5.23 -8.22
C ILE L 20 -55.67 4.96 -8.82
N ALA L 21 -55.10 5.96 -9.51
CA ALA L 21 -53.82 5.75 -10.18
C ALA L 21 -52.72 5.40 -9.19
N ILE L 22 -52.65 6.12 -8.08
CA ILE L 22 -51.63 5.84 -7.07
C ILE L 22 -51.59 4.36 -6.76
N ASN L 23 -52.74 3.78 -6.41
CA ASN L 23 -52.77 2.40 -5.95
C ASN L 23 -52.53 1.43 -7.08
N GLN L 24 -53.09 1.73 -8.26
CA GLN L 24 -52.90 0.85 -9.42
C GLN L 24 -51.45 0.80 -9.85
N TYR L 25 -50.79 1.96 -9.90
CA TYR L 25 -49.39 1.97 -10.32
C TYR L 25 -48.49 1.39 -9.24
N PHE L 26 -48.79 1.64 -7.96
CA PHE L 26 -47.98 1.04 -6.90
C PHE L 26 -48.08 -0.48 -6.91
N LEU L 27 -49.29 -1.01 -7.07
CA LEU L 27 -49.43 -2.45 -7.15
C LEU L 27 -48.72 -3.02 -8.37
N HIS L 28 -48.91 -2.40 -9.55
CA HIS L 28 -48.20 -2.91 -10.72
C HIS L 28 -46.69 -2.89 -10.51
N SER L 29 -46.18 -1.82 -9.89
CA SER L 29 -44.76 -1.73 -9.60
C SER L 29 -44.29 -2.93 -8.80
N ARG L 30 -44.97 -3.22 -7.69
CA ARG L 30 -44.51 -4.31 -6.83
C ARG L 30 -44.76 -5.67 -7.45
N MET L 31 -45.80 -5.79 -8.31
CA MET L 31 -45.94 -7.03 -9.07
C MET L 31 -44.77 -7.22 -10.01
N TRP L 32 -44.38 -6.16 -10.72
CA TRP L 32 -43.24 -6.29 -11.63
C TRP L 32 -41.96 -6.60 -10.88
N ASN L 33 -41.72 -5.93 -9.74
CA ASN L 33 -40.54 -6.26 -8.96
C ASN L 33 -40.53 -7.72 -8.54
N ASP L 34 -41.66 -8.20 -8.03
CA ASP L 34 -41.77 -9.59 -7.62
C ASP L 34 -41.39 -10.55 -8.75
N TRP L 35 -41.71 -10.20 -10.00
CA TRP L 35 -41.42 -11.04 -11.15
C TRP L 35 -39.99 -10.90 -11.66
N GLY L 36 -39.18 -10.02 -11.08
CA GLY L 36 -37.82 -9.85 -11.55
C GLY L 36 -37.67 -8.88 -12.69
N LEU L 37 -38.71 -8.10 -12.96
CA LEU L 37 -38.71 -7.09 -14.02
C LEU L 37 -38.50 -5.71 -13.37
N LYS L 38 -37.27 -5.54 -12.87
CA LYS L 38 -36.98 -4.43 -11.96
C LYS L 38 -37.00 -3.08 -12.67
N ARG L 39 -36.72 -3.06 -13.96
CA ARG L 39 -36.79 -1.78 -14.66
C ARG L 39 -38.23 -1.30 -14.80
N LEU L 40 -39.16 -2.21 -15.12
CA LEU L 40 -40.57 -1.84 -15.11
C LEU L 40 -41.02 -1.46 -13.72
N GLY L 41 -40.58 -2.23 -12.71
CA GLY L 41 -40.98 -1.96 -11.35
C GLY L 41 -40.58 -0.56 -10.92
N ALA L 42 -39.33 -0.18 -11.20
CA ALA L 42 -38.86 1.14 -10.80
C ALA L 42 -39.61 2.25 -11.54
N HIS L 43 -39.83 2.08 -12.84
CA HIS L 43 -40.52 3.13 -13.58
C HIS L 43 -41.94 3.30 -13.06
N GLU L 44 -42.63 2.20 -12.84
CA GLU L 44 -44.02 2.26 -12.41
C GLU L 44 -44.13 2.82 -11.00
N TYR L 45 -43.14 2.54 -10.15
CA TYR L 45 -43.05 3.19 -8.84
C TYR L 45 -42.99 4.71 -9.00
N HIS L 46 -42.17 5.19 -9.93
CA HIS L 46 -42.06 6.63 -10.13
C HIS L 46 -43.35 7.23 -10.68
N GLU L 47 -44.09 6.48 -11.51
CA GLU L 47 -45.40 6.94 -11.94
C GLU L 47 -46.34 7.08 -10.75
N SER L 48 -46.29 6.10 -9.83
CA SER L 48 -47.10 6.16 -8.61
C SER L 48 -46.77 7.40 -7.79
N ILE L 49 -45.47 7.65 -7.56
CA ILE L 49 -45.06 8.82 -6.80
C ILE L 49 -45.57 10.11 -7.47
N ASP L 50 -45.50 10.16 -8.80
CA ASP L 50 -45.93 11.37 -9.49
CA ASP L 50 -45.94 11.35 -9.52
C ASP L 50 -47.42 11.62 -9.27
N GLU L 51 -48.23 10.55 -9.28
CA GLU L 51 -49.64 10.70 -9.01
C GLU L 51 -49.86 11.13 -7.55
N MET L 52 -49.05 10.61 -6.63
CA MET L 52 -49.10 11.09 -5.26
C MET L 52 -48.84 12.60 -5.18
N LYS L 53 -47.87 13.10 -5.94
CA LYS L 53 -47.61 14.53 -5.89
C LYS L 53 -48.77 15.31 -6.46
N HIS L 54 -49.42 14.79 -7.51
CA HIS L 54 -50.60 15.45 -8.06
C HIS L 54 -51.73 15.46 -7.04
N ALA L 55 -51.99 14.32 -6.40
CA ALA L 55 -53.04 14.27 -5.39
C ALA L 55 -52.80 15.30 -4.30
N ASP L 56 -51.56 15.40 -3.84
CA ASP L 56 -51.19 16.38 -2.84
C ASP L 56 -51.59 17.78 -3.29
N LYS L 57 -51.20 18.17 -4.51
CA LYS L 57 -51.53 19.52 -4.95
C LYS L 57 -53.03 19.72 -5.08
N LEU L 58 -53.77 18.69 -5.48
CA LEU L 58 -55.22 18.83 -5.55
C LEU L 58 -55.83 18.99 -4.15
N ILE L 59 -55.43 18.13 -3.22
CA ILE L 59 -55.86 18.25 -1.83
C ILE L 59 -55.63 19.67 -1.33
N GLU L 60 -54.42 20.19 -1.56
CA GLU L 60 -54.09 21.53 -1.08
C GLU L 60 -54.97 22.60 -1.74
N ARG L 61 -55.25 22.49 -3.03
CA ARG L 61 -56.09 23.50 -3.69
C ARG L 61 -57.52 23.44 -3.15
N ILE L 62 -58.06 22.23 -3.01
CA ILE L 62 -59.42 22.03 -2.50
C ILE L 62 -59.55 22.66 -1.12
N LEU L 63 -58.56 22.42 -0.25
CA LEU L 63 -58.62 22.99 1.09
C LEU L 63 -58.57 24.50 1.04
N PHE L 64 -57.74 25.05 0.15
CA PHE L 64 -57.64 26.50 0.02
C PHE L 64 -58.98 27.09 -0.44
N LEU L 65 -59.65 26.40 -1.37
CA LEU L 65 -60.96 26.80 -1.85
C LEU L 65 -62.06 26.48 -0.85
N GLU L 66 -61.69 25.93 0.31
CA GLU L 66 -62.60 25.65 1.40
C GLU L 66 -63.61 24.57 1.02
N GLY L 67 -63.13 23.58 0.27
CA GLY L 67 -63.86 22.36 0.07
C GLY L 67 -63.30 21.23 0.94
N LEU L 68 -63.92 20.08 0.82
CA LEU L 68 -63.51 18.88 1.52
C LEU L 68 -62.87 17.91 0.54
N PRO L 69 -61.56 17.66 0.60
CA PRO L 69 -60.96 16.64 -0.27
C PRO L 69 -61.53 15.28 0.05
N ASN L 70 -61.95 14.57 -0.98
CA ASN L 70 -62.50 13.23 -0.83
C ASN L 70 -61.36 12.24 -1.03
N LEU L 71 -60.85 11.68 0.07
CA LEU L 71 -59.98 10.51 0.01
C LEU L 71 -60.68 9.23 0.42
N GLN L 72 -62.00 9.29 0.69
CA GLN L 72 -62.73 8.11 1.15
C GLN L 72 -63.18 7.22 0.00
N ASP L 73 -63.66 7.83 -1.07
CA ASP L 73 -64.23 7.10 -2.20
C ASP L 73 -63.12 6.72 -3.16
N LEU L 74 -62.93 5.42 -3.32
CA LEU L 74 -61.89 4.87 -4.17
C LEU L 74 -62.57 4.11 -5.30
N GLY L 75 -62.47 4.65 -6.52
CA GLY L 75 -62.99 3.94 -7.69
C GLY L 75 -62.24 2.65 -7.98
N LYS L 76 -62.57 2.03 -9.12
CA LYS L 76 -62.13 0.67 -9.40
C LYS L 76 -60.72 0.66 -9.97
N LEU L 77 -59.84 -0.13 -9.36
CA LEU L 77 -58.49 -0.34 -9.86
C LEU L 77 -58.51 -1.28 -11.06
N LEU L 78 -57.79 -0.91 -12.11
CA LEU L 78 -57.66 -1.75 -13.30
C LEU L 78 -56.33 -2.46 -13.18
N ILE L 79 -56.34 -3.63 -12.54
CA ILE L 79 -55.13 -4.38 -12.26
C ILE L 79 -55.03 -5.44 -13.33
N GLY L 80 -53.93 -5.42 -14.06
CA GLY L 80 -53.68 -6.45 -15.04
C GLY L 80 -52.93 -7.58 -14.41
N GLU L 81 -52.80 -8.65 -15.17
CA GLU L 81 -52.20 -9.88 -14.66
C GLU L 81 -50.99 -10.31 -15.47
N ASN L 82 -50.60 -9.52 -16.47
CA ASN L 82 -49.36 -9.72 -17.20
C ASN L 82 -48.96 -8.37 -17.77
N THR L 83 -47.70 -8.28 -18.21
CA THR L 83 -47.10 -6.98 -18.53
C THR L 83 -47.94 -6.23 -19.56
N GLN L 84 -48.24 -6.88 -20.68
CA GLN L 84 -49.01 -6.22 -21.74
C GLN L 84 -50.32 -5.65 -21.19
N GLU L 85 -51.04 -6.44 -20.40
CA GLU L 85 -52.34 -6.02 -19.90
C GLU L 85 -52.22 -4.93 -18.83
N MET L 86 -51.20 -5.01 -17.97
CA MET L 86 -50.97 -3.95 -16.99
C MET L 86 -50.73 -2.60 -17.67
N LEU L 87 -49.90 -2.58 -18.71
CA LEU L 87 -49.70 -1.33 -19.46
C LEU L 87 -51.00 -0.83 -20.06
N GLN L 88 -51.80 -1.74 -20.62
CA GLN L 88 -53.06 -1.32 -21.20
C GLN L 88 -54.02 -0.82 -20.14
N CYS L 89 -54.00 -1.43 -18.93
CA CYS L 89 -54.83 -0.91 -17.84
C CYS L 89 -54.41 0.49 -17.44
N ASP L 90 -53.10 0.74 -17.36
CA ASP L 90 -52.63 2.08 -17.05
C ASP L 90 -53.10 3.06 -18.12
N LEU L 91 -53.01 2.65 -19.39
CA LEU L 91 -53.39 3.54 -20.49
C LEU L 91 -54.89 3.83 -20.48
N ASN L 92 -55.71 2.79 -20.33
CA ASN L 92 -57.14 2.99 -20.18
C ASN L 92 -57.47 3.95 -19.05
N LEU L 93 -56.76 3.84 -17.93
CA LEU L 93 -56.98 4.76 -16.83
C LEU L 93 -56.58 6.17 -17.22
N GLU L 94 -55.46 6.34 -17.93
CA GLU L 94 -55.01 7.68 -18.27
C GLU L 94 -55.94 8.34 -19.28
N LEU L 95 -56.49 7.56 -20.20
CA LEU L 95 -57.42 8.15 -21.17
C LEU L 95 -58.70 8.62 -20.46
N LYS L 96 -59.17 7.88 -19.46
CA LYS L 96 -60.25 8.39 -18.64
C LYS L 96 -59.82 9.64 -17.90
N ALA L 97 -58.59 9.65 -17.37
CA ALA L 97 -58.12 10.76 -16.57
C ALA L 97 -58.06 12.05 -17.37
N THR L 98 -57.52 11.99 -18.60
CA THR L 98 -57.37 13.20 -19.40
C THR L 98 -58.72 13.74 -19.84
N LYS L 99 -59.66 12.86 -20.21
CA LYS L 99 -61.03 13.31 -20.50
C LYS L 99 -61.59 14.13 -19.34
N ASP L 100 -61.47 13.64 -18.10
CA ASP L 100 -62.02 14.39 -16.98
C ASP L 100 -61.27 15.70 -16.75
N LEU L 101 -59.95 15.70 -16.97
CA LEU L 101 -59.19 16.94 -16.84
C LEU L 101 -59.68 17.99 -17.83
N ARG L 102 -59.92 17.59 -19.07
CA ARG L 102 -60.41 18.54 -20.06
C ARG L 102 -61.76 19.14 -19.64
N GLU L 103 -62.71 18.31 -19.22
CA GLU L 103 -63.98 18.83 -18.74
C GLU L 103 -63.80 19.76 -17.55
N ALA L 104 -62.90 19.40 -16.63
CA ALA L 104 -62.66 20.28 -15.48
C ALA L 104 -62.11 21.63 -15.93
N ILE L 105 -61.18 21.62 -16.88
CA ILE L 105 -60.60 22.88 -17.34
C ILE L 105 -61.67 23.75 -18.00
N VAL L 106 -62.56 23.13 -18.79
CA VAL L 106 -63.64 23.90 -19.42
C VAL L 106 -64.40 24.69 -18.37
N HIS L 107 -64.75 24.05 -17.26
CA HIS L 107 -65.55 24.72 -16.25
C HIS L 107 -64.72 25.76 -15.49
N CYS L 108 -63.47 25.45 -15.13
CA CYS L 108 -62.63 26.48 -14.52
C CYS L 108 -62.55 27.72 -15.39
N GLU L 109 -62.42 27.53 -16.71
CA GLU L 109 -62.34 28.69 -17.59
C GLU L 109 -63.63 29.51 -17.54
N GLN L 110 -64.78 28.83 -17.56
CA GLN L 110 -66.07 29.52 -17.52
C GLN L 110 -66.24 30.38 -16.28
N VAL L 111 -65.86 29.86 -15.11
CA VAL L 111 -66.08 30.59 -13.87
C VAL L 111 -64.86 31.39 -13.50
N HIS L 112 -63.84 31.40 -14.37
CA HIS L 112 -62.72 32.34 -14.23
C HIS L 112 -61.79 31.89 -13.11
N ASP L 113 -61.73 30.60 -12.84
CA ASP L 113 -60.82 30.10 -11.81
C ASP L 113 -59.53 29.73 -12.54
N TYR L 114 -58.78 30.77 -12.90
CA TYR L 114 -57.63 30.61 -13.78
C TYR L 114 -56.50 29.87 -13.08
N VAL L 115 -56.38 30.03 -11.76
CA VAL L 115 -55.33 29.33 -11.02
C VAL L 115 -55.61 27.84 -10.97
N SER L 116 -56.85 27.45 -10.66
CA SER L 116 -57.20 26.05 -10.77
C SER L 116 -56.97 25.51 -12.17
N ARG L 117 -57.30 26.32 -13.19
CA ARG L 117 -57.07 25.84 -14.54
C ARG L 117 -55.60 25.52 -14.74
N ASP L 118 -54.73 26.39 -14.23
CA ASP L 118 -53.30 26.23 -14.46
C ASP L 118 -52.80 24.96 -13.81
N LEU L 119 -53.27 24.68 -12.59
CA LEU L 119 -52.94 23.43 -11.93
C LEU L 119 -53.40 22.23 -12.73
N LEU L 120 -54.62 22.27 -13.28
CA LEU L 120 -55.09 21.10 -14.03
C LEU L 120 -54.38 20.96 -15.37
N LYS L 121 -53.99 22.07 -15.98
CA LYS L 121 -53.17 22.00 -17.19
C LYS L 121 -51.84 21.33 -16.91
N ASP L 122 -51.20 21.67 -15.78
CA ASP L 122 -49.93 21.05 -15.45
C ASP L 122 -50.09 19.56 -15.25
N ILE L 123 -51.16 19.16 -14.56
CA ILE L 123 -51.42 17.74 -14.37
C ILE L 123 -51.68 17.07 -15.71
N LEU L 124 -52.50 17.71 -16.56
CA LEU L 124 -52.77 17.16 -17.88
C LEU L 124 -51.48 16.94 -18.65
N GLU L 125 -50.53 17.87 -18.54
CA GLU L 125 -49.24 17.69 -19.20
C GLU L 125 -48.55 16.44 -18.70
N SER L 126 -48.52 16.21 -17.39
N SER L 126 -48.52 16.21 -17.38
CA SER L 126 -47.89 15.01 -16.88
CA SER L 126 -47.88 15.01 -16.86
C SER L 126 -48.62 13.76 -17.35
C SER L 126 -48.62 13.76 -17.35
N GLU L 127 -49.96 13.78 -17.36
CA GLU L 127 -50.69 12.58 -17.78
C GLU L 127 -50.49 12.29 -19.28
N GLU L 128 -50.41 13.33 -20.11
CA GLU L 128 -50.12 13.07 -21.52
C GLU L 128 -48.71 12.52 -21.68
N GLU L 129 -47.74 12.97 -20.87
CA GLU L 129 -46.43 12.31 -20.89
C GLU L 129 -46.54 10.84 -20.54
N HIS L 130 -47.37 10.51 -19.55
CA HIS L 130 -47.58 9.12 -19.19
C HIS L 130 -48.20 8.33 -20.33
N ILE L 131 -49.22 8.89 -20.98
CA ILE L 131 -49.79 8.23 -22.16
C ILE L 131 -48.71 7.99 -23.21
N ASP L 132 -47.89 9.00 -23.49
CA ASP L 132 -46.79 8.81 -24.42
C ASP L 132 -45.95 7.60 -24.03
N TYR L 133 -45.57 7.56 -22.75
CA TYR L 133 -44.77 6.45 -22.27
C TYR L 133 -45.47 5.12 -22.55
N LEU L 134 -46.75 5.03 -22.19
CA LEU L 134 -47.48 3.77 -22.29
C LEU L 134 -47.64 3.35 -23.74
N GLU L 135 -48.08 4.29 -24.60
CA GLU L 135 -48.20 3.99 -26.02
C GLU L 135 -46.87 3.48 -26.58
N THR L 136 -45.77 4.13 -26.20
CA THR L 136 -44.45 3.70 -26.65
C THR L 136 -44.12 2.27 -26.20
N GLN L 137 -44.38 1.95 -24.92
CA GLN L 137 -44.09 0.60 -24.44
C GLN L 137 -44.90 -0.44 -25.22
N LEU L 138 -46.19 -0.20 -25.37
CA LEU L 138 -47.01 -1.13 -26.14
C LEU L 138 -46.47 -1.26 -27.57
N GLY L 139 -46.08 -0.16 -28.19
CA GLY L 139 -45.50 -0.24 -29.52
C GLY L 139 -44.20 -1.03 -29.54
N LEU L 140 -43.37 -0.88 -28.50
CA LEU L 140 -42.11 -1.59 -28.47
C LEU L 140 -42.33 -3.09 -28.35
N ILE L 141 -43.35 -3.51 -27.59
CA ILE L 141 -43.64 -4.93 -27.49
C ILE L 141 -43.88 -5.53 -28.86
N GLN L 142 -44.58 -4.80 -29.72
CA GLN L 142 -44.78 -5.31 -31.08
C GLN L 142 -43.48 -5.31 -31.87
N LYS L 143 -42.65 -4.28 -31.73
CA LYS L 143 -41.47 -4.17 -32.57
C LYS L 143 -40.38 -5.16 -32.20
N VAL L 144 -40.10 -5.32 -30.90
CA VAL L 144 -38.99 -6.17 -30.46
C VAL L 144 -39.46 -7.55 -30.02
N GLY L 145 -40.77 -7.75 -29.83
CA GLY L 145 -41.29 -9.02 -29.35
C GLY L 145 -41.37 -9.04 -27.84
N LEU L 146 -42.33 -9.79 -27.31
CA LEU L 146 -42.60 -9.74 -25.87
C LEU L 146 -41.39 -10.23 -25.07
N GLU L 147 -40.77 -11.32 -25.50
CA GLU L 147 -39.65 -11.90 -24.75
C GLU L 147 -38.49 -10.91 -24.63
N ASN L 148 -38.11 -10.26 -25.74
CA ASN L 148 -37.07 -9.24 -25.69
C ASN L 148 -37.51 -8.04 -24.87
N TYR L 149 -38.77 -7.60 -25.01
CA TYR L 149 -39.19 -6.46 -24.23
C TYR L 149 -39.08 -6.76 -22.74
N LEU L 150 -39.45 -7.96 -22.34
CA LEU L 150 -39.33 -8.28 -20.92
C LEU L 150 -37.88 -8.39 -20.52
N GLN L 151 -37.06 -9.06 -21.34
CA GLN L 151 -35.63 -9.15 -21.09
C GLN L 151 -35.04 -7.77 -20.82
N SER L 152 -35.40 -6.80 -21.64
CA SER L 152 -34.84 -5.45 -21.54
C SER L 152 -35.32 -4.71 -20.29
N HIS L 153 -36.25 -5.28 -19.53
CA HIS L 153 -36.73 -4.63 -18.32
C HIS L 153 -36.45 -5.46 -17.07
N MET L 154 -35.58 -6.47 -17.18
CA MET L 154 -35.18 -7.25 -16.01
C MET L 154 -34.30 -6.42 -15.08
N HIS L 155 -33.26 -5.80 -15.62
CA HIS L 155 -32.28 -5.07 -14.83
C HIS L 155 -32.49 -3.58 -15.01
N GLU L 156 -32.22 -2.83 -13.94
CA GLU L 156 -32.41 -1.37 -13.96
C GLU L 156 -31.38 -0.62 -14.82
#